data_7GAF
# 
_entry.id   7GAF 
# 
_audit_conform.dict_name       mmcif_pdbx.dic 
_audit_conform.dict_version    5.396 
_audit_conform.dict_location   http://mmcif.pdb.org/dictionaries/ascii/mmcif_pdbx.dic 
# 
loop_
_database_2.database_id 
_database_2.database_code 
_database_2.pdbx_database_accession 
_database_2.pdbx_DOI 
PDB   7GAF         pdb_00007gaf 10.2210/pdb7gaf/pdb 
WWPDB D_1001405936 ?            ?                   
# 
_pdbx_audit_revision_history.ordinal             1 
_pdbx_audit_revision_history.data_content_type   'Structure model' 
_pdbx_audit_revision_history.major_revision      1 
_pdbx_audit_revision_history.minor_revision      0 
_pdbx_audit_revision_history.revision_date       2024-09-04 
# 
_pdbx_audit_revision_details.ordinal             1 
_pdbx_audit_revision_details.revision_ordinal    1 
_pdbx_audit_revision_details.data_content_type   'Structure model' 
_pdbx_audit_revision_details.provider            repository 
_pdbx_audit_revision_details.type                'Initial release' 
_pdbx_audit_revision_details.description         ? 
_pdbx_audit_revision_details.details             ? 
# 
_pdbx_database_status.entry_id                        7GAF 
_pdbx_database_status.status_code                     REL 
_pdbx_database_status.status_code_sf                  REL 
_pdbx_database_status.status_code_mr                  ? 
_pdbx_database_status.status_code_cs                  ? 
_pdbx_database_status.recvd_initial_deposition_date   2023-08-10 
_pdbx_database_status.status_code_nmr_data            ? 
_pdbx_database_status.deposit_site                    RCSB 
_pdbx_database_status.process_site                    RCSB 
_pdbx_database_status.SG_entry                        ? 
_pdbx_database_status.pdb_format_compatible           Y 
_pdbx_database_status.methods_development_category    ? 
# 
_pdbx_contact_author.id                 1 
_pdbx_contact_author.email              knapp@pharmchem.uni-frankfurt.de 
_pdbx_contact_author.name_first         Stefan 
_pdbx_contact_author.name_last          Knapp 
_pdbx_contact_author.role               'principal investigator/group leader' 
_pdbx_contact_author.identifier_ORCID   0000-0001-5995-6494 
_pdbx_contact_author.name_mi            ? 
# 
loop_
_audit_author.name 
_audit_author.pdbx_ordinal 
_audit_author.identifier_ORCID 
'Kumar, A.'                            1 ? 
'Marples, P.G.'                        2 ? 
'Tomlinson, C.W.E.'                    3 ? 
'Fearon, D.'                           4 ? 
'von-Delft, F.'                        5 ? 
'Knapp, S.'                            6 ? 
'Structural Genomics Consortium (SGC)' 7 ? 
# 
_citation.id                        primary 
_citation.title                     'PanDDA analysis group deposition' 
_citation.journal_abbrev            'To Be Published' 
_citation.journal_volume            ? 
_citation.page_first                ? 
_citation.page_last                 ? 
_citation.year                      ? 
_citation.journal_id_ASTM           ? 
_citation.country                   ? 
_citation.journal_id_ISSN           ? 
_citation.journal_id_CSD            0353 
_citation.book_publisher            ? 
_citation.pdbx_database_id_PubMed   ? 
_citation.pdbx_database_id_DOI      ? 
# 
loop_
_citation_author.citation_id 
_citation_author.name 
_citation_author.identifier_ORCID 
_citation_author.ordinal 
primary 'Kumar, A.'                            ? 1 
primary 'Knapp, S.'                            ? 2 
primary 'Structural Genomics Consortium (SGC)' ? 3 
# 
loop_
_entity.id 
_entity.type 
_entity.src_method 
_entity.pdbx_description 
_entity.formula_weight 
_entity.pdbx_number_of_molecules 
_entity.pdbx_ec 
_entity.pdbx_mutation 
_entity.pdbx_fragment 
_entity.details 
1 polymer     man 'Microtubule-associated proteins 1A/1B light chain 3B' 14237.361 1  ? TruncationafterGly120 ? ? 
2 non-polymer syn 'N-{[(2R)-oxolan-2-yl]methyl}morpholine-4-carboxamide' 214.262   1  ? ?                     ? ? 
3 non-polymer syn 1,2-ETHANEDIOL                                         62.068    8  ? ?                     ? ? 
4 non-polymer syn 'CHLORIDE ION'                                         35.453    1  ? ?                     ? ? 
5 water       nat water                                                  18.015    91 ? ?                     ? ? 
# 
_entity_name_com.entity_id   1 
_entity_name_com.name        
;Autophagy-related protein LC3 B,Autophagy-related ubiquitin-like modifier LC3 B,MAP1 light chain 3-like protein 2,MAP1A/MAP1B light chain 3 B,MAP1A/MAP1B LC3 B,Microtubule-associated protein 1 light chain 3 beta
;
# 
_entity_poly.entity_id                      1 
_entity_poly.type                           'polypeptide(L)' 
_entity_poly.nstd_linkage                   no 
_entity_poly.nstd_monomer                   no 
_entity_poly.pdbx_seq_one_letter_code       
;SMPSEKTFKQRRTFEQRVEDVRLIREQHPTKIPVIIERYKGEKQLPVLDKTKFLVPDHVNMSELIKIIRRRLQLNANQAF
FLLVNGHSMVSVSTPISEVYESEKDEDGFLYMVYASQETFG
;
_entity_poly.pdbx_seq_one_letter_code_can   
;SMPSEKTFKQRRTFEQRVEDVRLIREQHPTKIPVIIERYKGEKQLPVLDKTKFLVPDHVNMSELIKIIRRRLQLNANQAF
FLLVNGHSMVSVSTPISEVYESEKDEDGFLYMVYASQETFG
;
_entity_poly.pdbx_strand_id                 A 
_entity_poly.pdbx_target_identifier         ? 
# 
loop_
_pdbx_entity_nonpoly.entity_id 
_pdbx_entity_nonpoly.name 
_pdbx_entity_nonpoly.comp_id 
2 'N-{[(2R)-oxolan-2-yl]methyl}morpholine-4-carboxamide' K96 
3 1,2-ETHANEDIOL                                         EDO 
4 'CHLORIDE ION'                                         CL  
5 water                                                  HOH 
# 
loop_
_entity_poly_seq.entity_id 
_entity_poly_seq.num 
_entity_poly_seq.mon_id 
_entity_poly_seq.hetero 
1 1   SER n 
1 2   MET n 
1 3   PRO n 
1 4   SER n 
1 5   GLU n 
1 6   LYS n 
1 7   THR n 
1 8   PHE n 
1 9   LYS n 
1 10  GLN n 
1 11  ARG n 
1 12  ARG n 
1 13  THR n 
1 14  PHE n 
1 15  GLU n 
1 16  GLN n 
1 17  ARG n 
1 18  VAL n 
1 19  GLU n 
1 20  ASP n 
1 21  VAL n 
1 22  ARG n 
1 23  LEU n 
1 24  ILE n 
1 25  ARG n 
1 26  GLU n 
1 27  GLN n 
1 28  HIS n 
1 29  PRO n 
1 30  THR n 
1 31  LYS n 
1 32  ILE n 
1 33  PRO n 
1 34  VAL n 
1 35  ILE n 
1 36  ILE n 
1 37  GLU n 
1 38  ARG n 
1 39  TYR n 
1 40  LYS n 
1 41  GLY n 
1 42  GLU n 
1 43  LYS n 
1 44  GLN n 
1 45  LEU n 
1 46  PRO n 
1 47  VAL n 
1 48  LEU n 
1 49  ASP n 
1 50  LYS n 
1 51  THR n 
1 52  LYS n 
1 53  PHE n 
1 54  LEU n 
1 55  VAL n 
1 56  PRO n 
1 57  ASP n 
1 58  HIS n 
1 59  VAL n 
1 60  ASN n 
1 61  MET n 
1 62  SER n 
1 63  GLU n 
1 64  LEU n 
1 65  ILE n 
1 66  LYS n 
1 67  ILE n 
1 68  ILE n 
1 69  ARG n 
1 70  ARG n 
1 71  ARG n 
1 72  LEU n 
1 73  GLN n 
1 74  LEU n 
1 75  ASN n 
1 76  ALA n 
1 77  ASN n 
1 78  GLN n 
1 79  ALA n 
1 80  PHE n 
1 81  PHE n 
1 82  LEU n 
1 83  LEU n 
1 84  VAL n 
1 85  ASN n 
1 86  GLY n 
1 87  HIS n 
1 88  SER n 
1 89  MET n 
1 90  VAL n 
1 91  SER n 
1 92  VAL n 
1 93  SER n 
1 94  THR n 
1 95  PRO n 
1 96  ILE n 
1 97  SER n 
1 98  GLU n 
1 99  VAL n 
1 100 TYR n 
1 101 GLU n 
1 102 SER n 
1 103 GLU n 
1 104 LYS n 
1 105 ASP n 
1 106 GLU n 
1 107 ASP n 
1 108 GLY n 
1 109 PHE n 
1 110 LEU n 
1 111 TYR n 
1 112 MET n 
1 113 VAL n 
1 114 TYR n 
1 115 ALA n 
1 116 SER n 
1 117 GLN n 
1 118 GLU n 
1 119 THR n 
1 120 PHE n 
1 121 GLY n 
# 
_entity_src_gen.entity_id                          1 
_entity_src_gen.pdbx_src_id                        1 
_entity_src_gen.pdbx_alt_source_flag               sample 
_entity_src_gen.pdbx_seq_type                      'Biological sequence' 
_entity_src_gen.pdbx_beg_seq_num                   1 
_entity_src_gen.pdbx_end_seq_num                   121 
_entity_src_gen.gene_src_common_name               human 
_entity_src_gen.gene_src_genus                     ? 
_entity_src_gen.pdbx_gene_src_gene                 'MAP1LC3B, MAP1ALC3' 
_entity_src_gen.gene_src_species                   ? 
_entity_src_gen.gene_src_strain                    ? 
_entity_src_gen.gene_src_tissue                    ? 
_entity_src_gen.gene_src_tissue_fraction           ? 
_entity_src_gen.gene_src_details                   ? 
_entity_src_gen.pdbx_gene_src_fragment             ? 
_entity_src_gen.pdbx_gene_src_scientific_name      'Homo sapiens' 
_entity_src_gen.pdbx_gene_src_ncbi_taxonomy_id     9606 
_entity_src_gen.pdbx_gene_src_variant              ? 
_entity_src_gen.pdbx_gene_src_cell_line            ? 
_entity_src_gen.pdbx_gene_src_atcc                 ? 
_entity_src_gen.pdbx_gene_src_organ                ? 
_entity_src_gen.pdbx_gene_src_organelle            ? 
_entity_src_gen.pdbx_gene_src_cell                 ? 
_entity_src_gen.pdbx_gene_src_cellular_location    ? 
_entity_src_gen.host_org_common_name               ? 
_entity_src_gen.pdbx_host_org_scientific_name      'Escherichia coli' 
_entity_src_gen.pdbx_host_org_ncbi_taxonomy_id     562 
_entity_src_gen.host_org_genus                     ? 
_entity_src_gen.pdbx_host_org_gene                 ? 
_entity_src_gen.pdbx_host_org_organ                ? 
_entity_src_gen.host_org_species                   ? 
_entity_src_gen.pdbx_host_org_tissue               ? 
_entity_src_gen.pdbx_host_org_tissue_fraction      ? 
_entity_src_gen.pdbx_host_org_strain               ? 
_entity_src_gen.pdbx_host_org_variant              ? 
_entity_src_gen.pdbx_host_org_cell_line            ? 
_entity_src_gen.pdbx_host_org_atcc                 ? 
_entity_src_gen.pdbx_host_org_culture_collection   ? 
_entity_src_gen.pdbx_host_org_cell                 ? 
_entity_src_gen.pdbx_host_org_organelle            ? 
_entity_src_gen.pdbx_host_org_cellular_location    ? 
_entity_src_gen.pdbx_host_org_vector_type          ? 
_entity_src_gen.pdbx_host_org_vector               ? 
_entity_src_gen.host_org_details                   ? 
_entity_src_gen.expression_system_id               ? 
_entity_src_gen.plasmid_name                       ? 
_entity_src_gen.plasmid_details                    ? 
_entity_src_gen.pdbx_description                   ? 
# 
loop_
_chem_comp.id 
_chem_comp.type 
_chem_comp.mon_nstd_flag 
_chem_comp.name 
_chem_comp.pdbx_synonyms 
_chem_comp.formula 
_chem_comp.formula_weight 
ALA 'L-peptide linking' y ALANINE                                                ?                 'C3 H7 N O2'     89.093  
ARG 'L-peptide linking' y ARGININE                                               ?                 'C6 H15 N4 O2 1' 175.209 
ASN 'L-peptide linking' y ASPARAGINE                                             ?                 'C4 H8 N2 O3'    132.118 
ASP 'L-peptide linking' y 'ASPARTIC ACID'                                        ?                 'C4 H7 N O4'     133.103 
CL  non-polymer         . 'CHLORIDE ION'                                         ?                 'Cl -1'          35.453  
EDO non-polymer         . 1,2-ETHANEDIOL                                         'ETHYLENE GLYCOL' 'C2 H6 O2'       62.068  
GLN 'L-peptide linking' y GLUTAMINE                                              ?                 'C5 H10 N2 O3'   146.144 
GLU 'L-peptide linking' y 'GLUTAMIC ACID'                                        ?                 'C5 H9 N O4'     147.129 
GLY 'peptide linking'   y GLYCINE                                                ?                 'C2 H5 N O2'     75.067  
HIS 'L-peptide linking' y HISTIDINE                                              ?                 'C6 H10 N3 O2 1' 156.162 
HOH non-polymer         . WATER                                                  ?                 'H2 O'           18.015  
ILE 'L-peptide linking' y ISOLEUCINE                                             ?                 'C6 H13 N O2'    131.173 
K96 non-polymer         . 'N-{[(2R)-oxolan-2-yl]methyl}morpholine-4-carboxamide' ?                 'C10 H18 N2 O3'  214.262 
LEU 'L-peptide linking' y LEUCINE                                                ?                 'C6 H13 N O2'    131.173 
LYS 'L-peptide linking' y LYSINE                                                 ?                 'C6 H15 N2 O2 1' 147.195 
MET 'L-peptide linking' y METHIONINE                                             ?                 'C5 H11 N O2 S'  149.211 
PHE 'L-peptide linking' y PHENYLALANINE                                          ?                 'C9 H11 N O2'    165.189 
PRO 'L-peptide linking' y PROLINE                                                ?                 'C5 H9 N O2'     115.130 
SER 'L-peptide linking' y SERINE                                                 ?                 'C3 H7 N O3'     105.093 
THR 'L-peptide linking' y THREONINE                                              ?                 'C4 H9 N O3'     119.119 
TYR 'L-peptide linking' y TYROSINE                                               ?                 'C9 H11 N O3'    181.189 
VAL 'L-peptide linking' y VALINE                                                 ?                 'C5 H11 N O2'    117.146 
# 
loop_
_pdbx_poly_seq_scheme.asym_id 
_pdbx_poly_seq_scheme.entity_id 
_pdbx_poly_seq_scheme.seq_id 
_pdbx_poly_seq_scheme.mon_id 
_pdbx_poly_seq_scheme.ndb_seq_num 
_pdbx_poly_seq_scheme.pdb_seq_num 
_pdbx_poly_seq_scheme.auth_seq_num 
_pdbx_poly_seq_scheme.pdb_mon_id 
_pdbx_poly_seq_scheme.auth_mon_id 
_pdbx_poly_seq_scheme.pdb_strand_id 
_pdbx_poly_seq_scheme.pdb_ins_code 
_pdbx_poly_seq_scheme.hetero 
A 1 1   SER 1   0   ?   ?   ?   A . n 
A 1 2   MET 2   1   ?   ?   ?   A . n 
A 1 3   PRO 3   2   ?   ?   ?   A . n 
A 1 4   SER 4   3   ?   ?   ?   A . n 
A 1 5   GLU 5   4   ?   ?   ?   A . n 
A 1 6   LYS 6   5   5   LYS LYS A . n 
A 1 7   THR 7   6   6   THR THR A . n 
A 1 8   PHE 8   7   7   PHE PHE A . n 
A 1 9   LYS 9   8   8   LYS LYS A . n 
A 1 10  GLN 10  9   9   GLN GLN A . n 
A 1 11  ARG 11  10  10  ARG ARG A . n 
A 1 12  ARG 12  11  11  ARG ARG A . n 
A 1 13  THR 13  12  12  THR THR A . n 
A 1 14  PHE 14  13  13  PHE PHE A . n 
A 1 15  GLU 15  14  14  GLU GLU A . n 
A 1 16  GLN 16  15  15  GLN GLN A . n 
A 1 17  ARG 17  16  16  ARG ARG A . n 
A 1 18  VAL 18  17  17  VAL VAL A . n 
A 1 19  GLU 19  18  18  GLU GLU A . n 
A 1 20  ASP 20  19  19  ASP ASP A . n 
A 1 21  VAL 21  20  20  VAL VAL A . n 
A 1 22  ARG 22  21  21  ARG ARG A . n 
A 1 23  LEU 23  22  22  LEU LEU A . n 
A 1 24  ILE 24  23  23  ILE ILE A . n 
A 1 25  ARG 25  24  24  ARG ARG A . n 
A 1 26  GLU 26  25  25  GLU GLU A . n 
A 1 27  GLN 27  26  26  GLN GLN A . n 
A 1 28  HIS 28  27  27  HIS HIS A . n 
A 1 29  PRO 29  28  28  PRO PRO A . n 
A 1 30  THR 30  29  29  THR THR A . n 
A 1 31  LYS 31  30  30  LYS LYS A . n 
A 1 32  ILE 32  31  31  ILE ILE A . n 
A 1 33  PRO 33  32  32  PRO PRO A . n 
A 1 34  VAL 34  33  33  VAL VAL A . n 
A 1 35  ILE 35  34  34  ILE ILE A . n 
A 1 36  ILE 36  35  35  ILE ILE A . n 
A 1 37  GLU 37  36  36  GLU GLU A . n 
A 1 38  ARG 38  37  37  ARG ARG A . n 
A 1 39  TYR 39  38  38  TYR TYR A . n 
A 1 40  LYS 40  39  39  LYS LYS A . n 
A 1 41  GLY 41  40  40  GLY GLY A . n 
A 1 42  GLU 42  41  41  GLU GLU A . n 
A 1 43  LYS 43  42  42  LYS LYS A . n 
A 1 44  GLN 44  43  43  GLN GLN A . n 
A 1 45  LEU 45  44  44  LEU LEU A . n 
A 1 46  PRO 46  45  45  PRO PRO A . n 
A 1 47  VAL 47  46  46  VAL VAL A . n 
A 1 48  LEU 48  47  47  LEU LEU A . n 
A 1 49  ASP 49  48  48  ASP ASP A . n 
A 1 50  LYS 50  49  49  LYS LYS A . n 
A 1 51  THR 51  50  50  THR THR A . n 
A 1 52  LYS 52  51  51  LYS LYS A . n 
A 1 53  PHE 53  52  52  PHE PHE A . n 
A 1 54  LEU 54  53  53  LEU LEU A . n 
A 1 55  VAL 55  54  54  VAL VAL A . n 
A 1 56  PRO 56  55  55  PRO PRO A . n 
A 1 57  ASP 57  56  56  ASP ASP A . n 
A 1 58  HIS 58  57  57  HIS HIS A . n 
A 1 59  VAL 59  58  58  VAL VAL A . n 
A 1 60  ASN 60  59  59  ASN ASN A . n 
A 1 61  MET 61  60  60  MET MET A . n 
A 1 62  SER 62  61  61  SER SER A . n 
A 1 63  GLU 63  62  62  GLU GLU A . n 
A 1 64  LEU 64  63  63  LEU LEU A . n 
A 1 65  ILE 65  64  64  ILE ILE A . n 
A 1 66  LYS 66  65  65  LYS LYS A . n 
A 1 67  ILE 67  66  66  ILE ILE A . n 
A 1 68  ILE 68  67  67  ILE ILE A . n 
A 1 69  ARG 69  68  68  ARG ARG A . n 
A 1 70  ARG 70  69  69  ARG ARG A . n 
A 1 71  ARG 71  70  70  ARG ARG A . n 
A 1 72  LEU 72  71  71  LEU LEU A . n 
A 1 73  GLN 73  72  72  GLN GLN A . n 
A 1 74  LEU 74  73  73  LEU LEU A . n 
A 1 75  ASN 75  74  74  ASN ASN A . n 
A 1 76  ALA 76  75  75  ALA ALA A . n 
A 1 77  ASN 77  76  76  ASN ASN A . n 
A 1 78  GLN 78  77  77  GLN GLN A . n 
A 1 79  ALA 79  78  78  ALA ALA A . n 
A 1 80  PHE 80  79  79  PHE PHE A . n 
A 1 81  PHE 81  80  80  PHE PHE A . n 
A 1 82  LEU 82  81  81  LEU LEU A . n 
A 1 83  LEU 83  82  82  LEU LEU A . n 
A 1 84  VAL 84  83  83  VAL VAL A . n 
A 1 85  ASN 85  84  84  ASN ASN A . n 
A 1 86  GLY 86  85  85  GLY GLY A . n 
A 1 87  HIS 87  86  86  HIS HIS A . n 
A 1 88  SER 88  87  87  SER SER A . n 
A 1 89  MET 89  88  88  MET MET A . n 
A 1 90  VAL 90  89  89  VAL VAL A . n 
A 1 91  SER 91  90  90  SER SER A . n 
A 1 92  VAL 92  91  91  VAL VAL A . n 
A 1 93  SER 93  92  92  SER SER A . n 
A 1 94  THR 94  93  93  THR THR A . n 
A 1 95  PRO 95  94  94  PRO PRO A . n 
A 1 96  ILE 96  95  95  ILE ILE A . n 
A 1 97  SER 97  96  96  SER SER A . n 
A 1 98  GLU 98  97  97  GLU GLU A . n 
A 1 99  VAL 99  98  98  VAL VAL A . n 
A 1 100 TYR 100 99  99  TYR TYR A . n 
A 1 101 GLU 101 100 100 GLU GLU A . n 
A 1 102 SER 102 101 101 SER SER A . n 
A 1 103 GLU 103 102 102 GLU GLU A . n 
A 1 104 LYS 104 103 103 LYS LYS A . n 
A 1 105 ASP 105 104 104 ASP ASP A . n 
A 1 106 GLU 106 105 105 GLU GLU A . n 
A 1 107 ASP 107 106 106 ASP ASP A . n 
A 1 108 GLY 108 107 107 GLY GLY A . n 
A 1 109 PHE 109 108 108 PHE PHE A . n 
A 1 110 LEU 110 109 109 LEU LEU A . n 
A 1 111 TYR 111 110 110 TYR TYR A . n 
A 1 112 MET 112 111 111 MET MET A . n 
A 1 113 VAL 113 112 112 VAL VAL A . n 
A 1 114 TYR 114 113 113 TYR TYR A . n 
A 1 115 ALA 115 114 114 ALA ALA A . n 
A 1 116 SER 116 115 115 SER SER A . n 
A 1 117 GLN 117 116 116 GLN GLN A . n 
A 1 118 GLU 118 117 117 GLU GLU A . n 
A 1 119 THR 119 118 118 THR THR A . n 
A 1 120 PHE 120 119 119 PHE PHE A . n 
A 1 121 GLY 121 120 ?   ?   ?   A . n 
# 
_pdbx_entity_instance_feature.ordinal        1 
_pdbx_entity_instance_feature.comp_id        K96 
_pdbx_entity_instance_feature.asym_id        ? 
_pdbx_entity_instance_feature.seq_num        ? 
_pdbx_entity_instance_feature.auth_comp_id   K96 
_pdbx_entity_instance_feature.auth_asym_id   ? 
_pdbx_entity_instance_feature.auth_seq_num   ? 
_pdbx_entity_instance_feature.feature_type   'SUBJECT OF INVESTIGATION' 
_pdbx_entity_instance_feature.details        ? 
# 
loop_
_pdbx_nonpoly_scheme.asym_id 
_pdbx_nonpoly_scheme.entity_id 
_pdbx_nonpoly_scheme.mon_id 
_pdbx_nonpoly_scheme.ndb_seq_num 
_pdbx_nonpoly_scheme.pdb_seq_num 
_pdbx_nonpoly_scheme.auth_seq_num 
_pdbx_nonpoly_scheme.pdb_mon_id 
_pdbx_nonpoly_scheme.auth_mon_id 
_pdbx_nonpoly_scheme.pdb_strand_id 
_pdbx_nonpoly_scheme.pdb_ins_code 
B 2 K96 1  201 201 K96 LIG A . 
C 3 EDO 1  202 105 EDO EDO A . 
D 3 EDO 1  203 107 EDO EDO A . 
E 3 EDO 1  204 108 EDO EDO A . 
F 3 EDO 1  205 109 EDO EDO A . 
G 3 EDO 1  206 110 EDO EDO A . 
H 3 EDO 1  207 111 EDO EDO A . 
I 3 EDO 1  208 112 EDO EDO A . 
J 3 EDO 1  209 113 EDO EDO A . 
K 4 CL  1  210 114 CL  CL  A . 
L 5 HOH 1  301 56  HOH HOH A . 
L 5 HOH 2  302 62  HOH HOH A . 
L 5 HOH 3  303 43  HOH HOH A . 
L 5 HOH 4  304 40  HOH HOH A . 
L 5 HOH 5  305 59  HOH HOH A . 
L 5 HOH 6  306 21  HOH HOH A . 
L 5 HOH 7  307 82  HOH HOH A . 
L 5 HOH 8  308 64  HOH HOH A . 
L 5 HOH 9  309 19  HOH HOH A . 
L 5 HOH 10 310 33  HOH HOH A . 
L 5 HOH 11 311 10  HOH HOH A . 
L 5 HOH 12 312 48  HOH HOH A . 
L 5 HOH 13 313 27  HOH HOH A . 
L 5 HOH 14 314 4   HOH HOH A . 
L 5 HOH 15 315 42  HOH HOH A . 
L 5 HOH 16 316 41  HOH HOH A . 
L 5 HOH 17 317 93  HOH HOH A . 
L 5 HOH 18 318 18  HOH HOH A . 
L 5 HOH 19 319 47  HOH HOH A . 
L 5 HOH 20 320 91  HOH HOH A . 
L 5 HOH 21 321 66  HOH HOH A . 
L 5 HOH 22 322 55  HOH HOH A . 
L 5 HOH 23 323 25  HOH HOH A . 
L 5 HOH 24 324 34  HOH HOH A . 
L 5 HOH 25 325 20  HOH HOH A . 
L 5 HOH 26 326 17  HOH HOH A . 
L 5 HOH 27 327 2   HOH HOH A . 
L 5 HOH 28 328 8   HOH HOH A . 
L 5 HOH 29 329 1   HOH HOH A . 
L 5 HOH 30 330 49  HOH HOH A . 
L 5 HOH 31 331 51  HOH HOH A . 
L 5 HOH 32 332 16  HOH HOH A . 
L 5 HOH 33 333 57  HOH HOH A . 
L 5 HOH 34 334 9   HOH HOH A . 
L 5 HOH 35 335 13  HOH HOH A . 
L 5 HOH 36 336 12  HOH HOH A . 
L 5 HOH 37 337 52  HOH HOH A . 
L 5 HOH 38 338 45  HOH HOH A . 
L 5 HOH 39 339 74  HOH HOH A . 
L 5 HOH 40 340 84  HOH HOH A . 
L 5 HOH 41 341 53  HOH HOH A . 
L 5 HOH 42 342 35  HOH HOH A . 
L 5 HOH 43 343 86  HOH HOH A . 
L 5 HOH 44 344 71  HOH HOH A . 
L 5 HOH 45 345 44  HOH HOH A . 
L 5 HOH 46 346 23  HOH HOH A . 
L 5 HOH 47 347 75  HOH HOH A . 
L 5 HOH 48 348 32  HOH HOH A . 
L 5 HOH 49 349 11  HOH HOH A . 
L 5 HOH 50 350 83  HOH HOH A . 
L 5 HOH 51 351 14  HOH HOH A . 
L 5 HOH 52 352 31  HOH HOH A . 
L 5 HOH 53 353 15  HOH HOH A . 
L 5 HOH 54 354 7   HOH HOH A . 
L 5 HOH 55 355 89  HOH HOH A . 
L 5 HOH 56 356 3   HOH HOH A . 
L 5 HOH 57 357 63  HOH HOH A . 
L 5 HOH 58 358 24  HOH HOH A . 
L 5 HOH 59 359 73  HOH HOH A . 
L 5 HOH 60 360 54  HOH HOH A . 
L 5 HOH 61 361 5   HOH HOH A . 
L 5 HOH 62 362 46  HOH HOH A . 
L 5 HOH 63 363 69  HOH HOH A . 
L 5 HOH 64 364 77  HOH HOH A . 
L 5 HOH 65 365 92  HOH HOH A . 
L 5 HOH 66 366 68  HOH HOH A . 
L 5 HOH 67 367 6   HOH HOH A . 
L 5 HOH 68 368 61  HOH HOH A . 
L 5 HOH 69 369 30  HOH HOH A . 
L 5 HOH 70 370 36  HOH HOH A . 
L 5 HOH 71 371 87  HOH HOH A . 
L 5 HOH 72 372 60  HOH HOH A . 
L 5 HOH 73 373 72  HOH HOH A . 
L 5 HOH 74 374 79  HOH HOH A . 
L 5 HOH 75 375 67  HOH HOH A . 
L 5 HOH 76 376 80  HOH HOH A . 
L 5 HOH 77 377 37  HOH HOH A . 
L 5 HOH 78 378 94  HOH HOH A . 
L 5 HOH 79 379 76  HOH HOH A . 
L 5 HOH 80 380 90  HOH HOH A . 
L 5 HOH 81 381 28  HOH HOH A . 
L 5 HOH 82 382 85  HOH HOH A . 
L 5 HOH 83 383 81  HOH HOH A . 
L 5 HOH 84 384 26  HOH HOH A . 
L 5 HOH 85 385 78  HOH HOH A . 
L 5 HOH 86 386 70  HOH HOH A . 
L 5 HOH 87 387 50  HOH HOH A . 
L 5 HOH 88 388 29  HOH HOH A . 
L 5 HOH 89 389 39  HOH HOH A . 
L 5 HOH 90 390 88  HOH HOH A . 
L 5 HOH 91 391 65  HOH HOH A . 
# 
loop_
_pdbx_unobs_or_zero_occ_atoms.id 
_pdbx_unobs_or_zero_occ_atoms.PDB_model_num 
_pdbx_unobs_or_zero_occ_atoms.polymer_flag 
_pdbx_unobs_or_zero_occ_atoms.occupancy_flag 
_pdbx_unobs_or_zero_occ_atoms.auth_asym_id 
_pdbx_unobs_or_zero_occ_atoms.auth_comp_id 
_pdbx_unobs_or_zero_occ_atoms.auth_seq_id 
_pdbx_unobs_or_zero_occ_atoms.PDB_ins_code 
_pdbx_unobs_or_zero_occ_atoms.auth_atom_id 
_pdbx_unobs_or_zero_occ_atoms.label_alt_id 
_pdbx_unobs_or_zero_occ_atoms.label_asym_id 
_pdbx_unobs_or_zero_occ_atoms.label_comp_id 
_pdbx_unobs_or_zero_occ_atoms.label_seq_id 
_pdbx_unobs_or_zero_occ_atoms.label_atom_id 
1 1 Y 1 A GLN 116 ? CG  ? A GLN 117 CG  
2 1 Y 1 A GLN 116 ? CD  ? A GLN 117 CD  
3 1 Y 1 A GLN 116 ? OE1 ? A GLN 117 OE1 
4 1 Y 1 A GLN 116 ? NE2 ? A GLN 117 NE2 
5 1 Y 1 A THR 118 ? OG1 ? A THR 119 OG1 
6 1 Y 1 A THR 118 ? CG2 ? A THR 119 CG2 
# 
loop_
_software.pdbx_ordinal 
_software.name 
_software.version 
_software.date 
_software.type 
_software.contact_author 
_software.contact_author_email 
_software.classification 
_software.location 
_software.language 
_software.citation_id 
1 REFMAC      5.8.0267 ?               program 'Garib N. Murshudov' garib@ysbl.york.ac.uk    refinement        
http://www.ccp4.ac.uk/dist/html/refmac5.html        Fortran_77 ? 
2 Aimless     0.7.7    23/04/21        program 'Phil Evans'         ?                        'data scaling'    
http://www.mrc-lmb.cam.ac.uk/harry/pre/aimless.html ?          ? 
3 PDB_EXTRACT 3.23     'SEP. 23, 2016' package PDB                  deposit@deposit.rcsb.org 'data extraction' 
http://sw-tools.pdb.org/apps/PDB_EXTRACT/           C++        ? 
4 XDS         .        ?               program ?                    ?                        'data reduction'  ? ?          ? 
5 REFMAC      .        ?               program ?                    ?                        phasing           ? ?          ? 
# 
_cell.entry_id           7GAF 
_cell.length_a           60.798 
_cell.length_b           60.798 
_cell.length_c           35.378 
_cell.angle_alpha        90.000 
_cell.angle_beta         90.000 
_cell.angle_gamma        90.000 
_cell.Z_PDB              4 
_cell.pdbx_unique_axis   ? 
# 
_symmetry.entry_id                         7GAF 
_symmetry.space_group_name_H-M             'P 43' 
_symmetry.pdbx_full_space_group_name_H-M   ? 
_symmetry.cell_setting                     ? 
_symmetry.Int_Tables_number                78 
# 
_exptl.crystals_number   1 
_exptl.entry_id          7GAF 
_exptl.method            'X-RAY DIFFRACTION' 
# 
_exptl_crystal.id                    1 
_exptl_crystal.pdbx_mosaicity        0.000 
_exptl_crystal.pdbx_mosaicity_esd    ? 
_exptl_crystal.density_Matthews      2.21 
_exptl_crystal.density_diffrn        ? 
_exptl_crystal.density_meas          ? 
_exptl_crystal.density_meas_temp     ? 
_exptl_crystal.density_percent_sol   44.33 
_exptl_crystal.size_max              ? 
_exptl_crystal.size_mid              ? 
_exptl_crystal.size_min              ? 
_exptl_crystal.size_rad              ? 
_exptl_crystal.description           ? 
# 
_exptl_crystal_grow.crystal_id      1 
_exptl_crystal_grow.method          'VAPOR DIFFUSION, SITTING DROP' 
_exptl_crystal_grow.pH              4.7 
_exptl_crystal_grow.temp            293 
_exptl_crystal_grow.pdbx_details    '36% PEG 8000, 0.1M acetate pH 4.7' 
_exptl_crystal_grow.temp_details    ? 
_exptl_crystal_grow.pdbx_pH_range   ? 
# 
_diffrn.id                     1 
_diffrn.ambient_temp           100 
_diffrn.crystal_id             1 
_diffrn.ambient_temp_details   ? 
# 
_diffrn_detector.detector               PIXEL 
_diffrn_detector.type                   'DECTRIS PILATUS 6M' 
_diffrn_detector.pdbx_collection_date   2023-02-08 
_diffrn_detector.diffrn_id              1 
_diffrn_detector.details                ? 
# 
_diffrn_radiation.diffrn_id                        1 
_diffrn_radiation.wavelength_id                    1 
_diffrn_radiation.pdbx_diffrn_protocol             'SINGLE WAVELENGTH' 
_diffrn_radiation.pdbx_monochromatic_or_laue_m_l   ? 
_diffrn_radiation.monochromator                    ? 
_diffrn_radiation.pdbx_scattering_type             x-ray 
# 
_diffrn_radiation_wavelength.id           1 
_diffrn_radiation_wavelength.wavelength   0.92124 
_diffrn_radiation_wavelength.wt           1.0 
# 
_diffrn_source.diffrn_id                   1 
_diffrn_source.source                      SYNCHROTRON 
_diffrn_source.type                        'DIAMOND BEAMLINE I04-1' 
_diffrn_source.pdbx_wavelength_list        0.92124 
_diffrn_source.pdbx_synchrotron_site       Diamond 
_diffrn_source.pdbx_synchrotron_beamline   I04-1 
_diffrn_source.pdbx_wavelength             ? 
# 
_reflns.entry_id                     7GAF 
_reflns.pdbx_diffrn_id               1 
_reflns.pdbx_ordinal                 1 
_reflns.observed_criterion_sigma_I   ? 
_reflns.observed_criterion_sigma_F   ? 
_reflns.d_resolution_low             42.980 
_reflns.d_resolution_high            1.840 
_reflns.number_obs                   11438 
_reflns.number_all                   ? 
_reflns.percent_possible_obs         100.000 
_reflns.pdbx_Rmerge_I_obs            0.088 
_reflns.pdbx_Rsym_value              ? 
_reflns.pdbx_netI_over_sigmaI        13.400 
_reflns.B_iso_Wilson_estimate        ? 
_reflns.pdbx_redundancy              13.700 
_reflns.pdbx_Rrim_I_all              0.091 
_reflns.pdbx_Rpim_I_all              0.025 
_reflns.pdbx_CC_half                 0.999 
_reflns.pdbx_netI_over_av_sigmaI     ? 
_reflns.pdbx_number_measured_all     156378 
_reflns.pdbx_scaling_rejects         0 
_reflns.pdbx_chi_squared             ? 
_reflns.Rmerge_F_all                 ? 
_reflns.Rmerge_F_obs                 ? 
_reflns.observed_criterion_F_max     ? 
_reflns.observed_criterion_F_min     ? 
_reflns.observed_criterion_I_max     ? 
_reflns.observed_criterion_I_min     ? 
_reflns.pdbx_d_res_high_opt          ? 
_reflns.pdbx_d_res_low_opt           ? 
_reflns.details                      ? 
_reflns.pdbx_CC_star                 ? 
# 
loop_
_reflns_shell.pdbx_diffrn_id 
_reflns_shell.pdbx_ordinal 
_reflns_shell.d_res_high 
_reflns_shell.d_res_low 
_reflns_shell.number_measured_obs 
_reflns_shell.number_measured_all 
_reflns_shell.number_unique_obs 
_reflns_shell.pdbx_rejects 
_reflns_shell.Rmerge_I_obs 
_reflns_shell.meanI_over_sigI_obs 
_reflns_shell.pdbx_Rsym_value 
_reflns_shell.pdbx_chi_squared 
_reflns_shell.pdbx_redundancy 
_reflns_shell.percent_possible_obs 
_reflns_shell.pdbx_netI_over_sigmaI_obs 
_reflns_shell.number_possible 
_reflns_shell.number_unique_all 
_reflns_shell.Rmerge_F_all 
_reflns_shell.Rmerge_F_obs 
_reflns_shell.Rmerge_I_all 
_reflns_shell.meanI_over_sigI_all 
_reflns_shell.percent_possible_all 
_reflns_shell.pdbx_Rrim_I_all 
_reflns_shell.pdbx_Rpim_I_all 
_reflns_shell.pdbx_CC_half 
_reflns_shell.pdbx_CC_star 
1 1 1.840 1.880  ? 9812 689 ? 5.554 ? ? ? 14.200 ? 0.300  ? ? ? ? ? ? 99.700 5.761 1.526 0.266 ? 
1 2 9.010 42.980 ? 1167 112 ? 0.037 ? ? ? 10.400 ? 70.700 ? ? ? ? ? ? 99.200 0.039 0.012 0.999 ? 
# 
_refine.entry_id                                 7GAF 
_refine.pdbx_refine_id                           'X-RAY DIFFRACTION' 
_refine.ls_d_res_high                            1.8400 
_refine.ls_d_res_low                             43.0300 
_refine.pdbx_ls_sigma_F                          0.000 
_refine.pdbx_data_cutoff_high_absF               ? 
_refine.pdbx_data_cutoff_low_absF                ? 
_refine.ls_percent_reflns_obs                    98.0600 
_refine.ls_number_reflns_obs                     10740 
_refine.ls_number_reflns_all                     ? 
_refine.pdbx_ls_cross_valid_method               THROUGHOUT 
_refine.ls_matrix_type                           ? 
_refine.pdbx_R_Free_selection_details            RANDOM 
_refine.details                                  
'HYDROGENS HAVE BEEN ADDED IN THE RIDING POSITIONS U VALUES      : REFINED INDIVIDUALLY' 
_refine.ls_R_factor_all                          ? 
_refine.ls_R_factor_obs                          0.1959 
_refine.ls_R_factor_R_work                       0.1938 
_refine.ls_wR_factor_R_work                      ? 
_refine.ls_R_factor_R_free                       0.2454 
_refine.ls_wR_factor_R_free                      ? 
_refine.ls_percent_reflns_R_free                 4.2000 
_refine.ls_number_reflns_R_free                  468 
_refine.ls_number_reflns_R_work                  ? 
_refine.ls_R_factor_R_free_error                 ? 
_refine.B_iso_mean                               53.3170 
_refine.solvent_model_param_bsol                 ? 
_refine.solvent_model_param_ksol                 ? 
_refine.pdbx_isotropic_thermal_model             ? 
_refine.aniso_B[1][1]                            -0.5200 
_refine.aniso_B[2][2]                            -0.5200 
_refine.aniso_B[3][3]                            1.0300 
_refine.aniso_B[1][2]                            0.0000 
_refine.aniso_B[1][3]                            -0.0000 
_refine.aniso_B[2][3]                            -0.0000 
_refine.correlation_coeff_Fo_to_Fc               0.9700 
_refine.correlation_coeff_Fo_to_Fc_free          0.9510 
_refine.overall_SU_R_Cruickshank_DPI             ? 
_refine.pdbx_overall_SU_R_free_Cruickshank_DPI   ? 
_refine.pdbx_overall_SU_R_Blow_DPI               ? 
_refine.pdbx_overall_SU_R_free_Blow_DPI          ? 
_refine.overall_SU_R_free                        ? 
_refine.pdbx_overall_ESU_R                       0.1750 
_refine.pdbx_overall_ESU_R_Free                  0.1600 
_refine.overall_SU_ML                            0.1890 
_refine.overall_SU_B                             7.1350 
_refine.solvent_model_details                    MASK 
_refine.pdbx_solvent_vdw_probe_radii             1.2000 
_refine.pdbx_solvent_ion_probe_radii             0.8000 
_refine.pdbx_solvent_shrinkage_radii             0.8000 
_refine.ls_number_parameters                     ? 
_refine.ls_number_restraints                     ? 
_refine.pdbx_starting_model                      8Q53 
_refine.pdbx_method_to_determine_struct          'FOURIER SYNTHESIS' 
_refine.pdbx_stereochemistry_target_values       'MAXIMUM LIKELIHOOD' 
_refine.pdbx_stereochem_target_val_spec_case     ? 
_refine.overall_FOM_work_R_set                   ? 
_refine.B_iso_max                                145.420 
_refine.B_iso_min                                29.400 
_refine.pdbx_overall_phase_error                 ? 
_refine.occupancy_max                            ? 
_refine.occupancy_min                            ? 
_refine.pdbx_diffrn_id                           1 
_refine.pdbx_TLS_residual_ADP_flag               ? 
_refine.pdbx_ls_sigma_I                          ? 
_refine.pdbx_data_cutoff_high_rms_absF           ? 
_refine.ls_R_factor_R_free_error_details         ? 
# 
_refine_hist.cycle_id                         final 
_refine_hist.pdbx_refine_id                   'X-RAY DIFFRACTION' 
_refine_hist.d_res_high                       1.8400 
_refine_hist.d_res_low                        43.0300 
_refine_hist.pdbx_number_atoms_ligand         48 
_refine_hist.number_atoms_solvent             91 
_refine_hist.number_atoms_total               1093 
_refine_hist.pdbx_number_residues_total       113 
_refine_hist.pdbx_B_iso_mean_ligand           78.74 
_refine_hist.pdbx_B_iso_mean_solvent          64.74 
_refine_hist.pdbx_number_atoms_protein        954 
_refine_hist.pdbx_number_atoms_nucleic_acid   0 
# 
loop_
_refine_ls_restr.pdbx_refine_id 
_refine_ls_restr.type 
_refine_ls_restr.number 
_refine_ls_restr.dev_ideal 
_refine_ls_restr.dev_ideal_target 
_refine_ls_restr.weight 
_refine_ls_restr.pdbx_restraint_function 
'X-RAY DIFFRACTION' r_bond_refined_d       1357 0.009  0.014  ? ? 
'X-RAY DIFFRACTION' r_bond_other_d         1237 0.001  0.014  ? ? 
'X-RAY DIFFRACTION' r_angle_refined_deg    1656 1.591  1.678  ? ? 
'X-RAY DIFFRACTION' r_angle_other_deg      2818 1.218  1.583  ? ? 
'X-RAY DIFFRACTION' r_dihedral_angle_1_deg 156  6.510  5.000  ? ? 
'X-RAY DIFFRACTION' r_dihedral_angle_2_deg 74   27.138 18.919 ? ? 
'X-RAY DIFFRACTION' r_dihedral_angle_3_deg 224  15.543 15.000 ? ? 
'X-RAY DIFFRACTION' r_dihedral_angle_4_deg 15   22.026 15.000 ? ? 
'X-RAY DIFFRACTION' r_chiral_restr         154  0.076  0.200  ? ? 
'X-RAY DIFFRACTION' r_gen_planes_refined   1417 0.008  0.020  ? ? 
'X-RAY DIFFRACTION' r_gen_planes_other     305  0.001  0.020  ? ? 
'X-RAY DIFFRACTION' r_mcbond_it            623  4.601  5.074  ? ? 
'X-RAY DIFFRACTION' r_mcbond_other         619  4.597  5.068  ? ? 
'X-RAY DIFFRACTION' r_mcangle_it           740  6.319  7.599  ? ? 
# 
_refine_ls_shell.d_res_high                       1.8400 
_refine_ls_shell.d_res_low                        1.8880 
_refine_ls_shell.pdbx_total_number_of_bins_used   20 
_refine_ls_shell.percent_reflns_obs               79.5600 
_refine_ls_shell.number_reflns_R_work             609 
_refine_ls_shell.R_factor_all                     ? 
_refine_ls_shell.R_factor_R_work                  0.4430 
_refine_ls_shell.R_factor_R_free                  0.4050 
_refine_ls_shell.percent_reflns_R_free            ? 
_refine_ls_shell.number_reflns_R_free             45 
_refine_ls_shell.R_factor_R_free_error            ? 
_refine_ls_shell.number_reflns_all                654 
_refine_ls_shell.number_reflns_obs                ? 
_refine_ls_shell.pdbx_refine_id                   'X-RAY DIFFRACTION' 
_refine_ls_shell.R_factor_obs                     ? 
# 
_struct.entry_id                  7GAF 
_struct.title                     'PanDDA analysis group deposition -- Crystal Structure of MAP1LC3B in complex with Z183352334' 
_struct.pdbx_model_details        ? 
_struct.pdbx_CASP_flag            ? 
_struct.pdbx_model_type_details   ? 
# 
_struct_keywords.entry_id        7GAF 
_struct_keywords.text            'SGC - Diamond I04-1 fragment screening, PanDDA, XChemExplorer, STRUCTURAL PROTEIN' 
_struct_keywords.pdbx_keywords   'STRUCTURAL PROTEIN' 
# 
loop_
_struct_asym.id 
_struct_asym.pdbx_blank_PDB_chainid_flag 
_struct_asym.pdbx_modified 
_struct_asym.entity_id 
_struct_asym.details 
A N N 1 ? 
B N N 2 ? 
C N N 3 ? 
D N N 3 ? 
E N N 3 ? 
F N N 3 ? 
G N N 3 ? 
H N N 3 ? 
I N N 3 ? 
J N N 3 ? 
K N N 4 ? 
L N N 5 ? 
# 
_struct_ref.id                         1 
_struct_ref.db_name                    UNP 
_struct_ref.db_code                    MLP3B_HUMAN 
_struct_ref.pdbx_db_accession          Q9GZQ8 
_struct_ref.pdbx_db_isoform            ? 
_struct_ref.entity_id                  1 
_struct_ref.pdbx_seq_one_letter_code   
;MPSEKTFKQRRTFEQRVEDVRLIREQHPTKIPVIIERYKGEKQLPVLDKTKFLVPDHVNMSELIKIIRRRLQLNANQAFF
LLVNGHSMVSVSTPISEVYESEKDEDGFLYMVYASQETFG
;
_struct_ref.pdbx_align_begin           1 
# 
_struct_ref_seq.align_id                      1 
_struct_ref_seq.ref_id                        1 
_struct_ref_seq.pdbx_PDB_id_code              7GAF 
_struct_ref_seq.pdbx_strand_id                A 
_struct_ref_seq.seq_align_beg                 2 
_struct_ref_seq.pdbx_seq_align_beg_ins_code   ? 
_struct_ref_seq.seq_align_end                 121 
_struct_ref_seq.pdbx_seq_align_end_ins_code   ? 
_struct_ref_seq.pdbx_db_accession             Q9GZQ8 
_struct_ref_seq.db_align_beg                  1 
_struct_ref_seq.pdbx_db_align_beg_ins_code    ? 
_struct_ref_seq.db_align_end                  120 
_struct_ref_seq.pdbx_db_align_end_ins_code    ? 
_struct_ref_seq.pdbx_auth_seq_align_beg       1 
_struct_ref_seq.pdbx_auth_seq_align_end       120 
# 
_struct_ref_seq_dif.align_id                     1 
_struct_ref_seq_dif.pdbx_pdb_id_code             7GAF 
_struct_ref_seq_dif.mon_id                       SER 
_struct_ref_seq_dif.pdbx_pdb_strand_id           A 
_struct_ref_seq_dif.seq_num                      1 
_struct_ref_seq_dif.pdbx_pdb_ins_code            ? 
_struct_ref_seq_dif.pdbx_seq_db_name             UNP 
_struct_ref_seq_dif.pdbx_seq_db_accession_code   Q9GZQ8 
_struct_ref_seq_dif.db_mon_id                    ? 
_struct_ref_seq_dif.pdbx_seq_db_seq_num          ? 
_struct_ref_seq_dif.details                      'expression tag' 
_struct_ref_seq_dif.pdbx_auth_seq_num            0 
_struct_ref_seq_dif.pdbx_ordinal                 1 
# 
_pdbx_struct_assembly.id                   1 
_pdbx_struct_assembly.details              author_and_software_defined_assembly 
_pdbx_struct_assembly.method_details       PISA 
_pdbx_struct_assembly.oligomeric_details   monomeric 
_pdbx_struct_assembly.oligomeric_count     1 
# 
_pdbx_struct_assembly_gen.assembly_id       1 
_pdbx_struct_assembly_gen.oper_expression   1 
_pdbx_struct_assembly_gen.asym_id_list      A,B,C,D,E,F,G,H,I,J,K,L 
# 
_pdbx_struct_oper_list.id                   1 
_pdbx_struct_oper_list.type                 'identity operation' 
_pdbx_struct_oper_list.name                 1_555 
_pdbx_struct_oper_list.symmetry_operation   x,y,z 
_pdbx_struct_oper_list.matrix[1][1]         1.0000000000 
_pdbx_struct_oper_list.matrix[1][2]         0.0000000000 
_pdbx_struct_oper_list.matrix[1][3]         0.0000000000 
_pdbx_struct_oper_list.vector[1]            0.0000000000 
_pdbx_struct_oper_list.matrix[2][1]         0.0000000000 
_pdbx_struct_oper_list.matrix[2][2]         1.0000000000 
_pdbx_struct_oper_list.matrix[2][3]         0.0000000000 
_pdbx_struct_oper_list.vector[2]            0.0000000000 
_pdbx_struct_oper_list.matrix[3][1]         0.0000000000 
_pdbx_struct_oper_list.matrix[3][2]         0.0000000000 
_pdbx_struct_oper_list.matrix[3][3]         1.0000000000 
_pdbx_struct_oper_list.vector[3]            0.0000000000 
# 
loop_
_struct_conf.conf_type_id 
_struct_conf.id 
_struct_conf.pdbx_PDB_helix_id 
_struct_conf.beg_label_comp_id 
_struct_conf.beg_label_asym_id 
_struct_conf.beg_label_seq_id 
_struct_conf.pdbx_beg_PDB_ins_code 
_struct_conf.end_label_comp_id 
_struct_conf.end_label_asym_id 
_struct_conf.end_label_seq_id 
_struct_conf.pdbx_end_PDB_ins_code 
_struct_conf.beg_auth_comp_id 
_struct_conf.beg_auth_asym_id 
_struct_conf.beg_auth_seq_id 
_struct_conf.end_auth_comp_id 
_struct_conf.end_auth_asym_id 
_struct_conf.end_auth_seq_id 
_struct_conf.pdbx_PDB_helix_class 
_struct_conf.details 
_struct_conf.pdbx_PDB_helix_length 
HELX_P HELX_P1 AA1 THR A 7  ? ARG A 12  ? THR A 6  ARG A 11  1 ? 6  
HELX_P HELX_P2 AA2 THR A 13 ? HIS A 28  ? THR A 12 HIS A 27  1 ? 16 
HELX_P HELX_P3 AA3 ASN A 60 ? LEU A 72  ? ASN A 59 LEU A 71  1 ? 13 
HELX_P HELX_P4 AA4 PRO A 95 ? LYS A 104 ? PRO A 94 LYS A 103 1 ? 10 
# 
_struct_conf_type.id          HELX_P 
_struct_conf_type.criteria    ? 
_struct_conf_type.reference   ? 
# 
_struct_sheet.id               AA1 
_struct_sheet.type             ? 
_struct_sheet.number_strands   5 
_struct_sheet.details          ? 
# 
loop_
_struct_sheet_order.sheet_id 
_struct_sheet_order.range_id_1 
_struct_sheet_order.range_id_2 
_struct_sheet_order.offset 
_struct_sheet_order.sense 
AA1 1 2 ? anti-parallel 
AA1 2 3 ? parallel      
AA1 3 4 ? anti-parallel 
AA1 4 5 ? anti-parallel 
# 
loop_
_struct_sheet_range.sheet_id 
_struct_sheet_range.id 
_struct_sheet_range.beg_label_comp_id 
_struct_sheet_range.beg_label_asym_id 
_struct_sheet_range.beg_label_seq_id 
_struct_sheet_range.pdbx_beg_PDB_ins_code 
_struct_sheet_range.end_label_comp_id 
_struct_sheet_range.end_label_asym_id 
_struct_sheet_range.end_label_seq_id 
_struct_sheet_range.pdbx_end_PDB_ins_code 
_struct_sheet_range.beg_auth_comp_id 
_struct_sheet_range.beg_auth_asym_id 
_struct_sheet_range.beg_auth_seq_id 
_struct_sheet_range.end_auth_comp_id 
_struct_sheet_range.end_auth_asym_id 
_struct_sheet_range.end_auth_seq_id 
AA1 1 LYS A 52  ? PRO A 56  ? LYS A 51  PRO A 55  
AA1 2 LYS A 31  ? ARG A 38  ? LYS A 30  ARG A 37  
AA1 3 LEU A 110 ? ALA A 115 ? LEU A 109 ALA A 114 
AA1 4 PHE A 81  ? VAL A 84  ? PHE A 80  VAL A 83  
AA1 5 HIS A 87  ? SER A 88  ? HIS A 86  SER A 87  
# 
loop_
_pdbx_struct_sheet_hbond.sheet_id 
_pdbx_struct_sheet_hbond.range_id_1 
_pdbx_struct_sheet_hbond.range_id_2 
_pdbx_struct_sheet_hbond.range_1_label_atom_id 
_pdbx_struct_sheet_hbond.range_1_label_comp_id 
_pdbx_struct_sheet_hbond.range_1_label_asym_id 
_pdbx_struct_sheet_hbond.range_1_label_seq_id 
_pdbx_struct_sheet_hbond.range_1_PDB_ins_code 
_pdbx_struct_sheet_hbond.range_1_auth_atom_id 
_pdbx_struct_sheet_hbond.range_1_auth_comp_id 
_pdbx_struct_sheet_hbond.range_1_auth_asym_id 
_pdbx_struct_sheet_hbond.range_1_auth_seq_id 
_pdbx_struct_sheet_hbond.range_2_label_atom_id 
_pdbx_struct_sheet_hbond.range_2_label_comp_id 
_pdbx_struct_sheet_hbond.range_2_label_asym_id 
_pdbx_struct_sheet_hbond.range_2_label_seq_id 
_pdbx_struct_sheet_hbond.range_2_PDB_ins_code 
_pdbx_struct_sheet_hbond.range_2_auth_atom_id 
_pdbx_struct_sheet_hbond.range_2_auth_comp_id 
_pdbx_struct_sheet_hbond.range_2_auth_asym_id 
_pdbx_struct_sheet_hbond.range_2_auth_seq_id 
AA1 1 2 O VAL A 55  ? O VAL A 54  N ILE A 32  ? N ILE A 31  
AA1 2 3 N ILE A 35  ? N ILE A 34  O LEU A 110 ? O LEU A 109 
AA1 3 4 O VAL A 113 ? O VAL A 112 N LEU A 83  ? N LEU A 82  
AA1 4 5 N VAL A 84  ? N VAL A 83  O HIS A 87  ? O HIS A 86  
# 
_pdbx_entry_details.entry_id                   7GAF 
_pdbx_entry_details.compound_details           ? 
_pdbx_entry_details.source_details             ? 
_pdbx_entry_details.nonpolymer_details         ? 
_pdbx_entry_details.sequence_details           ? 
_pdbx_entry_details.has_ligand_of_interest     Y 
_pdbx_entry_details.has_protein_modification   ? 
# 
loop_
_pdbx_validate_close_contact.id 
_pdbx_validate_close_contact.PDB_model_num 
_pdbx_validate_close_contact.auth_atom_id_1 
_pdbx_validate_close_contact.auth_asym_id_1 
_pdbx_validate_close_contact.auth_comp_id_1 
_pdbx_validate_close_contact.auth_seq_id_1 
_pdbx_validate_close_contact.PDB_ins_code_1 
_pdbx_validate_close_contact.label_alt_id_1 
_pdbx_validate_close_contact.auth_atom_id_2 
_pdbx_validate_close_contact.auth_asym_id_2 
_pdbx_validate_close_contact.auth_comp_id_2 
_pdbx_validate_close_contact.auth_seq_id_2 
_pdbx_validate_close_contact.PDB_ins_code_2 
_pdbx_validate_close_contact.label_alt_id_2 
_pdbx_validate_close_contact.dist 
1 1 OG1 A THR 6   ? ? O A HOH 301 ? ? 1.62 
2 1 O   A HOH 369 ? ? O A HOH 370 ? ? 1.72 
3 1 O   A HOH 344 ? ? O A HOH 363 ? ? 1.81 
4 1 O   A HOH 323 ? ? O A HOH 360 ? ? 1.92 
5 1 OE2 A GLU 97  ? ? O A HOH 302 ? ? 2.11 
6 1 O   A HOH 341 ? ? O A HOH 375 ? ? 2.12 
7 1 O   A TYR 38  ? ? O A HOH 303 ? ? 2.15 
8 1 O   A HOH 312 ? ? O A HOH 364 ? ? 2.16 
9 1 O   A HOH 374 ? ? O A HOH 376 ? ? 2.17 
# 
_phasing.method   MR 
# 
loop_
_pdbx_unobs_or_zero_occ_residues.id 
_pdbx_unobs_or_zero_occ_residues.PDB_model_num 
_pdbx_unobs_or_zero_occ_residues.polymer_flag 
_pdbx_unobs_or_zero_occ_residues.occupancy_flag 
_pdbx_unobs_or_zero_occ_residues.auth_asym_id 
_pdbx_unobs_or_zero_occ_residues.auth_comp_id 
_pdbx_unobs_or_zero_occ_residues.auth_seq_id 
_pdbx_unobs_or_zero_occ_residues.PDB_ins_code 
_pdbx_unobs_or_zero_occ_residues.label_asym_id 
_pdbx_unobs_or_zero_occ_residues.label_comp_id 
_pdbx_unobs_or_zero_occ_residues.label_seq_id 
1 1 Y 1 A SER 0   ? A SER 1   
2 1 Y 1 A MET 1   ? A MET 2   
3 1 Y 1 A PRO 2   ? A PRO 3   
4 1 Y 1 A SER 3   ? A SER 4   
5 1 Y 1 A GLU 4   ? A GLU 5   
6 1 Y 1 A GLY 120 ? A GLY 121 
# 
loop_
_chem_comp_atom.comp_id 
_chem_comp_atom.atom_id 
_chem_comp_atom.type_symbol 
_chem_comp_atom.pdbx_aromatic_flag 
_chem_comp_atom.pdbx_stereo_config 
_chem_comp_atom.pdbx_ordinal 
ALA N    N  N N 1   
ALA CA   C  N S 2   
ALA C    C  N N 3   
ALA O    O  N N 4   
ALA CB   C  N N 5   
ALA OXT  O  N N 6   
ALA H    H  N N 7   
ALA H2   H  N N 8   
ALA HA   H  N N 9   
ALA HB1  H  N N 10  
ALA HB2  H  N N 11  
ALA HB3  H  N N 12  
ALA HXT  H  N N 13  
ARG N    N  N N 14  
ARG CA   C  N S 15  
ARG C    C  N N 16  
ARG O    O  N N 17  
ARG CB   C  N N 18  
ARG CG   C  N N 19  
ARG CD   C  N N 20  
ARG NE   N  N N 21  
ARG CZ   C  N N 22  
ARG NH1  N  N N 23  
ARG NH2  N  N N 24  
ARG OXT  O  N N 25  
ARG H    H  N N 26  
ARG H2   H  N N 27  
ARG HA   H  N N 28  
ARG HB2  H  N N 29  
ARG HB3  H  N N 30  
ARG HG2  H  N N 31  
ARG HG3  H  N N 32  
ARG HD2  H  N N 33  
ARG HD3  H  N N 34  
ARG HE   H  N N 35  
ARG HH11 H  N N 36  
ARG HH12 H  N N 37  
ARG HH21 H  N N 38  
ARG HH22 H  N N 39  
ARG HXT  H  N N 40  
ASN N    N  N N 41  
ASN CA   C  N S 42  
ASN C    C  N N 43  
ASN O    O  N N 44  
ASN CB   C  N N 45  
ASN CG   C  N N 46  
ASN OD1  O  N N 47  
ASN ND2  N  N N 48  
ASN OXT  O  N N 49  
ASN H    H  N N 50  
ASN H2   H  N N 51  
ASN HA   H  N N 52  
ASN HB2  H  N N 53  
ASN HB3  H  N N 54  
ASN HD21 H  N N 55  
ASN HD22 H  N N 56  
ASN HXT  H  N N 57  
ASP N    N  N N 58  
ASP CA   C  N S 59  
ASP C    C  N N 60  
ASP O    O  N N 61  
ASP CB   C  N N 62  
ASP CG   C  N N 63  
ASP OD1  O  N N 64  
ASP OD2  O  N N 65  
ASP OXT  O  N N 66  
ASP H    H  N N 67  
ASP H2   H  N N 68  
ASP HA   H  N N 69  
ASP HB2  H  N N 70  
ASP HB3  H  N N 71  
ASP HD2  H  N N 72  
ASP HXT  H  N N 73  
CL  CL   CL N N 74  
EDO C1   C  N N 75  
EDO O1   O  N N 76  
EDO C2   C  N N 77  
EDO O2   O  N N 78  
EDO H11  H  N N 79  
EDO H12  H  N N 80  
EDO HO1  H  N N 81  
EDO H21  H  N N 82  
EDO H22  H  N N 83  
EDO HO2  H  N N 84  
GLN N    N  N N 85  
GLN CA   C  N S 86  
GLN C    C  N N 87  
GLN O    O  N N 88  
GLN CB   C  N N 89  
GLN CG   C  N N 90  
GLN CD   C  N N 91  
GLN OE1  O  N N 92  
GLN NE2  N  N N 93  
GLN OXT  O  N N 94  
GLN H    H  N N 95  
GLN H2   H  N N 96  
GLN HA   H  N N 97  
GLN HB2  H  N N 98  
GLN HB3  H  N N 99  
GLN HG2  H  N N 100 
GLN HG3  H  N N 101 
GLN HE21 H  N N 102 
GLN HE22 H  N N 103 
GLN HXT  H  N N 104 
GLU N    N  N N 105 
GLU CA   C  N S 106 
GLU C    C  N N 107 
GLU O    O  N N 108 
GLU CB   C  N N 109 
GLU CG   C  N N 110 
GLU CD   C  N N 111 
GLU OE1  O  N N 112 
GLU OE2  O  N N 113 
GLU OXT  O  N N 114 
GLU H    H  N N 115 
GLU H2   H  N N 116 
GLU HA   H  N N 117 
GLU HB2  H  N N 118 
GLU HB3  H  N N 119 
GLU HG2  H  N N 120 
GLU HG3  H  N N 121 
GLU HE2  H  N N 122 
GLU HXT  H  N N 123 
GLY N    N  N N 124 
GLY CA   C  N N 125 
GLY C    C  N N 126 
GLY O    O  N N 127 
GLY OXT  O  N N 128 
GLY H    H  N N 129 
GLY H2   H  N N 130 
GLY HA2  H  N N 131 
GLY HA3  H  N N 132 
GLY HXT  H  N N 133 
HIS N    N  N N 134 
HIS CA   C  N S 135 
HIS C    C  N N 136 
HIS O    O  N N 137 
HIS CB   C  N N 138 
HIS CG   C  Y N 139 
HIS ND1  N  Y N 140 
HIS CD2  C  Y N 141 
HIS CE1  C  Y N 142 
HIS NE2  N  Y N 143 
HIS OXT  O  N N 144 
HIS H    H  N N 145 
HIS H2   H  N N 146 
HIS HA   H  N N 147 
HIS HB2  H  N N 148 
HIS HB3  H  N N 149 
HIS HD1  H  N N 150 
HIS HD2  H  N N 151 
HIS HE1  H  N N 152 
HIS HE2  H  N N 153 
HIS HXT  H  N N 154 
HOH O    O  N N 155 
HOH H1   H  N N 156 
HOH H2   H  N N 157 
ILE N    N  N N 158 
ILE CA   C  N S 159 
ILE C    C  N N 160 
ILE O    O  N N 161 
ILE CB   C  N S 162 
ILE CG1  C  N N 163 
ILE CG2  C  N N 164 
ILE CD1  C  N N 165 
ILE OXT  O  N N 166 
ILE H    H  N N 167 
ILE H2   H  N N 168 
ILE HA   H  N N 169 
ILE HB   H  N N 170 
ILE HG12 H  N N 171 
ILE HG13 H  N N 172 
ILE HG21 H  N N 173 
ILE HG22 H  N N 174 
ILE HG23 H  N N 175 
ILE HD11 H  N N 176 
ILE HD12 H  N N 177 
ILE HD13 H  N N 178 
ILE HXT  H  N N 179 
K96 N1   N  N N 180 
K96 C4   C  N N 181 
K96 C5   C  N N 182 
K96 C6   C  N N 183 
K96 C7   C  N N 184 
K96 C8   C  N N 185 
K96 C10  C  N N 186 
K96 C1   C  N N 187 
K96 C2   C  N N 188 
K96 C3   C  N S 189 
K96 C9   C  N N 190 
K96 N2   N  N N 191 
K96 O1   O  N N 192 
K96 O2   O  N N 193 
K96 O3   O  N N 194 
K96 H1   H  N N 195 
K96 H6   H  N N 196 
K96 H5   H  N N 197 
K96 H8   H  N N 198 
K96 H7   H  N N 199 
K96 H10  H  N N 200 
K96 H9   H  N N 201 
K96 H11  H  N N 202 
K96 H12  H  N N 203 
K96 H14  H  N N 204 
K96 H13  H  N N 205 
K96 H18  H  N N 206 
K96 H17  H  N N 207 
K96 H2   H  N N 208 
K96 H3   H  N N 209 
K96 H4   H  N N 210 
K96 H15  H  N N 211 
K96 H16  H  N N 212 
LEU N    N  N N 213 
LEU CA   C  N S 214 
LEU C    C  N N 215 
LEU O    O  N N 216 
LEU CB   C  N N 217 
LEU CG   C  N N 218 
LEU CD1  C  N N 219 
LEU CD2  C  N N 220 
LEU OXT  O  N N 221 
LEU H    H  N N 222 
LEU H2   H  N N 223 
LEU HA   H  N N 224 
LEU HB2  H  N N 225 
LEU HB3  H  N N 226 
LEU HG   H  N N 227 
LEU HD11 H  N N 228 
LEU HD12 H  N N 229 
LEU HD13 H  N N 230 
LEU HD21 H  N N 231 
LEU HD22 H  N N 232 
LEU HD23 H  N N 233 
LEU HXT  H  N N 234 
LYS N    N  N N 235 
LYS CA   C  N S 236 
LYS C    C  N N 237 
LYS O    O  N N 238 
LYS CB   C  N N 239 
LYS CG   C  N N 240 
LYS CD   C  N N 241 
LYS CE   C  N N 242 
LYS NZ   N  N N 243 
LYS OXT  O  N N 244 
LYS H    H  N N 245 
LYS H2   H  N N 246 
LYS HA   H  N N 247 
LYS HB2  H  N N 248 
LYS HB3  H  N N 249 
LYS HG2  H  N N 250 
LYS HG3  H  N N 251 
LYS HD2  H  N N 252 
LYS HD3  H  N N 253 
LYS HE2  H  N N 254 
LYS HE3  H  N N 255 
LYS HZ1  H  N N 256 
LYS HZ2  H  N N 257 
LYS HZ3  H  N N 258 
LYS HXT  H  N N 259 
MET N    N  N N 260 
MET CA   C  N S 261 
MET C    C  N N 262 
MET O    O  N N 263 
MET CB   C  N N 264 
MET CG   C  N N 265 
MET SD   S  N N 266 
MET CE   C  N N 267 
MET OXT  O  N N 268 
MET H    H  N N 269 
MET H2   H  N N 270 
MET HA   H  N N 271 
MET HB2  H  N N 272 
MET HB3  H  N N 273 
MET HG2  H  N N 274 
MET HG3  H  N N 275 
MET HE1  H  N N 276 
MET HE2  H  N N 277 
MET HE3  H  N N 278 
MET HXT  H  N N 279 
PHE N    N  N N 280 
PHE CA   C  N S 281 
PHE C    C  N N 282 
PHE O    O  N N 283 
PHE CB   C  N N 284 
PHE CG   C  Y N 285 
PHE CD1  C  Y N 286 
PHE CD2  C  Y N 287 
PHE CE1  C  Y N 288 
PHE CE2  C  Y N 289 
PHE CZ   C  Y N 290 
PHE OXT  O  N N 291 
PHE H    H  N N 292 
PHE H2   H  N N 293 
PHE HA   H  N N 294 
PHE HB2  H  N N 295 
PHE HB3  H  N N 296 
PHE HD1  H  N N 297 
PHE HD2  H  N N 298 
PHE HE1  H  N N 299 
PHE HE2  H  N N 300 
PHE HZ   H  N N 301 
PHE HXT  H  N N 302 
PRO N    N  N N 303 
PRO CA   C  N S 304 
PRO C    C  N N 305 
PRO O    O  N N 306 
PRO CB   C  N N 307 
PRO CG   C  N N 308 
PRO CD   C  N N 309 
PRO OXT  O  N N 310 
PRO H    H  N N 311 
PRO HA   H  N N 312 
PRO HB2  H  N N 313 
PRO HB3  H  N N 314 
PRO HG2  H  N N 315 
PRO HG3  H  N N 316 
PRO HD2  H  N N 317 
PRO HD3  H  N N 318 
PRO HXT  H  N N 319 
SER N    N  N N 320 
SER CA   C  N S 321 
SER C    C  N N 322 
SER O    O  N N 323 
SER CB   C  N N 324 
SER OG   O  N N 325 
SER OXT  O  N N 326 
SER H    H  N N 327 
SER H2   H  N N 328 
SER HA   H  N N 329 
SER HB2  H  N N 330 
SER HB3  H  N N 331 
SER HG   H  N N 332 
SER HXT  H  N N 333 
THR N    N  N N 334 
THR CA   C  N S 335 
THR C    C  N N 336 
THR O    O  N N 337 
THR CB   C  N R 338 
THR OG1  O  N N 339 
THR CG2  C  N N 340 
THR OXT  O  N N 341 
THR H    H  N N 342 
THR H2   H  N N 343 
THR HA   H  N N 344 
THR HB   H  N N 345 
THR HG1  H  N N 346 
THR HG21 H  N N 347 
THR HG22 H  N N 348 
THR HG23 H  N N 349 
THR HXT  H  N N 350 
TYR N    N  N N 351 
TYR CA   C  N S 352 
TYR C    C  N N 353 
TYR O    O  N N 354 
TYR CB   C  N N 355 
TYR CG   C  Y N 356 
TYR CD1  C  Y N 357 
TYR CD2  C  Y N 358 
TYR CE1  C  Y N 359 
TYR CE2  C  Y N 360 
TYR CZ   C  Y N 361 
TYR OH   O  N N 362 
TYR OXT  O  N N 363 
TYR H    H  N N 364 
TYR H2   H  N N 365 
TYR HA   H  N N 366 
TYR HB2  H  N N 367 
TYR HB3  H  N N 368 
TYR HD1  H  N N 369 
TYR HD2  H  N N 370 
TYR HE1  H  N N 371 
TYR HE2  H  N N 372 
TYR HH   H  N N 373 
TYR HXT  H  N N 374 
VAL N    N  N N 375 
VAL CA   C  N S 376 
VAL C    C  N N 377 
VAL O    O  N N 378 
VAL CB   C  N N 379 
VAL CG1  C  N N 380 
VAL CG2  C  N N 381 
VAL OXT  O  N N 382 
VAL H    H  N N 383 
VAL H2   H  N N 384 
VAL HA   H  N N 385 
VAL HB   H  N N 386 
VAL HG11 H  N N 387 
VAL HG12 H  N N 388 
VAL HG13 H  N N 389 
VAL HG21 H  N N 390 
VAL HG22 H  N N 391 
VAL HG23 H  N N 392 
VAL HXT  H  N N 393 
# 
loop_
_chem_comp_bond.comp_id 
_chem_comp_bond.atom_id_1 
_chem_comp_bond.atom_id_2 
_chem_comp_bond.value_order 
_chem_comp_bond.pdbx_aromatic_flag 
_chem_comp_bond.pdbx_stereo_config 
_chem_comp_bond.pdbx_ordinal 
ALA N   CA   sing N N 1   
ALA N   H    sing N N 2   
ALA N   H2   sing N N 3   
ALA CA  C    sing N N 4   
ALA CA  CB   sing N N 5   
ALA CA  HA   sing N N 6   
ALA C   O    doub N N 7   
ALA C   OXT  sing N N 8   
ALA CB  HB1  sing N N 9   
ALA CB  HB2  sing N N 10  
ALA CB  HB3  sing N N 11  
ALA OXT HXT  sing N N 12  
ARG N   CA   sing N N 13  
ARG N   H    sing N N 14  
ARG N   H2   sing N N 15  
ARG CA  C    sing N N 16  
ARG CA  CB   sing N N 17  
ARG CA  HA   sing N N 18  
ARG C   O    doub N N 19  
ARG C   OXT  sing N N 20  
ARG CB  CG   sing N N 21  
ARG CB  HB2  sing N N 22  
ARG CB  HB3  sing N N 23  
ARG CG  CD   sing N N 24  
ARG CG  HG2  sing N N 25  
ARG CG  HG3  sing N N 26  
ARG CD  NE   sing N N 27  
ARG CD  HD2  sing N N 28  
ARG CD  HD3  sing N N 29  
ARG NE  CZ   sing N N 30  
ARG NE  HE   sing N N 31  
ARG CZ  NH1  sing N N 32  
ARG CZ  NH2  doub N N 33  
ARG NH1 HH11 sing N N 34  
ARG NH1 HH12 sing N N 35  
ARG NH2 HH21 sing N N 36  
ARG NH2 HH22 sing N N 37  
ARG OXT HXT  sing N N 38  
ASN N   CA   sing N N 39  
ASN N   H    sing N N 40  
ASN N   H2   sing N N 41  
ASN CA  C    sing N N 42  
ASN CA  CB   sing N N 43  
ASN CA  HA   sing N N 44  
ASN C   O    doub N N 45  
ASN C   OXT  sing N N 46  
ASN CB  CG   sing N N 47  
ASN CB  HB2  sing N N 48  
ASN CB  HB3  sing N N 49  
ASN CG  OD1  doub N N 50  
ASN CG  ND2  sing N N 51  
ASN ND2 HD21 sing N N 52  
ASN ND2 HD22 sing N N 53  
ASN OXT HXT  sing N N 54  
ASP N   CA   sing N N 55  
ASP N   H    sing N N 56  
ASP N   H2   sing N N 57  
ASP CA  C    sing N N 58  
ASP CA  CB   sing N N 59  
ASP CA  HA   sing N N 60  
ASP C   O    doub N N 61  
ASP C   OXT  sing N N 62  
ASP CB  CG   sing N N 63  
ASP CB  HB2  sing N N 64  
ASP CB  HB3  sing N N 65  
ASP CG  OD1  doub N N 66  
ASP CG  OD2  sing N N 67  
ASP OD2 HD2  sing N N 68  
ASP OXT HXT  sing N N 69  
EDO C1  O1   sing N N 70  
EDO C1  C2   sing N N 71  
EDO C1  H11  sing N N 72  
EDO C1  H12  sing N N 73  
EDO O1  HO1  sing N N 74  
EDO C2  O2   sing N N 75  
EDO C2  H21  sing N N 76  
EDO C2  H22  sing N N 77  
EDO O2  HO2  sing N N 78  
GLN N   CA   sing N N 79  
GLN N   H    sing N N 80  
GLN N   H2   sing N N 81  
GLN CA  C    sing N N 82  
GLN CA  CB   sing N N 83  
GLN CA  HA   sing N N 84  
GLN C   O    doub N N 85  
GLN C   OXT  sing N N 86  
GLN CB  CG   sing N N 87  
GLN CB  HB2  sing N N 88  
GLN CB  HB3  sing N N 89  
GLN CG  CD   sing N N 90  
GLN CG  HG2  sing N N 91  
GLN CG  HG3  sing N N 92  
GLN CD  OE1  doub N N 93  
GLN CD  NE2  sing N N 94  
GLN NE2 HE21 sing N N 95  
GLN NE2 HE22 sing N N 96  
GLN OXT HXT  sing N N 97  
GLU N   CA   sing N N 98  
GLU N   H    sing N N 99  
GLU N   H2   sing N N 100 
GLU CA  C    sing N N 101 
GLU CA  CB   sing N N 102 
GLU CA  HA   sing N N 103 
GLU C   O    doub N N 104 
GLU C   OXT  sing N N 105 
GLU CB  CG   sing N N 106 
GLU CB  HB2  sing N N 107 
GLU CB  HB3  sing N N 108 
GLU CG  CD   sing N N 109 
GLU CG  HG2  sing N N 110 
GLU CG  HG3  sing N N 111 
GLU CD  OE1  doub N N 112 
GLU CD  OE2  sing N N 113 
GLU OE2 HE2  sing N N 114 
GLU OXT HXT  sing N N 115 
GLY N   CA   sing N N 116 
GLY N   H    sing N N 117 
GLY N   H2   sing N N 118 
GLY CA  C    sing N N 119 
GLY CA  HA2  sing N N 120 
GLY CA  HA3  sing N N 121 
GLY C   O    doub N N 122 
GLY C   OXT  sing N N 123 
GLY OXT HXT  sing N N 124 
HIS N   CA   sing N N 125 
HIS N   H    sing N N 126 
HIS N   H2   sing N N 127 
HIS CA  C    sing N N 128 
HIS CA  CB   sing N N 129 
HIS CA  HA   sing N N 130 
HIS C   O    doub N N 131 
HIS C   OXT  sing N N 132 
HIS CB  CG   sing N N 133 
HIS CB  HB2  sing N N 134 
HIS CB  HB3  sing N N 135 
HIS CG  ND1  sing Y N 136 
HIS CG  CD2  doub Y N 137 
HIS ND1 CE1  doub Y N 138 
HIS ND1 HD1  sing N N 139 
HIS CD2 NE2  sing Y N 140 
HIS CD2 HD2  sing N N 141 
HIS CE1 NE2  sing Y N 142 
HIS CE1 HE1  sing N N 143 
HIS NE2 HE2  sing N N 144 
HIS OXT HXT  sing N N 145 
HOH O   H1   sing N N 146 
HOH O   H2   sing N N 147 
ILE N   CA   sing N N 148 
ILE N   H    sing N N 149 
ILE N   H2   sing N N 150 
ILE CA  C    sing N N 151 
ILE CA  CB   sing N N 152 
ILE CA  HA   sing N N 153 
ILE C   O    doub N N 154 
ILE C   OXT  sing N N 155 
ILE CB  CG1  sing N N 156 
ILE CB  CG2  sing N N 157 
ILE CB  HB   sing N N 158 
ILE CG1 CD1  sing N N 159 
ILE CG1 HG12 sing N N 160 
ILE CG1 HG13 sing N N 161 
ILE CG2 HG21 sing N N 162 
ILE CG2 HG22 sing N N 163 
ILE CG2 HG23 sing N N 164 
ILE CD1 HD11 sing N N 165 
ILE CD1 HD12 sing N N 166 
ILE CD1 HD13 sing N N 167 
ILE OXT HXT  sing N N 168 
K96 O1  C1   doub N N 169 
K96 C1  N1   sing N N 170 
K96 N1  C2   sing N N 171 
K96 C2  C3   sing N N 172 
K96 C3  C4   sing N N 173 
K96 C4  C5   sing N N 174 
K96 C5  C6   sing N N 175 
K96 C6  O2   sing N N 176 
K96 C1  N2   sing N N 177 
K96 N2  C7   sing N N 178 
K96 C7  C8   sing N N 179 
K96 C8  O3   sing N N 180 
K96 O3  C9   sing N N 181 
K96 C9  C10  sing N N 182 
K96 C3  O2   sing N N 183 
K96 N2  C10  sing N N 184 
K96 N1  H1   sing N N 185 
K96 C4  H6   sing N N 186 
K96 C4  H5   sing N N 187 
K96 C5  H8   sing N N 188 
K96 C5  H7   sing N N 189 
K96 C6  H10  sing N N 190 
K96 C6  H9   sing N N 191 
K96 C7  H11  sing N N 192 
K96 C7  H12  sing N N 193 
K96 C8  H14  sing N N 194 
K96 C8  H13  sing N N 195 
K96 C10 H18  sing N N 196 
K96 C10 H17  sing N N 197 
K96 C2  H2   sing N N 198 
K96 C2  H3   sing N N 199 
K96 C3  H4   sing N N 200 
K96 C9  H15  sing N N 201 
K96 C9  H16  sing N N 202 
LEU N   CA   sing N N 203 
LEU N   H    sing N N 204 
LEU N   H2   sing N N 205 
LEU CA  C    sing N N 206 
LEU CA  CB   sing N N 207 
LEU CA  HA   sing N N 208 
LEU C   O    doub N N 209 
LEU C   OXT  sing N N 210 
LEU CB  CG   sing N N 211 
LEU CB  HB2  sing N N 212 
LEU CB  HB3  sing N N 213 
LEU CG  CD1  sing N N 214 
LEU CG  CD2  sing N N 215 
LEU CG  HG   sing N N 216 
LEU CD1 HD11 sing N N 217 
LEU CD1 HD12 sing N N 218 
LEU CD1 HD13 sing N N 219 
LEU CD2 HD21 sing N N 220 
LEU CD2 HD22 sing N N 221 
LEU CD2 HD23 sing N N 222 
LEU OXT HXT  sing N N 223 
LYS N   CA   sing N N 224 
LYS N   H    sing N N 225 
LYS N   H2   sing N N 226 
LYS CA  C    sing N N 227 
LYS CA  CB   sing N N 228 
LYS CA  HA   sing N N 229 
LYS C   O    doub N N 230 
LYS C   OXT  sing N N 231 
LYS CB  CG   sing N N 232 
LYS CB  HB2  sing N N 233 
LYS CB  HB3  sing N N 234 
LYS CG  CD   sing N N 235 
LYS CG  HG2  sing N N 236 
LYS CG  HG3  sing N N 237 
LYS CD  CE   sing N N 238 
LYS CD  HD2  sing N N 239 
LYS CD  HD3  sing N N 240 
LYS CE  NZ   sing N N 241 
LYS CE  HE2  sing N N 242 
LYS CE  HE3  sing N N 243 
LYS NZ  HZ1  sing N N 244 
LYS NZ  HZ2  sing N N 245 
LYS NZ  HZ3  sing N N 246 
LYS OXT HXT  sing N N 247 
MET N   CA   sing N N 248 
MET N   H    sing N N 249 
MET N   H2   sing N N 250 
MET CA  C    sing N N 251 
MET CA  CB   sing N N 252 
MET CA  HA   sing N N 253 
MET C   O    doub N N 254 
MET C   OXT  sing N N 255 
MET CB  CG   sing N N 256 
MET CB  HB2  sing N N 257 
MET CB  HB3  sing N N 258 
MET CG  SD   sing N N 259 
MET CG  HG2  sing N N 260 
MET CG  HG3  sing N N 261 
MET SD  CE   sing N N 262 
MET CE  HE1  sing N N 263 
MET CE  HE2  sing N N 264 
MET CE  HE3  sing N N 265 
MET OXT HXT  sing N N 266 
PHE N   CA   sing N N 267 
PHE N   H    sing N N 268 
PHE N   H2   sing N N 269 
PHE CA  C    sing N N 270 
PHE CA  CB   sing N N 271 
PHE CA  HA   sing N N 272 
PHE C   O    doub N N 273 
PHE C   OXT  sing N N 274 
PHE CB  CG   sing N N 275 
PHE CB  HB2  sing N N 276 
PHE CB  HB3  sing N N 277 
PHE CG  CD1  doub Y N 278 
PHE CG  CD2  sing Y N 279 
PHE CD1 CE1  sing Y N 280 
PHE CD1 HD1  sing N N 281 
PHE CD2 CE2  doub Y N 282 
PHE CD2 HD2  sing N N 283 
PHE CE1 CZ   doub Y N 284 
PHE CE1 HE1  sing N N 285 
PHE CE2 CZ   sing Y N 286 
PHE CE2 HE2  sing N N 287 
PHE CZ  HZ   sing N N 288 
PHE OXT HXT  sing N N 289 
PRO N   CA   sing N N 290 
PRO N   CD   sing N N 291 
PRO N   H    sing N N 292 
PRO CA  C    sing N N 293 
PRO CA  CB   sing N N 294 
PRO CA  HA   sing N N 295 
PRO C   O    doub N N 296 
PRO C   OXT  sing N N 297 
PRO CB  CG   sing N N 298 
PRO CB  HB2  sing N N 299 
PRO CB  HB3  sing N N 300 
PRO CG  CD   sing N N 301 
PRO CG  HG2  sing N N 302 
PRO CG  HG3  sing N N 303 
PRO CD  HD2  sing N N 304 
PRO CD  HD3  sing N N 305 
PRO OXT HXT  sing N N 306 
SER N   CA   sing N N 307 
SER N   H    sing N N 308 
SER N   H2   sing N N 309 
SER CA  C    sing N N 310 
SER CA  CB   sing N N 311 
SER CA  HA   sing N N 312 
SER C   O    doub N N 313 
SER C   OXT  sing N N 314 
SER CB  OG   sing N N 315 
SER CB  HB2  sing N N 316 
SER CB  HB3  sing N N 317 
SER OG  HG   sing N N 318 
SER OXT HXT  sing N N 319 
THR N   CA   sing N N 320 
THR N   H    sing N N 321 
THR N   H2   sing N N 322 
THR CA  C    sing N N 323 
THR CA  CB   sing N N 324 
THR CA  HA   sing N N 325 
THR C   O    doub N N 326 
THR C   OXT  sing N N 327 
THR CB  OG1  sing N N 328 
THR CB  CG2  sing N N 329 
THR CB  HB   sing N N 330 
THR OG1 HG1  sing N N 331 
THR CG2 HG21 sing N N 332 
THR CG2 HG22 sing N N 333 
THR CG2 HG23 sing N N 334 
THR OXT HXT  sing N N 335 
TYR N   CA   sing N N 336 
TYR N   H    sing N N 337 
TYR N   H2   sing N N 338 
TYR CA  C    sing N N 339 
TYR CA  CB   sing N N 340 
TYR CA  HA   sing N N 341 
TYR C   O    doub N N 342 
TYR C   OXT  sing N N 343 
TYR CB  CG   sing N N 344 
TYR CB  HB2  sing N N 345 
TYR CB  HB3  sing N N 346 
TYR CG  CD1  doub Y N 347 
TYR CG  CD2  sing Y N 348 
TYR CD1 CE1  sing Y N 349 
TYR CD1 HD1  sing N N 350 
TYR CD2 CE2  doub Y N 351 
TYR CD2 HD2  sing N N 352 
TYR CE1 CZ   doub Y N 353 
TYR CE1 HE1  sing N N 354 
TYR CE2 CZ   sing Y N 355 
TYR CE2 HE2  sing N N 356 
TYR CZ  OH   sing N N 357 
TYR OH  HH   sing N N 358 
TYR OXT HXT  sing N N 359 
VAL N   CA   sing N N 360 
VAL N   H    sing N N 361 
VAL N   H2   sing N N 362 
VAL CA  C    sing N N 363 
VAL CA  CB   sing N N 364 
VAL CA  HA   sing N N 365 
VAL C   O    doub N N 366 
VAL C   OXT  sing N N 367 
VAL CB  CG1  sing N N 368 
VAL CB  CG2  sing N N 369 
VAL CB  HB   sing N N 370 
VAL CG1 HG11 sing N N 371 
VAL CG1 HG12 sing N N 372 
VAL CG1 HG13 sing N N 373 
VAL CG2 HG21 sing N N 374 
VAL CG2 HG22 sing N N 375 
VAL CG2 HG23 sing N N 376 
VAL OXT HXT  sing N N 377 
# 
_pdbx_audit_support.ordinal                1 
_pdbx_audit_support.funding_organization   'European Union (EU)' 
_pdbx_audit_support.grant_number           875510 
_pdbx_audit_support.country                'European Union' 
# 
_pdbx_deposit_group.group_id            G_1002273 
_pdbx_deposit_group.group_description   
;MAP1LC3B screened against the DSi-poised Fragment Library by X-ray Crystallography at the XChem facility of Diamond Light Source beamline I04-1
;
_pdbx_deposit_group.group_title         'PanDDA analysis group deposition' 
_pdbx_deposit_group.group_type          'changed state' 
# 
_atom_sites.entry_id                    7GAF 
_atom_sites.fract_transf_matrix[1][1]   0.01027755 
_atom_sites.fract_transf_matrix[1][2]   0.01275764 
_atom_sites.fract_transf_matrix[1][3]   0.00146678 
_atom_sites.fract_transf_matrix[2][1]   0.00279377 
_atom_sites.fract_transf_matrix[2][2]   -0.00405499 
_atom_sites.fract_transf_matrix[2][3]   0.01569358 
_atom_sites.fract_transf_matrix[3][1]   0.02153993 
_atom_sites.fract_transf_matrix[3][2]   -0.01642379 
_atom_sites.fract_transf_matrix[3][3]   -0.00807820 
_atom_sites.fract_transf_vector[1]      0.185749 
_atom_sites.fract_transf_vector[2]      -0.379690 
_atom_sites.fract_transf_vector[3]      0.022202 
# 
loop_
_atom_type.symbol 
C  
CL 
N  
O  
S  
# 
loop_
_atom_site.group_PDB 
_atom_site.id 
_atom_site.type_symbol 
_atom_site.label_atom_id 
_atom_site.label_alt_id 
_atom_site.label_comp_id 
_atom_site.label_asym_id 
_atom_site.label_entity_id 
_atom_site.label_seq_id 
_atom_site.pdbx_PDB_ins_code 
_atom_site.Cartn_x 
_atom_site.Cartn_y 
_atom_site.Cartn_z 
_atom_site.occupancy 
_atom_site.B_iso_or_equiv 
_atom_site.pdbx_formal_charge 
_atom_site.auth_seq_id 
_atom_site.auth_comp_id 
_atom_site.auth_asym_id 
_atom_site.auth_atom_id 
_atom_site.pdbx_PDB_model_num 
ATOM   1    N  N   . LYS A 1 6   ? -13.583 -3.190  9.897   1.00 93.16  ? 5   LYS A N   1 
ATOM   2    C  CA  . LYS A 1 6   ? -12.158 -3.284  10.331  1.00 96.99  ? 5   LYS A CA  1 
ATOM   3    C  C   . LYS A 1 6   ? -11.216 -2.872  9.185   1.00 89.86  ? 5   LYS A C   1 
ATOM   4    O  O   . LYS A 1 6   ? -10.376 -1.992  9.432   1.00 90.01  ? 5   LYS A O   1 
ATOM   5    C  CB  . LYS A 1 6   ? -11.840 -4.699  10.820  1.00 96.05  ? 5   LYS A CB  1 
ATOM   6    C  CG  . LYS A 1 6   ? -11.794 -4.852  12.329  1.00 95.16  ? 5   LYS A CG  1 
ATOM   7    C  CD  . LYS A 1 6   ? -10.684 -4.053  12.970  1.00 98.34  ? 5   LYS A CD  1 
ATOM   8    C  CE  . LYS A 1 6   ? -10.035 -4.797  14.114  1.00 103.71 ? 5   LYS A CE  1 
ATOM   9    N  NZ  . LYS A 1 6   ? -11.048 -5.414  15.007  1.00 103.55 ? 5   LYS A NZ  1 
ATOM   10   N  N   . THR A 1 7   ? -11.336 -3.488  7.997   1.00 83.50  ? 6   THR A N   1 
ATOM   11   C  CA  . THR A 1 7   ? -10.512 -3.178  6.787   1.00 76.06  ? 6   THR A CA  1 
ATOM   12   C  C   . THR A 1 7   ? -11.090 -1.948  6.090   1.00 72.51  ? 6   THR A C   1 
ATOM   13   O  O   . THR A 1 7   ? -12.295 -1.662  6.301   1.00 64.41  ? 6   THR A O   1 
ATOM   14   C  CB  . THR A 1 7   ? -10.435 -4.304  5.740   1.00 80.16  ? 6   THR A CB  1 
ATOM   15   O  OG1 . THR A 1 7   ? -11.664 -4.325  5.008   1.00 66.03  ? 6   THR A OG1 1 
ATOM   16   C  CG2 . THR A 1 7   ? -10.130 -5.676  6.312   1.00 81.38  ? 6   THR A CG2 1 
ATOM   17   N  N   . PHE A 1 8   ? -10.269 -1.281  5.267   1.00 60.52  ? 7   PHE A N   1 
ATOM   18   C  CA  . PHE A 1 8   ? -10.612 -0.019  4.558   1.00 58.70  ? 7   PHE A CA  1 
ATOM   19   C  C   . PHE A 1 8   ? -11.894 -0.187  3.732   1.00 55.59  ? 7   PHE A C   1 
ATOM   20   O  O   . PHE A 1 8   ? -12.803 0.699   3.782   1.00 57.45  ? 7   PHE A O   1 
ATOM   21   C  CB  . PHE A 1 8   ? -9.460  0.445   3.654   1.00 53.64  ? 7   PHE A CB  1 
ATOM   22   C  CG  . PHE A 1 8   ? -9.668  1.817   3.068   1.00 50.93  ? 7   PHE A CG  1 
ATOM   23   C  CD1 . PHE A 1 8   ? -9.630  2.946   3.875   1.00 51.15  ? 7   PHE A CD1 1 
ATOM   24   C  CD2 . PHE A 1 8   ? -9.943  1.982   1.722   1.00 46.88  ? 7   PHE A CD2 1 
ATOM   25   C  CE1 . PHE A 1 8   ? -9.811  4.210   3.337   1.00 55.22  ? 7   PHE A CE1 1 
ATOM   26   C  CE2 . PHE A 1 8   ? -10.137 3.245   1.188   1.00 52.26  ? 7   PHE A CE2 1 
ATOM   27   C  CZ  . PHE A 1 8   ? -10.071 4.361   1.995   1.00 49.48  ? 7   PHE A CZ  1 
ATOM   28   N  N   . LYS A 1 9   ? -11.971 -1.259  2.938   1.00 58.22  ? 8   LYS A N   1 
ATOM   29   C  CA  . LYS A 1 9   ? -13.086 -1.430  1.967   1.00 55.37  ? 8   LYS A CA  1 
ATOM   30   C  C   . LYS A 1 9   ? -14.408 -1.615  2.734   1.00 61.33  ? 8   LYS A C   1 
ATOM   31   O  O   . LYS A 1 9   ? -15.471 -1.202  2.203   1.00 61.06  ? 8   LYS A O   1 
ATOM   32   C  CB  . LYS A 1 9   ? -12.829 -2.604  1.017   1.00 58.25  ? 8   LYS A CB  1 
ATOM   33   C  CG  . LYS A 1 9   ? -11.886 -2.325  -0.148  1.00 56.83  ? 8   LYS A CG  1 
ATOM   34   C  CD  . LYS A 1 9   ? -11.999 -3.355  -1.242  1.00 53.41  ? 8   LYS A CD  1 
ATOM   35   C  CE  . LYS A 1 9   ? -11.228 -2.990  -2.490  1.00 59.42  ? 8   LYS A CE  1 
ATOM   36   N  NZ  . LYS A 1 9   ? -10.914 -4.166  -3.332  1.00 62.51  ? 8   LYS A NZ  1 
ATOM   37   N  N   . GLN A 1 10  ? -14.321 -2.212  3.928   1.00 57.31  ? 9   GLN A N   1 
ATOM   38   C  CA  . GLN A 1 10  ? -15.426 -2.418  4.903   1.00 67.88  ? 9   GLN A CA  1 
ATOM   39   C  C   . GLN A 1 10  ? -15.927 -1.087  5.485   1.00 62.26  ? 9   GLN A C   1 
ATOM   40   O  O   . GLN A 1 10  ? -17.142 -0.946  5.660   1.00 66.66  ? 9   GLN A O   1 
ATOM   41   C  CB  . GLN A 1 10  ? -14.955 -3.363  6.015   1.00 65.36  ? 9   GLN A CB  1 
ATOM   42   C  CG  . GLN A 1 10  ? -14.749 -4.788  5.515   1.00 69.43  ? 9   GLN A CG  1 
ATOM   43   C  CD  . GLN A 1 10  ? -14.168 -5.715  6.554   1.00 75.18  ? 9   GLN A CD  1 
ATOM   44   O  OE1 . GLN A 1 10  ? -13.759 -5.307  7.646   1.00 71.93  ? 9   GLN A OE1 1 
ATOM   45   N  NE2 . GLN A 1 10  ? -14.146 -6.993  6.217   1.00 79.24  ? 9   GLN A NE2 1 
ATOM   46   N  N   A ARG A 1 11  ? -15.009 -0.146  5.755   0.34 57.73  ? 10  ARG A N   1 
ATOM   47   N  N   B ARG A 1 11  ? -15.014 -0.147  5.758   0.17 60.35  ? 10  ARG A N   1 
ATOM   48   C  CA  A ARG A 1 11  ? -15.280 1.130   6.476   0.34 56.75  ? 10  ARG A CA  1 
ATOM   49   C  CA  B ARG A 1 11  ? -15.305 1.121   6.481   0.17 59.14  ? 10  ARG A CA  1 
ATOM   50   C  C   A ARG A 1 11  ? -15.894 2.162   5.522   0.34 58.92  ? 10  ARG A C   1 
ATOM   51   C  C   B ARG A 1 11  ? -15.888 2.169   5.524   0.17 59.13  ? 10  ARG A C   1 
ATOM   52   O  O   A ARG A 1 11  ? -16.637 3.034   6.017   0.34 55.67  ? 10  ARG A O   1 
ATOM   53   O  O   B ARG A 1 11  ? -16.616 3.054   6.018   0.17 57.20  ? 10  ARG A O   1 
ATOM   54   C  CB  A ARG A 1 11  ? -14.000 1.716   7.082   0.34 61.23  ? 10  ARG A CB  1 
ATOM   55   C  CB  B ARG A 1 11  ? -14.038 1.656   7.155   0.17 62.04  ? 10  ARG A CB  1 
ATOM   56   C  CG  A ARG A 1 11  ? -13.430 0.934   8.257   0.34 65.99  ? 10  ARG A CG  1 
ATOM   57   C  CG  B ARG A 1 11  ? -13.592 0.853   8.368   0.17 65.10  ? 10  ARG A CG  1 
ATOM   58   C  CD  A ARG A 1 11  ? -12.293 1.663   8.956   0.34 68.82  ? 10  ARG A CD  1 
ATOM   59   C  CD  B ARG A 1 11  ? -12.271 1.344   8.927   0.17 66.77  ? 10  ARG A CD  1 
ATOM   60   N  NE  A ARG A 1 11  ? -10.958 1.264   8.511   0.34 70.12  ? 10  ARG A NE  1 
ATOM   61   N  NE  B ARG A 1 11  ? -11.132 0.581   8.433   0.17 68.40  ? 10  ARG A NE  1 
ATOM   62   C  CZ  A ARG A 1 11  ? -10.090 2.074   7.917   0.34 67.84  ? 10  ARG A CZ  1 
ATOM   63   C  CZ  B ARG A 1 11  ? -9.882  1.023   8.417   0.17 66.69  ? 10  ARG A CZ  1 
ATOM   64   N  NH1 A ARG A 1 11  ? -10.410 3.337   7.693   0.34 68.04  ? 10  ARG A NH1 1 
ATOM   65   N  NH1 B ARG A 1 11  ? -9.605  2.239   8.856   0.17 69.63  ? 10  ARG A NH1 1 
ATOM   66   N  NH2 A ARG A 1 11  ? -8.902  1.620   7.556   0.34 66.08  ? 10  ARG A NH2 1 
ATOM   67   N  NH2 B ARG A 1 11  ? -8.914  0.256   7.950   0.17 67.89  ? 10  ARG A NH2 1 
ATOM   68   N  N   . ARG A 1 12  ? -15.581 2.093   4.221   1.00 54.53  ? 11  ARG A N   1 
ATOM   69   C  CA  . ARG A 1 12  ? -16.034 3.131   3.238   1.00 59.04  ? 11  ARG A CA  1 
ATOM   70   C  C   . ARG A 1 12  ? -16.761 2.501   2.039   1.00 55.77  ? 11  ARG A C   1 
ATOM   71   O  O   . ARG A 1 12  ? -16.255 1.506   1.478   1.00 53.37  ? 11  ARG A O   1 
ATOM   72   C  CB  . ARG A 1 12  ? -14.868 4.017   2.750   1.00 58.19  ? 11  ARG A CB  1 
ATOM   73   C  CG  . ARG A 1 12  ? -13.944 4.579   3.834   1.00 57.70  ? 11  ARG A CG  1 
ATOM   74   C  CD  . ARG A 1 12  ? -14.386 5.879   4.496   1.00 64.86  ? 11  ARG A CD  1 
ATOM   75   N  NE  . ARG A 1 12  ? -14.445 7.006   3.574   1.00 80.58  ? 11  ARG A NE  1 
ATOM   76   C  CZ  . ARG A 1 12  ? -15.043 8.177   3.816   1.00 92.55  ? 11  ARG A CZ  1 
ATOM   77   N  NH1 . ARG A 1 12  ? -15.660 8.406   4.967   1.00 94.43  ? 11  ARG A NH1 1 
ATOM   78   N  NH2 . ARG A 1 12  ? -15.019 9.126   2.894   1.00 98.69  ? 11  ARG A NH2 1 
ATOM   79   N  N   . THR A 1 13  ? -17.857 3.146   1.611   1.00 49.07  ? 12  THR A N   1 
ATOM   80   C  CA  . THR A 1 13  ? -18.683 2.756   0.437   1.00 48.38  ? 12  THR A CA  1 
ATOM   81   C  C   . THR A 1 13  ? -17.805 2.907   -0.822  1.00 55.89  ? 12  THR A C   1 
ATOM   82   O  O   . THR A 1 13  ? -16.915 3.752   -0.831  1.00 50.67  ? 12  THR A O   1 
ATOM   83   C  CB  . THR A 1 13  ? -19.966 3.587   0.318   1.00 48.17  ? 12  THR A CB  1 
ATOM   84   O  OG1 . THR A 1 13  ? -19.676 4.919   -0.117  1.00 54.96  ? 12  THR A OG1 1 
ATOM   85   C  CG2 . THR A 1 13  ? -20.763 3.729   1.595   1.00 55.70  ? 12  THR A CG2 1 
ATOM   86   N  N   . PHE A 1 14  ? -18.059 2.133   -1.860  1.00 44.90  ? 13  PHE A N   1 
ATOM   87   C  CA  . PHE A 1 14  ? -17.361 2.230   -3.151  1.00 55.59  ? 13  PHE A CA  1 
ATOM   88   C  C   . PHE A 1 14  ? -17.429 3.694   -3.595  1.00 59.46  ? 13  PHE A C   1 
ATOM   89   O  O   . PHE A 1 14  ? -16.418 4.197   -4.116  1.00 49.12  ? 13  PHE A O   1 
ATOM   90   C  CB  . PHE A 1 14  ? -17.969 1.265   -4.172  1.00 52.06  ? 13  PHE A CB  1 
ATOM   91   C  CG  . PHE A 1 14  ? -17.319 1.359   -5.529  1.00 47.08  ? 13  PHE A CG  1 
ATOM   92   C  CD1 . PHE A 1 14  ? -16.186 0.623   -5.800  1.00 46.36  ? 13  PHE A CD1 1 
ATOM   93   C  CD2 . PHE A 1 14  ? -17.808 2.220   -6.498  1.00 45.24  ? 13  PHE A CD2 1 
ATOM   94   C  CE1 . PHE A 1 14  ? -15.543 0.732   -7.018  1.00 47.29  ? 13  PHE A CE1 1 
ATOM   95   C  CE2 . PHE A 1 14  ? -17.159 2.332   -7.720  1.00 49.43  ? 13  PHE A CE2 1 
ATOM   96   C  CZ  . PHE A 1 14  ? -16.031 1.581   -7.978  1.00 44.10  ? 13  PHE A CZ  1 
ATOM   97   N  N   . GLU A 1 15  ? -18.575 4.341   -3.382  1.00 47.57  ? 14  GLU A N   1 
ATOM   98   C  CA  . GLU A 1 15  ? -18.841 5.745   -3.792  1.00 52.73  ? 14  GLU A CA  1 
ATOM   99   C  C   . GLU A 1 15  ? -17.860 6.687   -3.073  1.00 51.88  ? 14  GLU A C   1 
ATOM   100  O  O   . GLU A 1 15  ? -17.393 7.682   -3.685  1.00 47.72  ? 14  GLU A O   1 
ATOM   101  C  CB  . GLU A 1 15  ? -20.283 6.123   -3.431  1.00 57.14  ? 14  GLU A CB  1 
ATOM   102  C  CG  . GLU A 1 15  ? -20.687 7.519   -3.878  1.00 68.99  ? 14  GLU A CG  1 
ATOM   103  C  CD  . GLU A 1 15  ? -22.166 7.856   -3.729  1.00 77.75  ? 14  GLU A CD  1 
ATOM   104  O  OE1 . GLU A 1 15  ? -22.959 6.968   -3.334  1.00 83.57  ? 14  GLU A OE1 1 
ATOM   105  O  OE2 . GLU A 1 15  ? -22.525 9.008   -4.026  1.00 83.66  ? 14  GLU A OE2 1 
ATOM   106  N  N   . GLN A 1 16  ? -17.632 6.413   -1.793  1.00 45.40  ? 15  GLN A N   1 
ATOM   107  C  CA  . GLN A 1 16  ? -16.788 7.238   -0.912  1.00 49.69  ? 15  GLN A CA  1 
ATOM   108  C  C   . GLN A 1 16  ? -15.306 7.078   -1.287  1.00 52.24  ? 15  GLN A C   1 
ATOM   109  O  O   . GLN A 1 16  ? -14.566 8.077   -1.270  1.00 51.93  ? 15  GLN A O   1 
ATOM   110  C  CB  . GLN A 1 16  ? -17.020 6.846   0.541   1.00 49.94  ? 15  GLN A CB  1 
ATOM   111  C  CG  . GLN A 1 16  ? -18.235 7.532   1.176   1.00 53.39  ? 15  GLN A CG  1 
ATOM   112  C  CD  . GLN A 1 16  ? -18.449 6.992   2.567   1.00 46.29  ? 15  GLN A CD  1 
ATOM   113  O  OE1 . GLN A 1 16  ? -18.002 5.899   2.889   1.00 47.18  ? 15  GLN A OE1 1 
ATOM   114  N  NE2 . GLN A 1 16  ? -19.100 7.772   3.412   1.00 58.33  ? 15  GLN A NE2 1 
ATOM   115  N  N   A ARG A 1 17  ? -14.884 5.848   -1.599  0.15 49.64  ? 16  ARG A N   1 
ATOM   116  N  N   B ARG A 1 17  ? -14.885 5.853   -1.615  0.35 48.58  ? 16  ARG A N   1 
ATOM   117  C  CA  A ARG A 1 17  ? -13.487 5.534   -2.004  0.15 50.00  ? 16  ARG A CA  1 
ATOM   118  C  CA  B ARG A 1 17  ? -13.480 5.555   -2.005  0.35 50.96  ? 16  ARG A CA  1 
ATOM   119  C  C   A ARG A 1 17  ? -13.219 6.177   -3.367  0.15 48.22  ? 16  ARG A C   1 
ATOM   120  C  C   B ARG A 1 17  ? -13.229 6.212   -3.363  0.35 49.67  ? 16  ARG A C   1 
ATOM   121  O  O   A ARG A 1 17  ? -12.113 6.730   -3.548  0.15 49.80  ? 16  ARG A O   1 
ATOM   122  O  O   B ARG A 1 17  ? -12.166 6.849   -3.526  0.35 52.68  ? 16  ARG A O   1 
ATOM   123  C  CB  A ARG A 1 17  ? -13.252 4.020   -2.014  0.15 50.57  ? 16  ARG A CB  1 
ATOM   124  C  CB  B ARG A 1 17  ? -13.222 4.046   -1.983  0.35 50.80  ? 16  ARG A CB  1 
ATOM   125  C  CG  A ARG A 1 17  ? -13.536 3.345   -0.680  0.15 50.39  ? 16  ARG A CG  1 
ATOM   126  C  CG  B ARG A 1 17  ? -13.338 3.433   -0.597  0.35 49.38  ? 16  ARG A CG  1 
ATOM   127  C  CD  A ARG A 1 17  ? -13.018 1.921   -0.590  0.15 52.22  ? 16  ARG A CD  1 
ATOM   128  C  CD  B ARG A 1 17  ? -13.025 1.945   -0.522  0.35 52.59  ? 16  ARG A CD  1 
ATOM   129  N  NE  A ARG A 1 17  ? -13.422 1.078   -1.710  0.15 55.45  ? 16  ARG A NE  1 
ATOM   130  N  NE  B ARG A 1 17  ? -14.208 1.085   -0.448  0.35 57.77  ? 16  ARG A NE  1 
ATOM   131  C  CZ  A ARG A 1 17  ? -14.245 0.037   -1.622  0.15 54.74  ? 16  ARG A CZ  1 
ATOM   132  C  CZ  B ARG A 1 17  ? -14.709 0.379   -1.460  0.35 59.07  ? 16  ARG A CZ  1 
ATOM   133  N  NH1 A ARG A 1 17  ? -14.771 -0.304  -0.459  0.15 53.16  ? 16  ARG A NH1 1 
ATOM   134  N  NH1 B ARG A 1 17  ? -14.137 0.415   -2.653  0.35 59.73  ? 16  ARG A NH1 1 
ATOM   135  N  NH2 A ARG A 1 17  ? -14.537 -0.663  -2.704  0.15 55.80  ? 16  ARG A NH2 1 
ATOM   136  N  NH2 B ARG A 1 17  ? -15.789 -0.360  -1.280  0.35 59.03  ? 16  ARG A NH2 1 
ATOM   137  N  N   . VAL A 1 18  ? -14.202 6.142   -4.272  1.00 42.87  ? 17  VAL A N   1 
ATOM   138  C  CA  . VAL A 1 18  ? -14.060 6.745   -5.625  1.00 43.47  ? 17  VAL A CA  1 
ATOM   139  C  C   . VAL A 1 18  ? -13.864 8.269   -5.519  1.00 55.81  ? 17  VAL A C   1 
ATOM   140  O  O   . VAL A 1 18  ? -12.949 8.827   -6.227  1.00 47.51  ? 17  VAL A O   1 
ATOM   141  C  CB  . VAL A 1 18  ? -15.236 6.364   -6.512  1.00 45.97  ? 17  VAL A CB  1 
ATOM   142  C  CG1 . VAL A 1 18  ? -15.463 7.386   -7.605  1.00 49.73  ? 17  VAL A CG1 1 
ATOM   143  C  CG2 . VAL A 1 18  ? -15.039 4.960   -7.076  1.00 55.16  ? 17  VAL A CG2 1 
ATOM   144  N  N   . GLU A 1 19  ? -14.700 8.926   -4.713  1.00 53.86  ? 18  GLU A N   1 
ATOM   145  C  CA  . GLU A 1 19  ? -14.712 10.402  -4.566  1.00 53.75  ? 18  GLU A CA  1 
ATOM   146  C  C   . GLU A 1 19  ? -13.426 10.859  -3.884  1.00 45.52  ? 18  GLU A C   1 
ATOM   147  O  O   . GLU A 1 19  ? -12.933 11.943  -4.197  1.00 53.39  ? 18  GLU A O   1 
ATOM   148  C  CB  . GLU A 1 19  ? -15.917 10.867  -3.745  1.00 63.19  ? 18  GLU A CB  1 
ATOM   149  C  CG  . GLU A 1 19  ? -17.124 11.083  -4.618  1.00 74.24  ? 18  GLU A CG  1 
ATOM   150  C  CD  . GLU A 1 19  ? -16.805 11.837  -5.899  1.00 83.13  ? 18  GLU A CD  1 
ATOM   151  O  OE1 . GLU A 1 19  ? -16.201 12.944  -5.796  1.00 79.99  ? 18  GLU A OE1 1 
ATOM   152  O  OE2 . GLU A 1 19  ? -17.134 11.302  -6.997  1.00 74.51  ? 18  GLU A OE2 1 
ATOM   153  N  N   . ASP A 1 20  ? -12.945 10.097  -2.929  1.00 42.40  ? 19  ASP A N   1 
ATOM   154  C  CA  . ASP A 1 20  ? -11.671 10.425  -2.258  1.00 45.64  ? 19  ASP A CA  1 
ATOM   155  C  C   . ASP A 1 20  ? -10.509 10.388  -3.251  1.00 50.03  ? 19  ASP A C   1 
ATOM   156  O  O   . ASP A 1 20  ? -9.631  11.236  -3.138  1.00 45.16  ? 19  ASP A O   1 
ATOM   157  C  CB  . ASP A 1 20  ? -11.359 9.502   -1.098  1.00 50.00  ? 19  ASP A CB  1 
ATOM   158  C  CG  . ASP A 1 20  ? -10.425 10.231  -0.141  1.00 70.81  ? 19  ASP A CG  1 
ATOM   159  O  OD1 . ASP A 1 20  ? -9.647  9.542   0.545   1.00 68.20  ? 19  ASP A OD1 1 
ATOM   160  O  OD2 . ASP A 1 20  ? -10.474 11.514  -0.095  1.00 71.15  ? 19  ASP A OD2 1 
ATOM   161  N  N   . VAL A 1 21  ? -10.507 9.429   -4.173  1.00 43.70  ? 20  VAL A N   1 
ATOM   162  C  CA  . VAL A 1 21  ? -9.413  9.258   -5.150  1.00 42.79  ? 20  VAL A CA  1 
ATOM   163  C  C   . VAL A 1 21  ? -9.472  10.472  -6.083  1.00 47.64  ? 20  VAL A C   1 
ATOM   164  O  O   . VAL A 1 21  ? -8.391  10.952  -6.499  1.00 42.86  ? 20  VAL A O   1 
ATOM   165  C  CB  . VAL A 1 21  ? -9.494  7.898   -5.884  1.00 44.79  ? 20  VAL A CB  1 
ATOM   166  C  CG1 . VAL A 1 21  ? -8.628  7.878   -7.147  1.00 45.94  ? 20  VAL A CG1 1 
ATOM   167  C  CG2 . VAL A 1 21  ? -9.125  6.736   -4.980  1.00 37.70  ? 20  VAL A CG2 1 
ATOM   168  N  N   . ARG A 1 22  ? -10.679 10.940  -6.417  1.00 49.29  ? 21  ARG A N   1 
ATOM   169  C  CA  . ARG A 1 22  ? -10.883 12.049  -7.383  1.00 54.09  ? 21  ARG A CA  1 
ATOM   170  C  C   . ARG A 1 22  ? -10.351 13.344  -6.756  1.00 51.53  ? 21  ARG A C   1 
ATOM   171  O  O   . ARG A 1 22  ? -9.858  14.191  -7.538  1.00 44.76  ? 21  ARG A O   1 
ATOM   172  C  CB  . ARG A 1 22  ? -12.356 12.197  -7.781  1.00 56.67  ? 21  ARG A CB  1 
ATOM   173  C  CG  . ARG A 1 22  ? -12.865 11.133  -8.740  1.00 68.54  ? 21  ARG A CG  1 
ATOM   174  C  CD  . ARG A 1 22  ? -14.373 11.229  -8.921  1.00 74.11  ? 21  ARG A CD  1 
ATOM   175  N  NE  . ARG A 1 22  ? -14.914 10.245  -9.858  1.00 87.35  ? 21  ARG A NE  1 
ATOM   176  C  CZ  . ARG A 1 22  ? -16.212 9.980   -10.031 1.00 89.75  ? 21  ARG A CZ  1 
ATOM   177  N  NH1 . ARG A 1 22  ? -17.125 10.617  -9.320  1.00 95.95  ? 21  ARG A NH1 1 
ATOM   178  N  NH2 . ARG A 1 22  ? -16.600 9.073   -10.912 1.00 88.72  ? 21  ARG A NH2 1 
ATOM   179  N  N   . LEU A 1 23  ? -10.463 13.465  -5.426  1.00 44.32  ? 22  LEU A N   1 
ATOM   180  C  CA  . LEU A 1 23  ? -10.006 14.624  -4.605  1.00 52.47  ? 22  LEU A CA  1 
ATOM   181  C  C   . LEU A 1 23  ? -8.468  14.642  -4.490  1.00 48.90  ? 22  LEU A C   1 
ATOM   182  O  O   . LEU A 1 23  ? -7.880  15.733  -4.598  1.00 47.58  ? 22  LEU A O   1 
ATOM   183  C  CB  . LEU A 1 23  ? -10.621 14.527  -3.202  1.00 54.84  ? 22  LEU A CB  1 
ATOM   184  C  CG  . LEU A 1 23  ? -10.191 15.621  -2.222  1.00 62.02  ? 22  LEU A CG  1 
ATOM   185  C  CD1 . LEU A 1 23  ? -10.766 16.973  -2.644  1.00 58.82  ? 22  LEU A CD1 1 
ATOM   186  C  CD2 . LEU A 1 23  ? -10.575 15.279  -0.794  1.00 63.50  ? 22  LEU A CD2 1 
ATOM   187  N  N   . ILE A 1 24  ? -7.842  13.491  -4.242  1.00 46.88  ? 23  ILE A N   1 
ATOM   188  C  CA  . ILE A 1 24  ? -6.354  13.287  -4.283  1.00 42.94  ? 23  ILE A CA  1 
ATOM   189  C  C   . ILE A 1 24  ? -5.876  13.666  -5.686  1.00 41.42  ? 23  ILE A C   1 
ATOM   190  O  O   . ILE A 1 24  ? -4.917  14.391  -5.821  1.00 41.26  ? 23  ILE A O   1 
ATOM   191  C  CB  . ILE A 1 24  ? -6.018  11.855  -3.857  1.00 45.63  ? 23  ILE A CB  1 
ATOM   192  C  CG1 . ILE A 1 24  ? -6.589  11.583  -2.458  1.00 46.05  ? 23  ILE A CG1 1 
ATOM   193  C  CG2 . ILE A 1 24  ? -4.525  11.569  -3.935  1.00 48.68  ? 23  ILE A CG2 1 
ATOM   194  C  CD1 . ILE A 1 24  ? -6.342  10.163  -1.931  1.00 48.92  ? 23  ILE A CD1 1 
ATOM   195  N  N   . ARG A 1 25  ? -6.589  13.274  -6.723  1.00 38.16  ? 24  ARG A N   1 
ATOM   196  C  CA  . ARG A 1 25  ? -6.259  13.705  -8.097  1.00 41.66  ? 24  ARG A CA  1 
ATOM   197  C  C   . ARG A 1 25  ? -6.222  15.229  -8.165  1.00 49.20  ? 24  ARG A C   1 
ATOM   198  O  O   . ARG A 1 25  ? -5.315  15.740  -8.786  1.00 48.10  ? 24  ARG A O   1 
ATOM   199  C  CB  . ARG A 1 25  ? -7.253  13.179  -9.117  1.00 45.25  ? 24  ARG A CB  1 
ATOM   200  C  CG  . ARG A 1 25  ? -6.838  11.815  -9.624  1.00 50.88  ? 24  ARG A CG  1 
ATOM   201  C  CD  . ARG A 1 25  ? -7.664  11.437  -10.821 1.00 56.99  ? 24  ARG A CD  1 
ATOM   202  N  NE  . ARG A 1 25  ? -7.852  10.001  -10.733 1.00 74.64  ? 24  ARG A NE  1 
ATOM   203  C  CZ  . ARG A 1 25  ? -8.996  9.383   -10.990 1.00 74.14  ? 24  ARG A CZ  1 
ATOM   204  N  NH1 . ARG A 1 25  ? -10.065 10.068  -11.371 1.00 80.29  ? 24  ARG A NH1 1 
ATOM   205  N  NH2 . ARG A 1 25  ? -9.057  8.076   -10.850 1.00 76.40  ? 24  ARG A NH2 1 
ATOM   206  N  N   . GLU A 1 26  ? -7.194  15.898  -7.557  1.00 48.40  ? 25  GLU A N   1 
ATOM   207  C  CA  . GLU A 1 26  ? -7.409  17.355  -7.722  1.00 54.30  ? 25  GLU A CA  1 
ATOM   208  C  C   . GLU A 1 26  ? -6.332  18.093  -6.911  1.00 42.01  ? 25  GLU A C   1 
ATOM   209  O  O   . GLU A 1 26  ? -5.697  18.992  -7.460  1.00 50.38  ? 25  GLU A O   1 
ATOM   210  C  CB  . GLU A 1 26  ? -8.860  17.666  -7.331  1.00 63.21  ? 25  GLU A CB  1 
ATOM   211  C  CG  . GLU A 1 26  ? -9.348  19.030  -7.758  1.00 76.83  ? 25  GLU A CG  1 
ATOM   212  C  CD  . GLU A 1 26  ? -9.535  19.231  -9.254  1.00 82.62  ? 25  GLU A CD  1 
ATOM   213  O  OE1 . GLU A 1 26  ? -9.571  18.223  -10.004 1.00 73.23  ? 25  GLU A OE1 1 
ATOM   214  O  OE2 . GLU A 1 26  ? -9.644  20.406  -9.661  1.00 84.57  ? 25  GLU A OE2 1 
ATOM   215  N  N   . GLN A 1 27  ? -6.097  17.658  -5.678  1.00 42.82  ? 26  GLN A N   1 
ATOM   216  C  CA  . GLN A 1 27  ? -5.267  18.314  -4.655  1.00 41.38  ? 26  GLN A CA  1 
ATOM   217  C  C   . GLN A 1 27  ? -3.856  17.740  -4.547  1.00 48.67  ? 26  GLN A C   1 
ATOM   218  O  O   . GLN A 1 27  ? -2.998  18.400  -3.929  1.00 38.79  ? 26  GLN A O   1 
ATOM   219  C  CB  . GLN A 1 27  ? -5.930  18.069  -3.314  1.00 43.84  ? 26  GLN A CB  1 
ATOM   220  C  CG  . GLN A 1 27  ? -7.251  18.801  -3.183  1.00 59.91  ? 26  GLN A CG  1 
ATOM   221  C  CD  . GLN A 1 27  ? -7.821  18.620  -1.798  1.00 69.92  ? 26  GLN A CD  1 
ATOM   222  O  OE1 . GLN A 1 27  ? -7.348  17.790  -1.018  1.00 71.29  ? 26  GLN A OE1 1 
ATOM   223  N  NE2 . GLN A 1 27  ? -8.838  19.409  -1.484  1.00 78.81  ? 26  GLN A NE2 1 
ATOM   224  N  N   . HIS A 1 28  ? -3.632  16.480  -4.924  1.00 35.87  ? 27  HIS A N   1 
ATOM   225  C  CA  . HIS A 1 28  ? -2.280  15.886  -4.841  1.00 39.56  ? 27  HIS A CA  1 
ATOM   226  C  C   . HIS A 1 28  ? -2.015  15.183  -6.145  1.00 33.74  ? 27  HIS A C   1 
ATOM   227  O  O   . HIS A 1 28  ? -1.874  13.976  -6.173  1.00 37.36  ? 27  HIS A O   1 
ATOM   228  C  CB  . HIS A 1 28  ? -2.162  14.991  -3.612  1.00 44.09  ? 27  HIS A CB  1 
ATOM   229  C  CG  . HIS A 1 28  ? -2.470  15.712  -2.342  1.00 56.49  ? 27  HIS A CG  1 
ATOM   230  N  ND1 . HIS A 1 28  ? -1.511  16.450  -1.657  1.00 48.93  ? 27  HIS A ND1 1 
ATOM   231  C  CD2 . HIS A 1 28  ? -3.626  15.825  -1.644  1.00 53.48  ? 27  HIS A CD2 1 
ATOM   232  C  CE1 . HIS A 1 28  ? -2.068  16.955  -0.572  1.00 59.71  ? 27  HIS A CE1 1 
ATOM   233  N  NE2 . HIS A 1 28  ? -3.370  16.606  -0.557  1.00 58.26  ? 27  HIS A NE2 1 
ATOM   234  N  N   . PRO A 1 29  ? -2.018  15.930  -7.251  1.00 37.05  ? 28  PRO A N   1 
ATOM   235  C  CA  . PRO A 1 29  ? -1.989  15.329  -8.587  1.00 35.03  ? 28  PRO A CA  1 
ATOM   236  C  C   . PRO A 1 29  ? -0.746  14.456  -8.869  1.00 37.85  ? 28  PRO A C   1 
ATOM   237  O  O   . PRO A 1 29  ? -0.891  13.500  -9.655  1.00 37.15  ? 28  PRO A O   1 
ATOM   238  C  CB  . PRO A 1 29  ? -2.093  16.539  -9.524  1.00 38.25  ? 28  PRO A CB  1 
ATOM   239  C  CG  . PRO A 1 29  ? -1.486  17.678  -8.662  1.00 41.18  ? 28  PRO A CG  1 
ATOM   240  C  CD  . PRO A 1 29  ? -2.047  17.397  -7.286  1.00 41.21  ? 28  PRO A CD  1 
ATOM   241  N  N   . THR A 1 30  ? 0.395   14.707  -8.221  1.00 34.22  ? 29  THR A N   1 
ATOM   242  C  CA  . THR A 1 30  ? 1.655   13.929  -8.467  1.00 33.47  ? 29  THR A CA  1 
ATOM   243  C  C   . THR A 1 30  ? 1.761   12.692  -7.559  1.00 33.03  ? 29  THR A C   1 
ATOM   244  O  O   . THR A 1 30  ? 2.797   12.002  -7.636  1.00 34.58  ? 29  THR A O   1 
ATOM   245  C  CB  . THR A 1 30  ? 2.923   14.803  -8.350  1.00 32.40  ? 29  THR A CB  1 
ATOM   246  O  OG1 . THR A 1 30  ? 3.171   15.050  -6.972  1.00 35.73  ? 29  THR A OG1 1 
ATOM   247  C  CG2 . THR A 1 30  ? 2.848   16.092  -9.158  1.00 32.42  ? 29  THR A CG2 1 
ATOM   248  N  N   . LYS A 1 31  ? 0.772   12.406  -6.717  1.00 32.37  ? 30  LYS A N   1 
ATOM   249  C  CA  . LYS A 1 31  ? 0.864   11.347  -5.689  1.00 31.47  ? 30  LYS A CA  1 
ATOM   250  C  C   . LYS A 1 31  ? 0.011   10.125  -6.094  1.00 33.26  ? 30  LYS A C   1 
ATOM   251  O  O   . LYS A 1 31  ? -1.108  10.312  -6.627  1.00 34.16  ? 30  LYS A O   1 
ATOM   252  C  CB  . LYS A 1 31  ? 0.382   11.857  -4.335  1.00 33.17  ? 30  LYS A CB  1 
ATOM   253  C  CG  . LYS A 1 31  ? 1.147   13.039  -3.730  1.00 36.19  ? 30  LYS A CG  1 
ATOM   254  C  CD  . LYS A 1 31  ? 2.640   12.845  -3.783  1.00 35.94  ? 30  LYS A CD  1 
ATOM   255  C  CE  . LYS A 1 31  ? 3.438   14.060  -3.331  1.00 40.03  ? 30  LYS A CE  1 
ATOM   256  N  NZ  . LYS A 1 31  ? 2.777   14.701  -2.194  1.00 43.55  ? 30  LYS A NZ  1 
ATOM   257  N  N   . ILE A 1 32  ? 0.490   8.920   -5.767  1.00 35.90  ? 31  ILE A N   1 
ATOM   258  C  CA  . ILE A 1 32  ? -0.307  7.669   -5.954  1.00 36.72  ? 31  ILE A CA  1 
ATOM   259  C  C   . ILE A 1 32  ? -1.074  7.416   -4.646  1.00 33.63  ? 31  ILE A C   1 
ATOM   260  O  O   . ILE A 1 32  ? -0.492  7.387   -3.544  1.00 34.81  ? 31  ILE A O   1 
ATOM   261  C  CB  . ILE A 1 32  ? 0.586   6.474   -6.365  1.00 37.50  ? 31  ILE A CB  1 
ATOM   262  C  CG1 . ILE A 1 32  ? 1.378   6.714   -7.664  1.00 35.67  ? 31  ILE A CG1 1 
ATOM   263  C  CG2 . ILE A 1 32  ? -0.241  5.183   -6.408  1.00 36.52  ? 31  ILE A CG2 1 
ATOM   264  C  CD1 . ILE A 1 32  ? 0.580   7.202   -8.852  1.00 35.87  ? 31  ILE A CD1 1 
ATOM   265  N  N   . PRO A 1 33  ? -2.405  7.219   -4.708  1.00 32.03  ? 32  PRO A N   1 
ATOM   266  C  CA  . PRO A 1 33  ? -3.171  6.878   -3.510  1.00 34.33  ? 32  PRO A CA  1 
ATOM   267  C  C   . PRO A 1 33  ? -3.015  5.394   -3.171  1.00 35.60  ? 32  PRO A C   1 
ATOM   268  O  O   . PRO A 1 33  ? -3.514  4.508   -3.938  1.00 34.62  ? 32  PRO A O   1 
ATOM   269  C  CB  . PRO A 1 33  ? -4.582  7.297   -3.945  1.00 34.57  ? 32  PRO A CB  1 
ATOM   270  C  CG  . PRO A 1 33  ? -4.630  6.951   -5.394  1.00 34.88  ? 32  PRO A CG  1 
ATOM   271  C  CD  . PRO A 1 33  ? -3.260  7.351   -5.898  1.00 38.10  ? 32  PRO A CD  1 
ATOM   272  N  N   . VAL A 1 34  ? -2.356  5.123   -2.052  1.00 36.47  ? 33  VAL A N   1 
ATOM   273  C  CA  . VAL A 1 34  ? -2.066  3.737   -1.612  1.00 35.38  ? 33  VAL A CA  1 
ATOM   274  C  C   . VAL A 1 34  ? -2.811  3.451   -0.291  1.00 40.36  ? 33  VAL A C   1 
ATOM   275  O  O   . VAL A 1 34  ? -2.808  4.309   0.617   1.00 40.06  ? 33  VAL A O   1 
ATOM   276  C  CB  . VAL A 1 34  ? -0.548  3.536   -1.513  1.00 38.01  ? 33  VAL A CB  1 
ATOM   277  C  CG1 . VAL A 1 34  ? -0.208  2.105   -1.179  1.00 42.53  ? 33  VAL A CG1 1 
ATOM   278  C  CG2 . VAL A 1 34  ? 0.155   3.934   -2.796  1.00 35.01  ? 33  VAL A CG2 1 
ATOM   279  N  N   . ILE A 1 35  ? -3.448  2.283   -0.220  1.00 44.82  ? 34  ILE A N   1 
ATOM   280  C  CA  . ILE A 1 35  ? -3.957  1.668   1.036   1.00 41.82  ? 34  ILE A CA  1 
ATOM   281  C  C   . ILE A 1 35  ? -2.985  0.575   1.446   1.00 37.62  ? 34  ILE A C   1 
ATOM   282  O  O   . ILE A 1 35  ? -2.715  -0.298  0.634   1.00 42.20  ? 34  ILE A O   1 
ATOM   283  C  CB  . ILE A 1 35  ? -5.358  1.097   0.833   1.00 44.81  ? 34  ILE A CB  1 
ATOM   284  C  CG1 . ILE A 1 35  ? -6.305  2.139   0.238   1.00 40.98  ? 34  ILE A CG1 1 
ATOM   285  C  CG2 . ILE A 1 35  ? -5.852  0.522   2.152   1.00 48.53  ? 34  ILE A CG2 1 
ATOM   286  C  CD1 . ILE A 1 35  ? -6.583  3.311   1.157   1.00 44.90  ? 34  ILE A CD1 1 
ATOM   287  N  N   . ILE A 1 36  ? -2.439  0.682   2.646   1.00 40.12  ? 35  ILE A N   1 
ATOM   288  C  CA  . ILE A 1 36  ? -1.464  -0.300  3.188   1.00 42.58  ? 35  ILE A CA  1 
ATOM   289  C  C   . ILE A 1 36  ? -2.024  -0.804  4.520   1.00 48.22  ? 35  ILE A C   1 
ATOM   290  O  O   . ILE A 1 36  ? -2.345  0.042   5.364   1.00 47.50  ? 35  ILE A O   1 
ATOM   291  C  CB  . ILE A 1 36  ? -0.065  0.314   3.334   1.00 45.48  ? 35  ILE A CB  1 
ATOM   292  C  CG1 . ILE A 1 36  ? 0.340   1.109   2.075   1.00 42.78  ? 35  ILE A CG1 1 
ATOM   293  C  CG2 . ILE A 1 36  ? 0.920   -0.793  3.670   1.00 43.16  ? 35  ILE A CG2 1 
ATOM   294  C  CD1 . ILE A 1 36  ? 1.686   1.841   2.215   1.00 42.47  ? 35  ILE A CD1 1 
ATOM   295  N  N   . GLU A 1 37  ? -2.178  -2.125  4.633   1.00 55.84  ? 36  GLU A N   1 
ATOM   296  C  CA  . GLU A 1 37  ? -2.920  -2.839  5.707   1.00 57.01  ? 36  GLU A CA  1 
ATOM   297  C  C   . GLU A 1 37  ? -2.080  -4.023  6.190   1.00 55.46  ? 36  GLU A C   1 
ATOM   298  O  O   . GLU A 1 37  ? -1.396  -4.642  5.384   1.00 42.36  ? 36  GLU A O   1 
ATOM   299  C  CB  . GLU A 1 37  ? -4.295  -3.279  5.190   1.00 53.41  ? 36  GLU A CB  1 
ATOM   300  C  CG  . GLU A 1 37  ? -5.196  -2.084  4.957   1.00 56.64  ? 36  GLU A CG  1 
ATOM   301  C  CD  . GLU A 1 37  ? -6.654  -2.338  4.637   1.00 59.75  ? 36  GLU A CD  1 
ATOM   302  O  OE1 . GLU A 1 37  ? -6.959  -2.965  3.568   1.00 59.37  ? 36  GLU A OE1 1 
ATOM   303  O  OE2 . GLU A 1 37  ? -7.491  -1.865  5.437   1.00 63.05  ? 36  GLU A OE2 1 
ATOM   304  N  N   . ARG A 1 38  ? -2.118  -4.298  7.487   1.00 57.66  ? 37  ARG A N   1 
ATOM   305  C  CA  . ARG A 1 38  ? -1.475  -5.505  8.037   1.00 57.95  ? 37  ARG A CA  1 
ATOM   306  C  C   . ARG A 1 38  ? -2.348  -6.720  7.719   1.00 60.57  ? 37  ARG A C   1 
ATOM   307  O  O   . ARG A 1 38  ? -3.600  -6.617  7.803   1.00 59.64  ? 37  ARG A O   1 
ATOM   308  C  CB  . ARG A 1 38  ? -1.257  -5.400  9.545   1.00 59.74  ? 37  ARG A CB  1 
ATOM   309  C  CG  . ARG A 1 38  ? -0.359  -6.524  10.039  1.00 64.09  ? 37  ARG A CG  1 
ATOM   310  C  CD  . ARG A 1 38  ? 0.069   -6.330  11.467  1.00 71.39  ? 37  ARG A CD  1 
ATOM   311  N  NE  . ARG A 1 38  ? -1.061  -6.374  12.378  1.00 79.84  ? 37  ARG A NE  1 
ATOM   312  C  CZ  . ARG A 1 38  ? -0.960  -6.607  13.682  1.00 83.35  ? 37  ARG A CZ  1 
ATOM   313  N  NH1 . ARG A 1 38  ? 0.222   -6.846  14.233  1.00 69.98  ? 37  ARG A NH1 1 
ATOM   314  N  NH2 . ARG A 1 38  ? -2.051  -6.605  14.426  1.00 86.16  ? 37  ARG A NH2 1 
ATOM   315  N  N   . TYR A 1 39  ? -1.688  -7.805  7.309   1.00 60.60  ? 38  TYR A N   1 
ATOM   316  C  CA  . TYR A 1 39  ? -2.292  -9.136  7.083   1.00 62.55  ? 38  TYR A CA  1 
ATOM   317  C  C   . TYR A 1 39  ? -3.139  -9.473  8.316   1.00 65.79  ? 38  TYR A C   1 
ATOM   318  O  O   . TYR A 1 39  ? -2.683  -9.169  9.441   1.00 50.99  ? 38  TYR A O   1 
ATOM   319  C  CB  . TYR A 1 39  ? -1.179  -10.153 6.853   1.00 75.04  ? 38  TYR A CB  1 
ATOM   320  C  CG  . TYR A 1 39  ? -1.676  -11.569 6.803   1.00 84.73  ? 38  TYR A CG  1 
ATOM   321  C  CD1 . TYR A 1 39  ? -2.653  -11.934 5.887   1.00 88.14  ? 38  TYR A CD1 1 
ATOM   322  C  CD2 . TYR A 1 39  ? -1.167  -12.536 7.653   1.00 90.62  ? 38  TYR A CD2 1 
ATOM   323  C  CE1 . TYR A 1 39  ? -3.126  -13.231 5.827   1.00 99.09  ? 38  TYR A CE1 1 
ATOM   324  C  CE2 . TYR A 1 39  ? -1.624  -13.843 7.599   1.00 100.75 ? 38  TYR A CE2 1 
ATOM   325  C  CZ  . TYR A 1 39  ? -2.611  -14.185 6.689   1.00 105.74 ? 38  TYR A CZ  1 
ATOM   326  O  OH  . TYR A 1 39  ? -3.076  -15.464 6.622   1.00 126.80 ? 38  TYR A OH  1 
ATOM   327  N  N   . LYS A 1 40  ? -4.354  -10.001 8.136   1.00 75.89  ? 39  LYS A N   1 
ATOM   328  C  CA  . LYS A 1 40  ? -5.301  -10.208 9.269   1.00 76.92  ? 39  LYS A CA  1 
ATOM   329  C  C   . LYS A 1 40  ? -4.730  -11.302 10.182  1.00 68.55  ? 39  LYS A C   1 
ATOM   330  O  O   . LYS A 1 40  ? -4.960  -11.185 11.380  1.00 61.55  ? 39  LYS A O   1 
ATOM   331  C  CB  . LYS A 1 40  ? -6.729  -10.475 8.782   1.00 88.88  ? 39  LYS A CB  1 
ATOM   332  C  CG  . LYS A 1 40  ? -6.978  -11.837 8.143   1.00 101.98 ? 39  LYS A CG  1 
ATOM   333  C  CD  . LYS A 1 40  ? -8.376  -11.992 7.557   1.00 107.92 ? 39  LYS A CD  1 
ATOM   334  C  CE  . LYS A 1 40  ? -9.487  -11.624 8.521   1.00 114.03 ? 39  LYS A CE  1 
ATOM   335  N  NZ  . LYS A 1 40  ? -9.403  -12.398 9.783   1.00 114.43 ? 39  LYS A NZ  1 
ATOM   336  N  N   . GLY A 1 41  ? -3.924  -12.244 9.658   1.00 63.75  ? 40  GLY A N   1 
ATOM   337  C  CA  . GLY A 1 41  ? -3.208  -13.264 10.457  1.00 67.64  ? 40  GLY A CA  1 
ATOM   338  C  C   . GLY A 1 41  ? -1.935  -12.791 11.178  1.00 78.74  ? 40  GLY A C   1 
ATOM   339  O  O   . GLY A 1 41  ? -1.327  -13.621 11.891  1.00 86.44  ? 40  GLY A O   1 
ATOM   340  N  N   . GLU A 1 42  ? -1.510  -11.528 11.059  1.00 77.70  ? 41  GLU A N   1 
ATOM   341  C  CA  . GLU A 1 42  ? -0.112  -11.116 11.387  1.00 75.78  ? 41  GLU A CA  1 
ATOM   342  C  C   . GLU A 1 42  ? 0.133   -11.030 12.905  1.00 77.55  ? 41  GLU A C   1 
ATOM   343  O  O   . GLU A 1 42  ? -0.586  -10.266 13.589  1.00 71.56  ? 41  GLU A O   1 
ATOM   344  C  CB  . GLU A 1 42  ? 0.213   -9.768  10.740  1.00 77.12  ? 41  GLU A CB  1 
ATOM   345  C  CG  . GLU A 1 42  ? 1.589   -9.239  11.098  1.00 63.56  ? 41  GLU A CG  1 
ATOM   346  C  CD  . GLU A 1 42  ? 2.740   -10.144 10.731  1.00 55.64  ? 41  GLU A CD  1 
ATOM   347  O  OE1 . GLU A 1 42  ? 2.671   -10.809 9.670   1.00 60.07  ? 41  GLU A OE1 1 
ATOM   348  O  OE2 . GLU A 1 42  ? 3.724   -10.157 11.501  1.00 60.24  ? 41  GLU A OE2 1 
ATOM   349  N  N   . LYS A 1 43  ? 1.190   -11.699 13.386  1.00 78.46  ? 42  LYS A N   1 
ATOM   350  C  CA  . LYS A 1 43  ? 1.532   -11.811 14.832  1.00 96.45  ? 42  LYS A CA  1 
ATOM   351  C  C   . LYS A 1 43  ? 2.670   -10.853 15.194  1.00 90.00  ? 42  LYS A C   1 
ATOM   352  O  O   . LYS A 1 43  ? 2.505   -10.098 16.170  1.00 92.81  ? 42  LYS A O   1 
ATOM   353  C  CB  . LYS A 1 43  ? 1.880   -13.263 15.186  1.00 99.68  ? 42  LYS A CB  1 
ATOM   354  C  CG  . LYS A 1 43  ? 0.698   -14.225 15.136  1.00 113.53 ? 42  LYS A CG  1 
ATOM   355  C  CD  . LYS A 1 43  ? -0.622  -13.555 15.506  1.00 124.42 ? 42  LYS A CD  1 
ATOM   356  C  CE  . LYS A 1 43  ? -1.825  -14.470 15.513  1.00 122.48 ? 42  LYS A CE  1 
ATOM   357  N  NZ  . LYS A 1 43  ? -3.065  -13.675 15.660  1.00 130.36 ? 42  LYS A NZ  1 
ATOM   358  N  N   . GLN A 1 44  ? 3.759   -10.876 14.425  1.00 86.52  ? 43  GLN A N   1 
ATOM   359  C  CA  . GLN A 1 44  ? 5.051   -10.206 14.747  1.00 79.94  ? 43  GLN A CA  1 
ATOM   360  C  C   . GLN A 1 44  ? 4.971   -8.673  14.545  1.00 79.68  ? 43  GLN A C   1 
ATOM   361  O  O   . GLN A 1 44  ? 5.288   -7.943  15.504  1.00 78.33  ? 43  GLN A O   1 
ATOM   362  C  CB  . GLN A 1 44  ? 6.180   -10.813 13.900  1.00 97.12  ? 43  GLN A CB  1 
ATOM   363  C  CG  . GLN A 1 44  ? 6.179   -12.339 13.832  1.00 110.25 ? 43  GLN A CG  1 
ATOM   364  C  CD  . GLN A 1 44  ? 6.031   -12.984 15.188  1.00 125.92 ? 43  GLN A CD  1 
ATOM   365  O  OE1 . GLN A 1 44  ? 6.772   -12.686 16.123  1.00 145.42 ? 43  GLN A OE1 1 
ATOM   366  N  NE2 . GLN A 1 44  ? 5.061   -13.877 15.309  1.00 135.07 ? 43  GLN A NE2 1 
ATOM   367  N  N   . LEU A 1 45  ? 4.609   -8.167  13.357  1.00 65.68  ? 44  LEU A N   1 
ATOM   368  C  CA  . LEU A 1 45  ? 4.847   -6.738  13.004  1.00 59.13  ? 44  LEU A CA  1 
ATOM   369  C  C   . LEU A 1 45  ? 3.758   -5.857  13.607  1.00 53.92  ? 44  LEU A C   1 
ATOM   370  O  O   . LEU A 1 45  ? 2.612   -6.269  13.761  1.00 58.28  ? 44  LEU A O   1 
ATOM   371  C  CB  . LEU A 1 45  ? 4.879   -6.568  11.483  1.00 67.74  ? 44  LEU A CB  1 
ATOM   372  C  CG  . LEU A 1 45  ? 5.913   -7.384  10.720  1.00 67.93  ? 44  LEU A CG  1 
ATOM   373  C  CD1 . LEU A 1 45  ? 5.611   -7.360  9.229   1.00 70.76  ? 44  LEU A CD1 1 
ATOM   374  C  CD2 . LEU A 1 45  ? 7.319   -6.884  10.991  1.00 68.74  ? 44  LEU A CD2 1 
ATOM   375  N  N   . PRO A 1 46  ? 4.066   -4.583  13.936  1.00 58.16  ? 45  PRO A N   1 
ATOM   376  C  CA  . PRO A 1 46  ? 3.058   -3.658  14.452  1.00 59.56  ? 45  PRO A CA  1 
ATOM   377  C  C   . PRO A 1 46  ? 2.030   -3.277  13.385  1.00 64.63  ? 45  PRO A C   1 
ATOM   378  O  O   . PRO A 1 46  ? 2.285   -3.570  12.237  1.00 65.25  ? 45  PRO A O   1 
ATOM   379  C  CB  . PRO A 1 46  ? 3.810   -2.386  14.859  1.00 54.88  ? 45  PRO A CB  1 
ATOM   380  C  CG  . PRO A 1 46  ? 5.287   -2.654  14.575  1.00 61.22  ? 45  PRO A CG  1 
ATOM   381  C  CD  . PRO A 1 46  ? 5.400   -3.982  13.847  1.00 58.53  ? 45  PRO A CD  1 
ATOM   382  N  N   . VAL A 1 47  ? 0.930   -2.625  13.783  1.00 65.85  ? 46  VAL A N   1 
ATOM   383  C  CA  . VAL A 1 47  ? 0.001   -1.959  12.822  1.00 70.72  ? 46  VAL A CA  1 
ATOM   384  C  C   . VAL A 1 47  ? 0.576   -0.569  12.530  1.00 67.47  ? 46  VAL A C   1 
ATOM   385  O  O   . VAL A 1 47  ? 1.228   -0.003  13.425  1.00 57.85  ? 46  VAL A O   1 
ATOM   386  C  CB  . VAL A 1 47  ? -1.476  -1.880  13.273  1.00 68.43  ? 46  VAL A CB  1 
ATOM   387  C  CG1 . VAL A 1 47  ? -2.106  -3.259  13.373  1.00 67.01  ? 46  VAL A CG1 1 
ATOM   388  C  CG2 . VAL A 1 47  ? -1.689  -1.077  14.549  1.00 72.05  ? 46  VAL A CG2 1 
ATOM   389  N  N   . LEU A 1 48  ? 0.346   -0.062  11.315  1.00 59.33  ? 47  LEU A N   1 
ATOM   390  C  CA  . LEU A 1 48  ? 0.744   1.306   10.910  1.00 60.94  ? 47  LEU A CA  1 
ATOM   391  C  C   . LEU A 1 48  ? -0.117  2.311   11.668  1.00 57.09  ? 47  LEU A C   1 
ATOM   392  O  O   . LEU A 1 48  ? -1.200  1.958   12.125  1.00 59.91  ? 47  LEU A O   1 
ATOM   393  C  CB  . LEU A 1 48  ? 0.549   1.470   9.401   1.00 60.93  ? 47  LEU A CB  1 
ATOM   394  C  CG  . LEU A 1 48  ? 1.490   0.670   8.500   1.00 57.78  ? 47  LEU A CG  1 
ATOM   395  C  CD1 . LEU A 1 48  ? 1.006   0.752   7.068   1.00 60.77  ? 47  LEU A CD1 1 
ATOM   396  C  CD2 . LEU A 1 48  ? 2.915   1.182   8.588   1.00 62.78  ? 47  LEU A CD2 1 
ATOM   397  N  N   . ASP A 1 49  ? 0.371   3.536   11.757  1.00 60.55  ? 48  ASP A N   1 
ATOM   398  C  CA  . ASP A 1 49  ? -0.301  4.680   12.413  1.00 54.80  ? 48  ASP A CA  1 
ATOM   399  C  C   . ASP A 1 49  ? -1.434  5.177   11.502  1.00 62.89  ? 48  ASP A C   1 
ATOM   400  O  O   . ASP A 1 49  ? -2.295  5.947   11.985  1.00 52.59  ? 48  ASP A O   1 
ATOM   401  C  CB  . ASP A 1 49  ? 0.770   5.710   12.783  1.00 58.12  ? 48  ASP A CB  1 
ATOM   402  C  CG  . ASP A 1 49  ? 1.580   6.233   11.595  1.00 73.01  ? 48  ASP A CG  1 
ATOM   403  O  OD1 . ASP A 1 49  ? 1.406   7.429   11.283  1.00 73.98  ? 48  ASP A OD1 1 
ATOM   404  O  OD2 . ASP A 1 49  ? 2.389   5.449   10.985  1.00 64.96  ? 48  ASP A OD2 1 
ATOM   405  N  N   . LYS A 1 50  ? -1.451  4.779   10.220  1.00 56.74  ? 49  LYS A N   1 
ATOM   406  C  CA  . LYS A 1 50  ? -2.542  5.171   9.298   1.00 54.67  ? 49  LYS A CA  1 
ATOM   407  C  C   . LYS A 1 50  ? -2.679  4.108   8.213   1.00 45.72  ? 49  LYS A C   1 
ATOM   408  O  O   . LYS A 1 50  ? -1.902  3.156   8.205   1.00 49.92  ? 49  LYS A O   1 
ATOM   409  C  CB  . LYS A 1 50  ? -2.334  6.599   8.775   1.00 55.60  ? 49  LYS A CB  1 
ATOM   410  C  CG  . LYS A 1 50  ? -1.187  6.820   7.793   1.00 58.15  ? 49  LYS A CG  1 
ATOM   411  C  CD  . LYS A 1 50  ? -1.002  8.276   7.390   1.00 59.35  ? 49  LYS A CD  1 
ATOM   412  C  CE  . LYS A 1 50  ? 0.011   8.458   6.267   1.00 62.65  ? 49  LYS A CE  1 
ATOM   413  N  NZ  . LYS A 1 50  ? -0.246  9.700   5.497   1.00 60.83  ? 49  LYS A NZ  1 
ATOM   414  N  N   A THR A 1 51  ? -3.652  4.267   7.311   0.06 47.27  ? 50  THR A N   1 
ATOM   415  N  N   B THR A 1 51  ? -3.672  4.304   7.339   0.45 49.23  ? 50  THR A N   1 
ATOM   416  C  CA  A THR A 1 51  ? -3.946  3.288   6.227   0.06 46.61  ? 50  THR A CA  1 
ATOM   417  C  CA  B THR A 1 51  ? -4.115  3.362   6.272   0.45 51.32  ? 50  THR A CA  1 
ATOM   418  C  C   A THR A 1 51  ? -3.791  3.935   4.841   0.06 45.62  ? 50  THR A C   1 
ATOM   419  C  C   B THR A 1 51  ? -3.821  3.938   4.878   0.45 46.27  ? 50  THR A C   1 
ATOM   420  O  O   A THR A 1 51  ? -3.344  3.217   3.926   0.06 45.74  ? 50  THR A O   1 
ATOM   421  O  O   B THR A 1 51  ? -3.371  3.173   3.993   0.45 46.85  ? 50  THR A O   1 
ATOM   422  C  CB  A THR A 1 51  ? -5.322  2.644   6.434   0.06 46.63  ? 50  THR A CB  1 
ATOM   423  C  CB  B THR A 1 51  ? -5.619  3.083   6.409   0.45 52.98  ? 50  THR A CB  1 
ATOM   424  O  OG1 A THR A 1 51  ? -5.505  1.646   5.429   0.06 46.20  ? 50  THR A OG1 1 
ATOM   425  O  OG1 B THR A 1 51  ? -5.886  2.709   7.761   0.45 59.66  ? 50  THR A OG1 1 
ATOM   426  C  CG2 A THR A 1 51  ? -6.459  3.638   6.391   0.06 46.63  ? 50  THR A CG2 1 
ATOM   427  C  CG2 B THR A 1 51  ? -6.114  2.008   5.464   0.45 51.93  ? 50  THR A CG2 1 
ATOM   428  N  N   . LYS A 1 52  ? -4.139  5.219   4.685   1.00 45.14  ? 51  LYS A N   1 
ATOM   429  C  CA  . LYS A 1 52  ? -4.058  5.918   3.377   1.00 43.55  ? 51  LYS A CA  1 
ATOM   430  C  C   . LYS A 1 52  ? -2.757  6.745   3.229   1.00 47.88  ? 51  LYS A C   1 
ATOM   431  O  O   . LYS A 1 52  ? -2.518  7.694   4.046   1.00 47.29  ? 51  LYS A O   1 
ATOM   432  C  CB  . LYS A 1 52  ? -5.319  6.751   3.249   1.00 42.22  ? 51  LYS A CB  1 
ATOM   433  C  CG  . LYS A 1 52  ? -5.498  7.393   1.895   1.00 52.91  ? 51  LYS A CG  1 
ATOM   434  C  CD  . LYS A 1 52  ? -6.773  8.163   1.847   1.00 56.30  ? 51  LYS A CD  1 
ATOM   435  C  CE  . LYS A 1 52  ? -6.726  9.440   2.664   1.00 60.95  ? 51  LYS A CE  1 
ATOM   436  N  NZ  . LYS A 1 52  ? -7.911  10.273  2.362   1.00 57.89  ? 51  LYS A NZ  1 
ATOM   437  N  N   . PHE A 1 53  ? -1.963  6.427   2.196   1.00 42.52  ? 52  PHE A N   1 
ATOM   438  C  CA  . PHE A 1 53  ? -0.610  6.998   1.939   1.00 39.09  ? 52  PHE A CA  1 
ATOM   439  C  C   . PHE A 1 53  ? -0.600  7.667   0.562   1.00 38.94  ? 52  PHE A C   1 
ATOM   440  O  O   . PHE A 1 53  ? -1.162  7.105   -0.418  1.00 36.83  ? 52  PHE A O   1 
ATOM   441  C  CB  . PHE A 1 53  ? 0.429   5.888   2.012   1.00 39.04  ? 52  PHE A CB  1 
ATOM   442  C  CG  . PHE A 1 53  ? 0.593   5.374   3.413   1.00 46.94  ? 52  PHE A CG  1 
ATOM   443  C  CD1 . PHE A 1 53  ? -0.241  4.390   3.911   1.00 46.97  ? 52  PHE A CD1 1 
ATOM   444  C  CD2 . PHE A 1 53  ? 1.539   5.931   4.260   1.00 50.09  ? 52  PHE A CD2 1 
ATOM   445  C  CE1 . PHE A 1 53  ? -0.113  3.950   5.223   1.00 48.70  ? 52  PHE A CE1 1 
ATOM   446  C  CE2 . PHE A 1 53  ? 1.674   5.484   5.572   1.00 58.09  ? 52  PHE A CE2 1 
ATOM   447  C  CZ  . PHE A 1 53  ? 0.831   4.499   6.052   1.00 48.14  ? 52  PHE A CZ  1 
ATOM   448  N  N   . LEU A 1 54  ? -0.013  8.853   0.475   1.00 36.84  ? 53  LEU A N   1 
ATOM   449  C  CA  . LEU A 1 54  ? 0.163   9.546   -0.818  1.00 39.12  ? 53  LEU A CA  1 
ATOM   450  C  C   . LEU A 1 54  ? 1.622   9.383   -1.214  1.00 37.38  ? 53  LEU A C   1 
ATOM   451  O  O   . LEU A 1 54  ? 2.455   10.134  -0.717  1.00 40.26  ? 53  LEU A O   1 
ATOM   452  C  CB  . LEU A 1 54  ? -0.265  11.009  -0.701  1.00 40.22  ? 53  LEU A CB  1 
ATOM   453  C  CG  . LEU A 1 54  ? -1.706  11.262  -0.246  1.00 42.74  ? 53  LEU A CG  1 
ATOM   454  C  CD1 . LEU A 1 54  ? -2.023  12.735  -0.345  1.00 51.22  ? 53  LEU A CD1 1 
ATOM   455  C  CD2 . LEU A 1 54  ? -2.724  10.452  -1.033  1.00 46.79  ? 53  LEU A CD2 1 
ATOM   456  N  N   . VAL A 1 55  ? 1.911   8.458   -2.111  1.00 33.51  ? 54  VAL A N   1 
ATOM   457  C  CA  . VAL A 1 55  ? 3.314   8.113   -2.494  1.00 33.86  ? 54  VAL A CA  1 
ATOM   458  C  C   . VAL A 1 55  ? 3.709   8.913   -3.742  1.00 34.20  ? 54  VAL A C   1 
ATOM   459  O  O   . VAL A 1 55  ? 2.986   8.921   -4.723  1.00 39.10  ? 54  VAL A O   1 
ATOM   460  C  CB  . VAL A 1 55  ? 3.475   6.586   -2.615  1.00 33.28  ? 54  VAL A CB  1 
ATOM   461  C  CG1 . VAL A 1 55  ? 4.910   6.167   -2.910  1.00 34.19  ? 54  VAL A CG1 1 
ATOM   462  C  CG2 . VAL A 1 55  ? 2.990   5.892   -1.349  1.00 41.09  ? 54  VAL A CG2 1 
ATOM   463  N  N   . PRO A 1 56  ? 4.822   9.688   -3.709  1.00 41.65  ? 55  PRO A N   1 
ATOM   464  C  CA  . PRO A 1 56  ? 5.391   10.326  -4.907  1.00 37.45  ? 55  PRO A CA  1 
ATOM   465  C  C   . PRO A 1 56  ? 5.486   9.310   -6.041  1.00 34.96  ? 55  PRO A C   1 
ATOM   466  O  O   . PRO A 1 56  ? 6.083   8.252   -5.817  1.00 34.38  ? 55  PRO A O   1 
ATOM   467  C  CB  . PRO A 1 56  ? 6.818   10.754  -4.512  1.00 34.12  ? 55  PRO A CB  1 
ATOM   468  C  CG  . PRO A 1 56  ? 6.761   10.838  -2.995  1.00 43.57  ? 55  PRO A CG  1 
ATOM   469  C  CD  . PRO A 1 56  ? 5.670   9.899   -2.531  1.00 38.90  ? 55  PRO A CD  1 
ATOM   470  N  N   . ASP A 1 57  ? 4.950   9.642   -7.219  1.00 36.54  ? 56  ASP A N   1 
ATOM   471  C  CA  . ASP A 1 57  ? 4.732   8.688   -8.340  1.00 35.14  ? 56  ASP A CA  1 
ATOM   472  C  C   . ASP A 1 57  ? 6.056   8.244   -9.020  1.00 34.18  ? 56  ASP A C   1 
ATOM   473  O  O   . ASP A 1 57  ? 6.000   7.274   -9.842  1.00 37.26  ? 56  ASP A O   1 
ATOM   474  C  CB  . ASP A 1 57  ? 3.677   9.247   -9.283  1.00 37.02  ? 56  ASP A CB  1 
ATOM   475  C  CG  . ASP A 1 57  ? 4.232   10.226  -10.318 1.00 43.22  ? 56  ASP A CG  1 
ATOM   476  O  OD1 . ASP A 1 57  ? 5.300   10.778  -10.061 1.00 38.54  ? 56  ASP A OD1 1 
ATOM   477  O  OD2 . ASP A 1 57  ? 3.600   10.360  -11.374 1.00 39.65  ? 56  ASP A OD2 1 
ATOM   478  N  N   . HIS A 1 58  ? 7.192   8.781   -8.614  1.00 36.75  ? 57  HIS A N   1 
ATOM   479  C  CA  . HIS A 1 58  ? 8.533   8.485   -9.195  1.00 40.70  ? 57  HIS A CA  1 
ATOM   480  C  C   . HIS A 1 58  ? 9.256   7.437   -8.349  1.00 40.25  ? 57  HIS A C   1 
ATOM   481  O  O   . HIS A 1 58  ? 10.241  6.865   -8.880  1.00 39.35  ? 57  HIS A O   1 
ATOM   482  C  CB  . HIS A 1 58  ? 9.443   9.736   -9.334  1.00 41.91  ? 57  HIS A CB  1 
ATOM   483  C  CG  . HIS A 1 58  ? 9.774   10.386  -8.039  1.00 41.41  ? 57  HIS A CG  1 
ATOM   484  N  ND1 . HIS A 1 58  ? 10.893  10.030  -7.297  1.00 49.31  ? 57  HIS A ND1 1 
ATOM   485  C  CD2 . HIS A 1 58  ? 9.097   11.298  -7.309  1.00 45.01  ? 57  HIS A CD2 1 
ATOM   486  C  CE1 . HIS A 1 58  ? 10.910  10.712  -6.169  1.00 49.53  ? 57  HIS A CE1 1 
ATOM   487  N  NE2 . HIS A 1 58  ? 9.811   11.497  -6.159  1.00 49.40  ? 57  HIS A NE2 1 
ATOM   488  N  N   . VAL A 1 59  ? 8.813   7.137   -7.123  1.00 34.21  ? 58  VAL A N   1 
ATOM   489  C  CA  . VAL A 1 59  ? 9.568   6.148   -6.296  1.00 41.03  ? 58  VAL A CA  1 
ATOM   490  C  C   . VAL A 1 59  ? 9.293   4.732   -6.849  1.00 44.26  ? 58  VAL A C   1 
ATOM   491  O  O   . VAL A 1 59  ? 8.154   4.431   -7.259  1.00 40.52  ? 58  VAL A O   1 
ATOM   492  C  CB  . VAL A 1 59  ? 9.310   6.277   -4.779  1.00 44.07  ? 58  VAL A CB  1 
ATOM   493  C  CG1 . VAL A 1 59  ? 9.448   7.726   -4.301  1.00 45.13  ? 58  VAL A CG1 1 
ATOM   494  C  CG2 . VAL A 1 59  ? 7.980   5.692   -4.400  1.00 45.06  ? 58  VAL A CG2 1 
ATOM   495  N  N   . ASN A 1 60  ? 10.297  3.864   -6.853  1.00 40.54  ? 59  ASN A N   1 
ATOM   496  C  CA  . ASN A 1 60  ? 10.105  2.444   -7.265  1.00 40.61  ? 59  ASN A CA  1 
ATOM   497  C  C   . ASN A 1 60  ? 9.736   1.573   -6.052  1.00 42.26  ? 59  ASN A C   1 
ATOM   498  O  O   . ASN A 1 60  ? 9.709   2.096   -4.920  1.00 32.29  ? 59  ASN A O   1 
ATOM   499  C  CB  . ASN A 1 60  ? 11.311  1.959   -8.060  1.00 41.13  ? 59  ASN A CB  1 
ATOM   500  C  CG  . ASN A 1 60  ? 12.541  1.767   -7.216  1.00 41.09  ? 59  ASN A CG  1 
ATOM   501  O  OD1 . ASN A 1 60  ? 12.467  1.545   -6.015  1.00 48.65  ? 59  ASN A OD1 1 
ATOM   502  N  ND2 . ASN A 1 60  ? 13.672  1.741   -7.874  1.00 48.20  ? 59  ASN A ND2 1 
ATOM   503  N  N   . MET A 1 61  ? 9.274   0.328   -6.276  1.00 38.63  ? 60  MET A N   1 
ATOM   504  C  CA  . MET A 1 61  ? 8.698   -0.477  -5.187  1.00 36.19  ? 60  MET A CA  1 
ATOM   505  C  C   . MET A 1 61  ? 9.736   -0.741  -4.097  1.00 38.77  ? 60  MET A C   1 
ATOM   506  O  O   . MET A 1 61  ? 9.348   -0.846  -2.924  1.00 36.42  ? 60  MET A O   1 
ATOM   507  C  CB  . MET A 1 61  ? 8.164   -1.820  -5.704  1.00 46.60  ? 60  MET A CB  1 
ATOM   508  C  CG  . MET A 1 61  ? 6.933   -1.696  -6.560  1.00 46.59  ? 60  MET A CG  1 
ATOM   509  S  SD  . MET A 1 61  ? 5.640   -0.674  -5.841  1.00 52.25  ? 60  MET A SD  1 
ATOM   510  C  CE  . MET A 1 61  ? 5.238   -1.604  -4.378  1.00 49.50  ? 60  MET A CE  1 
ATOM   511  N  N   A SER A 1 62  ? 11.006  -0.900  -4.486  0.47 37.98  ? 61  SER A N   1 
ATOM   512  N  N   B SER A 1 62  ? 11.008  -0.891  -4.488  0.04 37.83  ? 61  SER A N   1 
ATOM   513  C  CA  A SER A 1 62  ? 12.147  -1.133  -3.568  0.47 43.91  ? 61  SER A CA  1 
ATOM   514  C  CA  B SER A 1 62  ? 12.159  -1.134  -3.579  0.04 38.36  ? 61  SER A CA  1 
ATOM   515  C  C   A SER A 1 62  ? 12.235  0.031   -2.571  0.47 39.76  ? 61  SER A C   1 
ATOM   516  C  C   B SER A 1 62  ? 12.275  0.025   -2.582  0.04 38.20  ? 61  SER A C   1 
ATOM   517  O  O   A SER A 1 62  ? 12.329  -0.219  -1.364  0.47 39.36  ? 61  SER A O   1 
ATOM   518  O  O   B SER A 1 62  ? 12.484  -0.250  -1.388  0.04 38.53  ? 61  SER A O   1 
ATOM   519  C  CB  A SER A 1 62  ? 13.427  -1.301  -4.338  0.47 47.95  ? 61  SER A CB  1 
ATOM   520  C  CB  B SER A 1 62  ? 13.443  -1.337  -4.347  0.04 38.42  ? 61  SER A CB  1 
ATOM   521  O  OG  A SER A 1 62  ? 14.504  -1.525  -3.450  0.47 49.62  ? 61  SER A OG  1 
ATOM   522  O  OG  B SER A 1 62  ? 14.014  -0.097  -4.734  0.04 37.82  ? 61  SER A OG  1 
ATOM   523  N  N   . GLU A 1 63  ? 12.125  1.268   -3.053  1.00 38.48  ? 62  GLU A N   1 
ATOM   524  C  CA  . GLU A 1 63  ? 12.098  2.449   -2.141  1.00 37.11  ? 62  GLU A CA  1 
ATOM   525  C  C   . GLU A 1 63  ? 10.808  2.443   -1.311  1.00 34.46  ? 62  GLU A C   1 
ATOM   526  O  O   . GLU A 1 63  ? 10.858  2.823   -0.167  1.00 31.87  ? 62  GLU A O   1 
ATOM   527  C  CB  . GLU A 1 63  ? 12.295  3.744   -2.927  1.00 40.47  ? 62  GLU A CB  1 
ATOM   528  C  CG  . GLU A 1 63  ? 12.162  4.980   -2.078  1.00 37.57  ? 62  GLU A CG  1 
ATOM   529  C  CD  . GLU A 1 63  ? 13.138  5.085   -0.907  1.00 39.64  ? 62  GLU A CD  1 
ATOM   530  O  OE1 . GLU A 1 63  ? 14.194  4.414   -0.947  1.00 42.31  ? 62  GLU A OE1 1 
ATOM   531  O  OE2 . GLU A 1 63  ? 12.840  5.851   0.050   1.00 38.44  ? 62  GLU A OE2 1 
ATOM   532  N  N   . LEU A 1 64  ? 9.649   2.048   -1.834  1.00 38.74  ? 63  LEU A N   1 
ATOM   533  C  CA  . LEU A 1 64  ? 8.423   2.072   -1.010  1.00 35.21  ? 63  LEU A CA  1 
ATOM   534  C  C   . LEU A 1 64  ? 8.558   1.077   0.158   1.00 37.04  ? 63  LEU A C   1 
ATOM   535  O  O   . LEU A 1 64  ? 8.012   1.358   1.262   1.00 38.57  ? 63  LEU A O   1 
ATOM   536  C  CB  . LEU A 1 64  ? 7.170   1.767   -1.835  1.00 36.01  ? 63  LEU A CB  1 
ATOM   537  C  CG  . LEU A 1 64  ? 5.874   1.768   -1.010  1.00 41.58  ? 63  LEU A CG  1 
ATOM   538  C  CD1 . LEU A 1 64  ? 5.753   3.043   -0.168  1.00 43.95  ? 63  LEU A CD1 1 
ATOM   539  C  CD2 . LEU A 1 64  ? 4.643   1.600   -1.883  1.00 43.58  ? 63  LEU A CD2 1 
ATOM   540  N  N   . ILE A 1 65  ? 9.188   -0.069  -0.064  1.00 40.41  ? 64  ILE A N   1 
ATOM   541  C  CA  . ILE A 1 65  ? 9.432   -1.103  1.007   1.00 41.66  ? 64  ILE A CA  1 
ATOM   542  C  C   . ILE A 1 65  ? 10.302  -0.474  2.088   1.00 38.81  ? 64  ILE A C   1 
ATOM   543  O  O   . ILE A 1 65  ? 9.956   -0.586  3.269   1.00 45.56  ? 64  ILE A O   1 
ATOM   544  C  CB  . ILE A 1 65  ? 10.049  -2.394  0.417   1.00 42.89  ? 64  ILE A CB  1 
ATOM   545  C  CG1 . ILE A 1 65  ? 9.026   -3.165  -0.434  1.00 47.00  ? 64  ILE A CG1 1 
ATOM   546  C  CG2 . ILE A 1 65  ? 10.638  -3.285  1.519   1.00 48.55  ? 64  ILE A CG2 1 
ATOM   547  C  CD1 . ILE A 1 65  ? 9.637   -4.052  -1.499  1.00 50.49  ? 64  ILE A CD1 1 
ATOM   548  N  N   . LYS A 1 66  ? 11.371  0.223   1.691   1.00 41.02  ? 65  LYS A N   1 
ATOM   549  C  CA  . LYS A 1 66  ? 12.260  0.952   2.642   1.00 39.31  ? 65  LYS A CA  1 
ATOM   550  C  C   . LYS A 1 66  ? 11.482  1.973   3.461   1.00 41.49  ? 65  LYS A C   1 
ATOM   551  O  O   . LYS A 1 66  ? 11.682  2.040   4.679   1.00 39.44  ? 65  LYS A O   1 
ATOM   552  C  CB  . LYS A 1 66  ? 13.385  1.591   1.850   1.00 43.36  ? 65  LYS A CB  1 
ATOM   553  C  CG  . LYS A 1 66  ? 14.375  0.554   1.371   1.00 43.17  ? 65  LYS A CG  1 
ATOM   554  C  CD  . LYS A 1 66  ? 15.595  1.129   0.758   1.00 48.84  ? 65  LYS A CD  1 
ATOM   555  C  CE  . LYS A 1 66  ? 16.457  0.042   0.147   1.00 57.14  ? 65  LYS A CE  1 
ATOM   556  N  NZ  . LYS A 1 66  ? 16.945  0.452   -1.186  1.00 66.61  ? 65  LYS A NZ  1 
ATOM   557  N  N   . ILE A 1 67  ? 10.613  2.726   2.810   1.00 41.93  ? 66  ILE A N   1 
ATOM   558  C  CA  . ILE A 1 67  ? 9.761   3.757   3.460   1.00 37.34  ? 66  ILE A CA  1 
ATOM   559  C  C   . ILE A 1 67  ? 8.911   3.125   4.571   1.00 41.74  ? 66  ILE A C   1 
ATOM   560  O  O   . ILE A 1 67  ? 8.896   3.645   5.657   1.00 42.02  ? 66  ILE A O   1 
ATOM   561  C  CB  . ILE A 1 67  ? 8.898   4.468   2.406   1.00 35.80  ? 66  ILE A CB  1 
ATOM   562  C  CG1 . ILE A 1 67  ? 9.757   5.315   1.466   1.00 40.19  ? 66  ILE A CG1 1 
ATOM   563  C  CG2 . ILE A 1 67  ? 7.780   5.270   3.057   1.00 39.13  ? 66  ILE A CG2 1 
ATOM   564  C  CD1 . ILE A 1 67  ? 8.996   5.958   0.294   1.00 37.35  ? 66  ILE A CD1 1 
ATOM   565  N  N   A ILE A 1 68  ? 8.205   2.031   4.271   0.17 43.10  ? 67  ILE A N   1 
ATOM   566  N  N   B ILE A 1 68  ? 8.195   2.040   4.255   0.34 44.43  ? 67  ILE A N   1 
ATOM   567  C  CA  A ILE A 1 68  ? 7.255   1.384   5.227   0.17 43.87  ? 67  ILE A CA  1 
ATOM   568  C  CA  B ILE A 1 68  ? 7.260   1.356   5.198   0.34 45.46  ? 67  ILE A CA  1 
ATOM   569  C  C   A ILE A 1 68  ? 8.045   0.685   6.347   0.17 45.93  ? 67  ILE A C   1 
ATOM   570  C  C   B ILE A 1 68  ? 8.066   0.724   6.346   0.34 47.98  ? 67  ILE A C   1 
ATOM   571  O  O   A ILE A 1 68  ? 7.569   0.728   7.503   0.17 47.78  ? 67  ILE A O   1 
ATOM   572  O  O   B ILE A 1 68  ? 7.633   0.859   7.514   0.34 50.22  ? 67  ILE A O   1 
ATOM   573  C  CB  A ILE A 1 68  ? 6.288   0.430   4.503   0.17 45.20  ? 67  ILE A CB  1 
ATOM   574  C  CB  B ILE A 1 68  ? 6.392   0.315   4.466   0.34 49.02  ? 67  ILE A CB  1 
ATOM   575  C  CG1 A ILE A 1 68  ? 5.389   1.181   3.514   0.17 44.27  ? 67  ILE A CG1 1 
ATOM   576  C  CG1 B ILE A 1 68  ? 5.531   0.956   3.371   0.34 48.80  ? 67  ILE A CG1 1 
ATOM   577  C  CG2 A ILE A 1 68  ? 5.472   -0.361  5.515   0.17 46.30  ? 67  ILE A CG2 1 
ATOM   578  C  CG2 B ILE A 1 68  ? 5.545   -0.444  5.478   0.34 51.88  ? 67  ILE A CG2 1 
ATOM   579  C  CD1 A ILE A 1 68  ? 4.843   2.488   4.051   0.17 43.16  ? 67  ILE A CD1 1 
ATOM   580  C  CD1 B ILE A 1 68  ? 5.032   -0.018  2.330   0.34 47.89  ? 67  ILE A CD1 1 
ATOM   581  N  N   . ARG A 1 69  ? 9.202   0.086   6.031   1.00 45.18  ? 68  ARG A N   1 
ATOM   582  C  CA  . ARG A 1 69  ? 10.109  -0.512  7.059   1.00 46.43  ? 68  ARG A CA  1 
ATOM   583  C  C   . ARG A 1 69  ? 10.588  0.589   8.006   1.00 48.13  ? 68  ARG A C   1 
ATOM   584  O  O   . ARG A 1 69  ? 10.744  0.316   9.201   1.00 52.63  ? 68  ARG A O   1 
ATOM   585  C  CB  . ARG A 1 69  ? 11.335  -1.195  6.446   1.00 41.03  ? 68  ARG A CB  1 
ATOM   586  C  CG  . ARG A 1 69  ? 11.079  -2.543  5.796   1.00 43.38  ? 68  ARG A CG  1 
ATOM   587  C  CD  . ARG A 1 69  ? 12.351  -3.137  5.175   1.00 46.56  ? 68  ARG A CD  1 
ATOM   588  N  NE  . ARG A 1 69  ? 13.291  -3.502  6.230   1.00 51.08  ? 68  ARG A NE  1 
ATOM   589  C  CZ  . ARG A 1 69  ? 13.217  -4.610  6.987   1.00 58.22  ? 68  ARG A CZ  1 
ATOM   590  N  NH1 . ARG A 1 69  ? 12.282  -5.533  6.764   1.00 53.30  ? 68  ARG A NH1 1 
ATOM   591  N  NH2 . ARG A 1 69  ? 14.105  -4.798  7.952   1.00 51.87  ? 68  ARG A NH2 1 
ATOM   592  N  N   . ARG A 1 70  ? 10.798  1.800   7.507   1.00 41.51  ? 69  ARG A N   1 
ATOM   593  C  CA  . ARG A 1 70  ? 11.178  2.961   8.360   1.00 40.21  ? 69  ARG A CA  1 
ATOM   594  C  C   . ARG A 1 70  ? 9.962   3.422   9.160   1.00 42.92  ? 69  ARG A C   1 
ATOM   595  O  O   . ARG A 1 70  ? 10.125  3.750   10.328  1.00 52.16  ? 69  ARG A O   1 
ATOM   596  C  CB  . ARG A 1 70  ? 11.798  4.100   7.550   1.00 40.86  ? 69  ARG A CB  1 
ATOM   597  C  CG  . ARG A 1 70  ? 13.248  3.864   7.149   1.00 43.83  ? 69  ARG A CG  1 
ATOM   598  C  CD  . ARG A 1 70  ? 13.925  5.098   6.599   1.00 40.16  ? 69  ARG A CD  1 
ATOM   599  N  NE  . ARG A 1 70  ? 13.453  5.647   5.323   1.00 38.53  ? 69  ARG A NE  1 
ATOM   600  C  CZ  . ARG A 1 70  ? 13.936  5.360   4.111   1.00 41.02  ? 69  ARG A CZ  1 
ATOM   601  N  NH1 . ARG A 1 70  ? 14.865  4.429   3.975   1.00 39.33  ? 69  ARG A NH1 1 
ATOM   602  N  NH2 . ARG A 1 70  ? 13.462  5.981   3.025   1.00 35.29  ? 69  ARG A NH2 1 
ATOM   603  N  N   . ARG A 1 71  ? 8.781   3.421   8.553   1.00 42.98  ? 70  ARG A N   1 
ATOM   604  C  CA  . ARG A 1 71  ? 7.530   3.825   9.220   1.00 45.44  ? 70  ARG A CA  1 
ATOM   605  C  C   . ARG A 1 71  ? 7.230   2.871   10.393  1.00 55.46  ? 70  ARG A C   1 
ATOM   606  O  O   . ARG A 1 71  ? 6.813   3.387   11.447  1.00 52.48  ? 70  ARG A O   1 
ATOM   607  C  CB  . ARG A 1 71  ? 6.393   3.895   8.213   1.00 46.75  ? 70  ARG A CB  1 
ATOM   608  C  CG  . ARG A 1 71  ? 5.140   4.531   8.780   1.00 54.76  ? 70  ARG A CG  1 
ATOM   609  C  CD  . ARG A 1 71  ? 4.556   5.573   7.876   1.00 61.03  ? 70  ARG A CD  1 
ATOM   610  N  NE  . ARG A 1 71  ? 3.615   6.449   8.581   1.00 63.41  ? 70  ARG A NE  1 
ATOM   611  C  CZ  . ARG A 1 71  ? 3.387   7.713   8.251   1.00 58.02  ? 70  ARG A CZ  1 
ATOM   612  N  NH1 . ARG A 1 71  ? 4.056   8.270   7.247   1.00 53.04  ? 70  ARG A NH1 1 
ATOM   613  N  NH2 . ARG A 1 71  ? 2.508   8.430   8.943   1.00 55.98  ? 70  ARG A NH2 1 
ATOM   614  N  N   . LEU A 1 72  ? 7.450   1.561   10.209  1.00 54.23  ? 71  LEU A N   1 
ATOM   615  C  CA  . LEU A 1 72  ? 7.289   0.501   11.250  1.00 57.48  ? 71  LEU A CA  1 
ATOM   616  C  C   . LEU A 1 72  ? 8.481   0.511   12.223  1.00 59.39  ? 71  LEU A C   1 
ATOM   617  O  O   . LEU A 1 72  ? 8.385   -0.176  13.244  1.00 64.27  ? 71  LEU A O   1 
ATOM   618  C  CB  . LEU A 1 72  ? 7.187   -0.864  10.565  1.00 54.03  ? 71  LEU A CB  1 
ATOM   619  C  CG  . LEU A 1 72  ? 5.908   -1.137  9.780   1.00 53.85  ? 71  LEU A CG  1 
ATOM   620  C  CD1 . LEU A 1 72  ? 6.039   -2.395  8.923   1.00 58.67  ? 71  LEU A CD1 1 
ATOM   621  C  CD2 . LEU A 1 72  ? 4.708   -1.232  10.696  1.00 55.80  ? 71  LEU A CD2 1 
ATOM   622  N  N   . GLN A 1 73  ? 9.543   1.271   11.925  1.00 57.55  ? 72  GLN A N   1 
ATOM   623  C  CA  . GLN A 1 73  ? 10.811  1.355   12.704  1.00 59.83  ? 72  GLN A CA  1 
ATOM   624  C  C   . GLN A 1 73  ? 11.408  -0.053  12.905  1.00 63.11  ? 72  GLN A C   1 
ATOM   625  O  O   . GLN A 1 73  ? 11.981  -0.320  13.970  1.00 70.28  ? 72  GLN A O   1 
ATOM   626  C  CB  . GLN A 1 73  ? 10.565  2.121   14.010  1.00 64.26  ? 72  GLN A CB  1 
ATOM   627  C  CG  . GLN A 1 73  ? 10.569  3.637   13.853  1.00 64.17  ? 72  GLN A CG  1 
ATOM   628  C  CD  . GLN A 1 73  ? 11.945  4.229   13.607  1.00 69.64  ? 72  GLN A CD  1 
ATOM   629  O  OE1 . GLN A 1 73  ? 12.748  4.371   14.531  1.00 60.51  ? 72  GLN A OE1 1 
ATOM   630  N  NE2 . GLN A 1 73  ? 12.234  4.611   12.359  1.00 65.65  ? 72  GLN A NE2 1 
ATOM   631  N  N   . LEU A 1 74  ? 11.346  -0.914  11.887  1.00 58.66  ? 73  LEU A N   1 
ATOM   632  C  CA  . LEU A 1 74  ? 11.929  -2.290  11.899  1.00 59.36  ? 73  LEU A CA  1 
ATOM   633  C  C   . LEU A 1 74  ? 13.454  -2.230  12.046  1.00 53.26  ? 73  LEU A C   1 
ATOM   634  O  O   . LEU A 1 74  ? 14.043  -1.200  11.763  1.00 59.86  ? 73  LEU A O   1 
ATOM   635  C  CB  . LEU A 1 74  ? 11.555  -3.026  10.603  1.00 55.36  ? 73  LEU A CB  1 
ATOM   636  C  CG  . LEU A 1 74  ? 10.060  -3.227  10.353  1.00 51.77  ? 73  LEU A CG  1 
ATOM   637  C  CD1 . LEU A 1 74  ? 9.833   -4.253  9.267   1.00 55.23  ? 73  LEU A CD1 1 
ATOM   638  C  CD2 . LEU A 1 74  ? 9.340   -3.651  11.627  1.00 57.98  ? 73  LEU A CD2 1 
ATOM   639  N  N   . ASN A 1 75  ? 14.065  -3.329  12.483  1.00 62.90  ? 74  ASN A N   1 
ATOM   640  C  CA  . ASN A 1 75  ? 15.542  -3.512  12.469  1.00 62.61  ? 74  ASN A CA  1 
ATOM   641  C  C   . ASN A 1 75  ? 15.871  -4.496  11.348  1.00 57.83  ? 74  ASN A C   1 
ATOM   642  O  O   . ASN A 1 75  ? 14.925  -5.068  10.724  1.00 54.19  ? 74  ASN A O   1 
ATOM   643  C  CB  . ASN A 1 75  ? 16.118  -3.907  13.838  1.00 78.13  ? 74  ASN A CB  1 
ATOM   644  C  CG  . ASN A 1 75  ? 15.456  -5.131  14.441  1.00 80.25  ? 74  ASN A CG  1 
ATOM   645  O  OD1 . ASN A 1 75  ? 15.520  -6.226  13.878  1.00 74.42  ? 74  ASN A OD1 1 
ATOM   646  N  ND2 . ASN A 1 75  ? 14.801  -4.948  15.581  1.00 83.10  ? 74  ASN A ND2 1 
ATOM   647  N  N   . ALA A 1 76  ? 17.163  -4.677  11.110  1.00 62.46  ? 75  ALA A N   1 
ATOM   648  C  CA  . ALA A 1 76  ? 17.716  -5.190  9.847   1.00 69.23  ? 75  ALA A CA  1 
ATOM   649  C  C   . ALA A 1 76  ? 17.310  -6.649  9.640   1.00 81.59  ? 75  ALA A C   1 
ATOM   650  O  O   . ALA A 1 76  ? 17.353  -7.077  8.483   1.00 92.48  ? 75  ALA A O   1 
ATOM   651  C  CB  . ALA A 1 76  ? 19.211  -5.017  9.850   1.00 77.42  ? 75  ALA A CB  1 
ATOM   652  N  N   . ASN A 1 77  ? 16.933  -7.395  10.686  1.00 89.82  ? 76  ASN A N   1 
ATOM   653  C  CA  . ASN A 1 77  ? 16.685  -8.857  10.519  1.00 93.52  ? 76  ASN A CA  1 
ATOM   654  C  C   . ASN A 1 77  ? 15.211  -9.218  10.770  1.00 90.08  ? 76  ASN A C   1 
ATOM   655  O  O   . ASN A 1 77  ? 14.908  -10.422 10.653  1.00 113.88 ? 76  ASN A O   1 
ATOM   656  C  CB  . ASN A 1 77  ? 17.672  -9.708  11.327  1.00 98.73  ? 76  ASN A CB  1 
ATOM   657  C  CG  . ASN A 1 77  ? 17.637  -9.441  12.814  1.00 100.79 ? 76  ASN A CG  1 
ATOM   658  O  OD1 . ASN A 1 77  ? 17.009  -8.484  13.263  1.00 112.73 ? 76  ASN A OD1 1 
ATOM   659  N  ND2 . ASN A 1 77  ? 18.317  -10.282 13.576  1.00 103.85 ? 76  ASN A ND2 1 
ATOM   660  N  N   . GLN A 1 78  ? 14.318  -8.248  11.030  1.00 72.73  ? 77  GLN A N   1 
ATOM   661  C  CA  . GLN A 1 78  ? 12.849  -8.483  10.951  1.00 69.35  ? 77  GLN A CA  1 
ATOM   662  C  C   . GLN A 1 78  ? 12.516  -8.677  9.472   1.00 64.73  ? 77  GLN A C   1 
ATOM   663  O  O   . GLN A 1 78  ? 13.108  -7.969  8.634   1.00 62.25  ? 77  GLN A O   1 
ATOM   664  C  CB  . GLN A 1 78  ? 12.033  -7.361  11.602  1.00 66.37  ? 77  GLN A CB  1 
ATOM   665  C  CG  . GLN A 1 78  ? 12.352  -7.183  13.080  1.00 71.65  ? 77  GLN A CG  1 
ATOM   666  C  CD  . GLN A 1 78  ? 11.788  -5.920  13.688  1.00 76.87  ? 77  GLN A CD  1 
ATOM   667  O  OE1 . GLN A 1 78  ? 12.496  -4.936  13.901  1.00 76.85  ? 77  GLN A OE1 1 
ATOM   668  N  NE2 . GLN A 1 78  ? 10.502  -5.935  13.992  1.00 72.71  ? 77  GLN A NE2 1 
ATOM   669  N  N   . ALA A 1 79  ? 11.695  -9.677  9.147   1.00 63.92  ? 78  ALA A N   1 
ATOM   670  C  CA  . ALA A 1 79  ? 11.268  -9.936  7.757   1.00 58.33  ? 78  ALA A CA  1 
ATOM   671  C  C   . ALA A 1 79  ? 10.061  -9.045  7.495   1.00 58.41  ? 78  ALA A C   1 
ATOM   672  O  O   . ALA A 1 79  ? 9.407   -8.638  8.474   1.00 57.16  ? 78  ALA A O   1 
ATOM   673  C  CB  . ALA A 1 79  ? 10.944  -11.386 7.494   1.00 67.39  ? 78  ALA A CB  1 
ATOM   674  N  N   . PHE A 1 80  ? 9.846   -8.726  6.220   1.00 54.26  ? 79  PHE A N   1 
ATOM   675  C  CA  . PHE A 1 80  ? 8.731   -7.886  5.745   1.00 54.00  ? 79  PHE A CA  1 
ATOM   676  C  C   . PHE A 1 80  ? 8.468   -8.261  4.286   1.00 56.75  ? 79  PHE A C   1 
ATOM   677  O  O   . PHE A 1 80  ? 9.438   -8.355  3.474   1.00 56.58  ? 79  PHE A O   1 
ATOM   678  C  CB  . PHE A 1 80  ? 9.077   -6.424  6.004   1.00 55.61  ? 79  PHE A CB  1 
ATOM   679  C  CG  . PHE A 1 80  ? 8.105   -5.445  5.424   1.00 49.79  ? 79  PHE A CG  1 
ATOM   680  C  CD1 . PHE A 1 80  ? 7.056   -4.974  6.180   1.00 51.91  ? 79  PHE A CD1 1 
ATOM   681  C  CD2 . PHE A 1 80  ? 8.253   -4.998  4.123   1.00 53.37  ? 79  PHE A CD2 1 
ATOM   682  C  CE1 . PHE A 1 80  ? 6.175   -4.052  5.656   1.00 51.83  ? 79  PHE A CE1 1 
ATOM   683  C  CE2 . PHE A 1 80  ? 7.358   -4.084  3.597   1.00 44.45  ? 79  PHE A CE2 1 
ATOM   684  C  CZ  . PHE A 1 80  ? 6.321   -3.617  4.360   1.00 48.76  ? 79  PHE A CZ  1 
ATOM   685  N  N   . PHE A 1 81  ? 7.203   -8.591  4.007   1.00 56.55  ? 80  PHE A N   1 
ATOM   686  C  CA  . PHE A 1 81  ? 6.702   -8.983  2.665   1.00 56.42  ? 80  PHE A CA  1 
ATOM   687  C  C   . PHE A 1 81  ? 5.542   -8.049  2.384   1.00 48.58  ? 80  PHE A C   1 
ATOM   688  O  O   . PHE A 1 81  ? 4.783   -7.728  3.314   1.00 49.95  ? 80  PHE A O   1 
ATOM   689  C  CB  . PHE A 1 81  ? 6.360   -10.478 2.602   1.00 58.04  ? 80  PHE A CB  1 
ATOM   690  C  CG  . PHE A 1 81  ? 7.553   -11.338 2.925   1.00 57.51  ? 80  PHE A CG  1 
ATOM   691  C  CD1 . PHE A 1 81  ? 7.792   -11.756 4.233   1.00 65.20  ? 80  PHE A CD1 1 
ATOM   692  C  CD2 . PHE A 1 81  ? 8.505   -11.615 1.947   1.00 57.62  ? 80  PHE A CD2 1 
ATOM   693  C  CE1 . PHE A 1 81  ? 8.927   -12.499 4.539   1.00 63.72  ? 80  PHE A CE1 1 
ATOM   694  C  CE2 . PHE A 1 81  ? 9.629   -12.373 2.251   1.00 59.72  ? 80  PHE A CE2 1 
ATOM   695  C  CZ  . PHE A 1 81  ? 9.837   -12.810 3.543   1.00 62.81  ? 80  PHE A CZ  1 
ATOM   696  N  N   . LEU A 1 82  ? 5.509   -7.549  1.161   1.00 50.33  ? 81  LEU A N   1 
ATOM   697  C  CA  . LEU A 1 82  ? 4.505   -6.576  0.705   1.00 50.80  ? 81  LEU A CA  1 
ATOM   698  C  C   . LEU A 1 82  ? 3.787   -7.164  -0.501  1.00 52.01  ? 81  LEU A C   1 
ATOM   699  O  O   . LEU A 1 82  ? 4.471   -7.444  -1.500  1.00 52.21  ? 81  LEU A O   1 
ATOM   700  C  CB  . LEU A 1 82  ? 5.223   -5.275  0.357   1.00 58.05  ? 81  LEU A CB  1 
ATOM   701  C  CG  . LEU A 1 82  ? 4.298   -4.099  0.082   1.00 53.88  ? 81  LEU A CG  1 
ATOM   702  C  CD1 . LEU A 1 82  ? 3.533   -3.726  1.353   1.00 48.09  ? 81  LEU A CD1 1 
ATOM   703  C  CD2 . LEU A 1 82  ? 5.108   -2.939  -0.475  1.00 55.69  ? 81  LEU A CD2 1 
ATOM   704  N  N   . LEU A 1 83  ? 2.480   -7.421  -0.364  1.00 47.36  ? 82  LEU A N   1 
ATOM   705  C  CA  . LEU A 1 83  ? 1.630   -7.851  -1.500  1.00 47.99  ? 82  LEU A CA  1 
ATOM   706  C  C   . LEU A 1 83  ? 1.004   -6.614  -2.118  1.00 46.31  ? 82  LEU A C   1 
ATOM   707  O  O   . LEU A 1 83  ? 0.675   -5.649  -1.385  1.00 47.43  ? 82  LEU A O   1 
ATOM   708  C  CB  . LEU A 1 83  ? 0.541   -8.794  -0.999  1.00 56.00  ? 82  LEU A CB  1 
ATOM   709  C  CG  . LEU A 1 83  ? 1.045   -10.125 -0.449  1.00 58.30  ? 82  LEU A CG  1 
ATOM   710  C  CD1 . LEU A 1 83  ? -0.125  -11.050 -0.206  1.00 61.02  ? 82  LEU A CD1 1 
ATOM   711  C  CD2 . LEU A 1 83  ? 2.036   -10.780 -1.397  1.00 60.39  ? 82  LEU A CD2 1 
ATOM   712  N  N   . VAL A 1 84  ? 0.866   -6.634  -3.425  1.00 40.92  ? 83  VAL A N   1 
ATOM   713  C  CA  . VAL A 1 84  ? 0.193   -5.541  -4.172  1.00 44.31  ? 83  VAL A CA  1 
ATOM   714  C  C   . VAL A 1 84  ? -0.971  -6.207  -4.896  1.00 43.00  ? 83  VAL A C   1 
ATOM   715  O  O   . VAL A 1 84  ? -0.676  -7.137  -5.657  1.00 38.97  ? 83  VAL A O   1 
ATOM   716  C  CB  . VAL A 1 84  ? 1.159   -4.845  -5.158  1.00 45.33  ? 83  VAL A CB  1 
ATOM   717  C  CG1 . VAL A 1 84  ? 0.450   -3.758  -5.936  1.00 51.18  ? 83  VAL A CG1 1 
ATOM   718  C  CG2 . VAL A 1 84  ? 2.393   -4.286  -4.462  1.00 51.07  ? 83  VAL A CG2 1 
ATOM   719  N  N   . ASN A 1 85  ? -2.180  -5.641  -4.769  1.00 40.36  ? 84  ASN A N   1 
ATOM   720  C  CA  . ASN A 1 85  ? -3.406  -6.072  -5.485  1.00 43.12  ? 84  ASN A CA  1 
ATOM   721  C  C   . ASN A 1 85  ? -3.561  -7.583  -5.252  1.00 43.76  ? 84  ASN A C   1 
ATOM   722  O  O   . ASN A 1 85  ? -3.839  -8.296  -6.195  1.00 47.74  ? 84  ASN A O   1 
ATOM   723  C  CB  . ASN A 1 85  ? -3.309  -5.629  -6.943  1.00 44.95  ? 84  ASN A CB  1 
ATOM   724  C  CG  . ASN A 1 85  ? -4.467  -6.073  -7.810  1.00 46.89  ? 84  ASN A CG  1 
ATOM   725  O  OD1 . ASN A 1 85  ? -5.615  -6.039  -7.385  1.00 45.23  ? 84  ASN A OD1 1 
ATOM   726  N  ND2 . ASN A 1 85  ? -4.167  -6.452  -9.040  1.00 48.49  ? 84  ASN A ND2 1 
ATOM   727  N  N   . GLY A 1 86  ? -3.252  -8.051  -4.040  1.00 42.54  ? 85  GLY A N   1 
ATOM   728  C  CA  . GLY A 1 86  ? -3.446  -9.452  -3.653  1.00 48.36  ? 85  GLY A CA  1 
ATOM   729  C  C   . GLY A 1 86  ? -2.270  -10.384 -3.917  1.00 52.59  ? 85  GLY A C   1 
ATOM   730  O  O   . GLY A 1 86  ? -2.377  -11.497 -3.437  1.00 54.35  ? 85  GLY A O   1 
ATOM   731  N  N   . HIS A 1 87  ? -1.244  -10.039 -4.704  1.00 41.04  ? 86  HIS A N   1 
ATOM   732  C  CA  . HIS A 1 87  ? -0.192  -10.989 -5.147  1.00 42.78  ? 86  HIS A CA  1 
ATOM   733  C  C   . HIS A 1 87  ? 1.209   -10.407 -4.894  1.00 47.68  ? 86  HIS A C   1 
ATOM   734  O  O   . HIS A 1 87  ? 1.312   -9.204  -4.631  1.00 43.86  ? 86  HIS A O   1 
ATOM   735  C  CB  . HIS A 1 87  ? -0.372  -11.296 -6.621  1.00 44.67  ? 86  HIS A CB  1 
ATOM   736  C  CG  . HIS A 1 87  ? -0.408  -10.107 -7.510  1.00 46.35  ? 86  HIS A CG  1 
ATOM   737  N  ND1 . HIS A 1 87  ? 0.761   -9.507  -7.999  1.00 54.73  ? 86  HIS A ND1 1 
ATOM   738  C  CD2 . HIS A 1 87  ? -1.446  -9.417  -8.020  1.00 48.21  ? 86  HIS A CD2 1 
ATOM   739  C  CE1 . HIS A 1 87  ? 0.426   -8.502  -8.781  1.00 53.06  ? 86  HIS A CE1 1 
ATOM   740  N  NE2 . HIS A 1 87  ? -0.933  -8.437  -8.818  1.00 51.29  ? 86  HIS A NE2 1 
ATOM   741  N  N   A SER A 1 88  ? 2.246   -11.248 -4.956  0.06 46.16  ? 87  SER A N   1 
ATOM   742  N  N   B SER A 1 88  ? 2.240   -11.259 -4.980  0.44 44.48  ? 87  SER A N   1 
ATOM   743  C  CA  A SER A 1 88  ? 3.663   -10.847 -4.754  0.06 47.70  ? 87  SER A CA  1 
ATOM   744  C  CA  B SER A 1 88  ? 3.682   -10.902 -4.871  0.44 53.62  ? 87  SER A CA  1 
ATOM   745  C  C   A SER A 1 88  ? 4.092   -9.922  -5.900  0.06 48.75  ? 87  SER A C   1 
ATOM   746  C  C   B SER A 1 88  ? 4.015   -9.833  -5.910  0.44 49.44  ? 87  SER A C   1 
ATOM   747  O  O   A SER A 1 88  ? 3.583   -10.099 -7.022  0.06 49.10  ? 87  SER A O   1 
ATOM   748  O  O   B SER A 1 88  ? 3.401   -9.861  -6.988  0.44 55.54  ? 87  SER A O   1 
ATOM   749  C  CB  A SER A 1 88  ? 4.566   -12.050 -4.642  0.06 46.89  ? 87  SER A CB  1 
ATOM   750  C  CB  B SER A 1 88  ? 4.582   -12.094 -5.105  0.44 54.76  ? 87  SER A CB  1 
ATOM   751  O  OG  A SER A 1 88  ? 4.704   -12.705 -5.894  0.06 45.06  ? 87  SER A OG  1 
ATOM   752  O  OG  B SER A 1 88  ? 4.501   -13.013 -4.039  0.44 57.49  ? 87  SER A OG  1 
ATOM   753  N  N   . MET A 1 89  ? 4.982   -8.969  -5.611  1.00 50.59  ? 88  MET A N   1 
ATOM   754  C  CA  . MET A 1 89  ? 5.520   -8.020  -6.607  1.00 55.24  ? 88  MET A CA  1 
ATOM   755  C  C   . MET A 1 89  ? 6.411   -8.781  -7.589  1.00 55.91  ? 88  MET A C   1 
ATOM   756  O  O   . MET A 1 89  ? 7.284   -9.557  -7.145  1.00 55.53  ? 88  MET A O   1 
ATOM   757  C  CB  . MET A 1 89  ? 6.344   -6.965  -5.889  1.00 62.06  ? 88  MET A CB  1 
ATOM   758  C  CG  . MET A 1 89  ? 5.467   -5.941  -5.223  1.00 70.03  ? 88  MET A CG  1 
ATOM   759  S  SD  . MET A 1 89  ? 6.433   -5.012  -4.040  1.00 72.49  ? 88  MET A SD  1 
ATOM   760  C  CE  . MET A 1 89  ? 8.072   -5.176  -4.734  1.00 60.76  ? 88  MET A CE  1 
ATOM   761  N  N   . VAL A 1 90  ? 6.176   -8.608  -8.879  1.00 56.19  ? 89  VAL A N   1 
ATOM   762  C  CA  . VAL A 1 90  ? 6.999   -9.292  -9.906  1.00 61.54  ? 89  VAL A CA  1 
ATOM   763  C  C   . VAL A 1 90  ? 8.419   -8.708  -9.825  1.00 61.75  ? 89  VAL A C   1 
ATOM   764  O  O   . VAL A 1 90  ? 9.364   -9.517  -9.949  1.00 50.04  ? 89  VAL A O   1 
ATOM   765  C  CB  . VAL A 1 90  ? 6.369   -9.149  -11.299 1.00 70.04  ? 89  VAL A CB  1 
ATOM   766  C  CG1 . VAL A 1 90  ? 7.340   -9.569  -12.391 1.00 68.20  ? 89  VAL A CG1 1 
ATOM   767  C  CG2 . VAL A 1 90  ? 5.072   -9.940  -11.382 1.00 77.96  ? 89  VAL A CG2 1 
ATOM   768  N  N   . SER A 1 91  ? 8.541   -7.376  -9.626  1.00 58.12  ? 90  SER A N   1 
ATOM   769  C  CA  . SER A 1 91  ? 9.819   -6.630  -9.430  1.00 60.41  ? 90  SER A CA  1 
ATOM   770  C  C   . SER A 1 91  ? 9.643   -5.370  -8.561  1.00 53.58  ? 90  SER A C   1 
ATOM   771  O  O   . SER A 1 91  ? 8.685   -4.590  -8.749  1.00 61.64  ? 90  SER A O   1 
ATOM   772  C  CB  . SER A 1 91  ? 10.500  -6.224  -10.736 1.00 59.97  ? 90  SER A CB  1 
ATOM   773  O  OG  . SER A 1 91  ? 11.844  -5.762  -10.470 1.00 60.60  ? 90  SER A OG  1 
ATOM   774  N  N   . VAL A 1 92  ? 10.663  -5.149  -7.739  1.00 60.17  ? 91  VAL A N   1 
ATOM   775  C  CA  . VAL A 1 92  ? 10.834  -3.982  -6.842  1.00 62.24  ? 91  VAL A CA  1 
ATOM   776  C  C   . VAL A 1 92  ? 11.438  -2.805  -7.632  1.00 56.39  ? 91  VAL A C   1 
ATOM   777  O  O   . VAL A 1 92  ? 11.509  -1.727  -7.073  1.00 52.19  ? 91  VAL A O   1 
ATOM   778  C  CB  . VAL A 1 92  ? 11.670  -4.388  -5.609  1.00 65.92  ? 91  VAL A CB  1 
ATOM   779  C  CG1 . VAL A 1 92  ? 11.120  -5.649  -4.951  1.00 69.22  ? 91  VAL A CG1 1 
ATOM   780  C  CG2 . VAL A 1 92  ? 13.148  -4.565  -5.932  1.00 74.52  ? 91  VAL A CG2 1 
ATOM   781  N  N   . SER A 1 93  ? 11.823  -2.961  -8.899  1.00 51.38  ? 92  SER A N   1 
ATOM   782  C  CA  . SER A 1 93  ? 12.491  -1.871  -9.639  1.00 52.24  ? 92  SER A CA  1 
ATOM   783  C  C   . SER A 1 93  ? 11.461  -1.066  -10.414 1.00 52.52  ? 92  SER A C   1 
ATOM   784  O  O   . SER A 1 93  ? 11.807  -0.038  -10.992 1.00 52.40  ? 92  SER A O   1 
ATOM   785  C  CB  . SER A 1 93  ? 13.549  -2.410  -10.547 1.00 69.98  ? 92  SER A CB  1 
ATOM   786  O  OG  . SER A 1 93  ? 12.998  -2.747  -11.809 1.00 78.44  ? 92  SER A OG  1 
ATOM   787  N  N   . THR A 1 94  ? 10.215  -1.518  -10.458 1.00 54.16  ? 93  THR A N   1 
ATOM   788  C  CA  . THR A 1 94  ? 9.171   -0.826  -11.249 1.00 51.84  ? 93  THR A CA  1 
ATOM   789  C  C   . THR A 1 94  ? 8.794   0.472   -10.527 1.00 50.72  ? 93  THR A C   1 
ATOM   790  O  O   . THR A 1 94  ? 8.606   0.466   -9.317  1.00 45.97  ? 93  THR A O   1 
ATOM   791  C  CB  . THR A 1 94  ? 7.920   -1.703  -11.405 1.00 55.50  ? 93  THR A CB  1 
ATOM   792  O  OG1 . THR A 1 94  ? 8.290   -3.088  -11.329 1.00 65.82  ? 93  THR A OG1 1 
ATOM   793  C  CG2 . THR A 1 94  ? 7.187   -1.377  -12.681 1.00 55.43  ? 93  THR A CG2 1 
ATOM   794  N  N   . PRO A 1 95  ? 8.703   1.600   -11.248 1.00 43.86  ? 94  PRO A N   1 
ATOM   795  C  CA  . PRO A 1 95  ? 8.163   2.856   -10.739 1.00 46.11  ? 94  PRO A CA  1 
ATOM   796  C  C   . PRO A 1 95  ? 6.688   2.754   -10.350 1.00 46.56  ? 94  PRO A C   1 
ATOM   797  O  O   . PRO A 1 95  ? 5.935   2.068   -11.044 1.00 45.30  ? 94  PRO A O   1 
ATOM   798  C  CB  . PRO A 1 95  ? 8.233   3.845   -11.894 1.00 46.27  ? 94  PRO A CB  1 
ATOM   799  C  CG  . PRO A 1 95  ? 9.244   3.230   -12.843 1.00 51.26  ? 94  PRO A CG  1 
ATOM   800  C  CD  . PRO A 1 95  ? 9.191   1.733   -12.627 1.00 52.01  ? 94  PRO A CD  1 
ATOM   801  N  N   . ILE A 1 96  ? 6.327   3.374   -9.221  1.00 38.55  ? 95  ILE A N   1 
ATOM   802  C  CA  . ILE A 1 96  ? 4.983   3.175   -8.636  1.00 36.79  ? 95  ILE A CA  1 
ATOM   803  C  C   . ILE A 1 96  ? 3.974   3.730   -9.646  1.00 36.21  ? 95  ILE A C   1 
ATOM   804  O  O   . ILE A 1 96  ? 2.881   3.186   -9.670  1.00 36.21  ? 95  ILE A O   1 
ATOM   805  C  CB  . ILE A 1 96  ? 4.831   3.666   -7.174  1.00 39.12  ? 95  ILE A CB  1 
ATOM   806  C  CG1 . ILE A 1 96  ? 3.560   3.054   -6.585  1.00 35.92  ? 95  ILE A CG1 1 
ATOM   807  C  CG2 . ILE A 1 96  ? 4.834   5.178   -7.055  1.00 36.86  ? 95  ILE A CG2 1 
ATOM   808  C  CD1 . ILE A 1 96  ? 3.291   3.381   -5.154  1.00 41.60  ? 95  ILE A CD1 1 
ATOM   809  N  N   . SER A 1 97  ? 4.305   4.719   -10.499 1.00 36.92  ? 96  SER A N   1 
ATOM   810  C  CA  . SER A 1 97  ? 3.327   5.247   -11.490 1.00 38.95  ? 96  SER A CA  1 
ATOM   811  C  C   . SER A 1 97  ? 2.888   4.104   -12.441 1.00 42.63  ? 96  SER A C   1 
ATOM   812  O  O   . SER A 1 97  ? 1.668   4.037   -12.756 1.00 36.93  ? 96  SER A O   1 
ATOM   813  C  CB  . SER A 1 97  ? 3.912   6.364   -12.299 1.00 37.72  ? 96  SER A CB  1 
ATOM   814  O  OG  . SER A 1 97  ? 5.198   5.952   -12.748 1.00 38.30  ? 96  SER A OG  1 
ATOM   815  N  N   . GLU A 1 98  ? 3.848   3.279   -12.900 1.00 42.59  ? 97  GLU A N   1 
ATOM   816  C  CA  . GLU A 1 98  ? 3.638   2.077   -13.766 1.00 46.00  ? 97  GLU A CA  1 
ATOM   817  C  C   . GLU A 1 98  ? 2.876   0.995   -12.997 1.00 48.04  ? 97  GLU A C   1 
ATOM   818  O  O   . GLU A 1 98  ? 1.959   0.390   -13.580 1.00 44.96  ? 97  GLU A O   1 
ATOM   819  C  CB  . GLU A 1 98  ? 4.956   1.417   -14.183 1.00 49.40  ? 97  GLU A CB  1 
ATOM   820  C  CG  . GLU A 1 98  ? 5.556   1.960   -15.473 1.00 68.95  ? 97  GLU A CG  1 
ATOM   821  C  CD  . GLU A 1 98  ? 6.966   1.432   -15.786 1.00 75.82  ? 97  GLU A CD  1 
ATOM   822  O  OE1 . GLU A 1 98  ? 7.882   2.255   -16.060 1.00 74.74  ? 97  GLU A OE1 1 
ATOM   823  O  OE2 . GLU A 1 98  ? 7.161   0.198   -15.743 1.00 72.91  ? 97  GLU A OE2 1 
ATOM   824  N  N   . VAL A 1 99  ? 3.294   0.684   -11.760 1.00 37.26  ? 98  VAL A N   1 
ATOM   825  C  CA  . VAL A 1 99  ? 2.567   -0.308  -10.929 1.00 40.68  ? 98  VAL A CA  1 
ATOM   826  C  C   . VAL A 1 99  ? 1.115   0.154   -10.774 1.00 42.90  ? 98  VAL A C   1 
ATOM   827  O  O   . VAL A 1 99  ? 0.194   -0.687  -10.885 1.00 38.65  ? 98  VAL A O   1 
ATOM   828  C  CB  . VAL A 1 99  ? 3.233   -0.557  -9.571  1.00 41.51  ? 98  VAL A CB  1 
ATOM   829  C  CG1 . VAL A 1 99  ? 2.424   -1.519  -8.711  1.00 45.42  ? 98  VAL A CG1 1 
ATOM   830  C  CG2 . VAL A 1 99  ? 4.646   -1.059  -9.762  1.00 47.85  ? 98  VAL A CG2 1 
ATOM   831  N  N   . TYR A 1 100 ? 0.873   1.428   -10.504 1.00 32.27  ? 99  TYR A N   1 
ATOM   832  C  CA  . TYR A 1 100 ? -0.525  1.907   -10.306 1.00 36.87  ? 99  TYR A CA  1 
ATOM   833  C  C   . TYR A 1 100 ? -1.410  1.542   -11.507 1.00 38.69  ? 99  TYR A C   1 
ATOM   834  O  O   . TYR A 1 100 ? -2.538  1.121   -11.316 1.00 40.05  ? 99  TYR A O   1 
ATOM   835  C  CB  . TYR A 1 100 ? -0.524  3.407   -10.038 1.00 32.30  ? 99  TYR A CB  1 
ATOM   836  C  CG  . TYR A 1 100 ? -1.899  3.958   -9.852  1.00 32.54  ? 99  TYR A CG  1 
ATOM   837  C  CD1 . TYR A 1 100 ? -2.554  3.818   -8.650  1.00 33.08  ? 99  TYR A CD1 1 
ATOM   838  C  CD2 . TYR A 1 100 ? -2.492  4.717   -10.837 1.00 29.40  ? 99  TYR A CD2 1 
ATOM   839  C  CE1 . TYR A 1 100 ? -3.790  4.401   -8.450  1.00 32.17  ? 99  TYR A CE1 1 
ATOM   840  C  CE2 . TYR A 1 100 ? -3.755  5.246   -10.671 1.00 34.92  ? 99  TYR A CE2 1 
ATOM   841  C  CZ  . TYR A 1 100 ? -4.397  5.099   -9.461  1.00 36.33  ? 99  TYR A CZ  1 
ATOM   842  O  OH  . TYR A 1 100 ? -5.660  5.604   -9.304  1.00 35.45  ? 99  TYR A OH  1 
ATOM   843  N  N   . GLU A 1 101 ? -0.953  1.842   -12.722 1.00 37.80  ? 100 GLU A N   1 
ATOM   844  C  CA  . GLU A 1 101 ? -1.735  1.724   -13.970 1.00 42.81  ? 100 GLU A CA  1 
ATOM   845  C  C   . GLU A 1 101 ? -2.124  0.264   -14.243 1.00 39.67  ? 100 GLU A C   1 
ATOM   846  O  O   . GLU A 1 101 ? -3.199  0.061   -14.782 1.00 44.14  ? 100 GLU A O   1 
ATOM   847  C  CB  . GLU A 1 101 ? -0.943  2.233   -15.179 1.00 43.65  ? 100 GLU A CB  1 
ATOM   848  C  CG  . GLU A 1 101 ? -0.835  3.715   -15.264 1.00 54.41  ? 100 GLU A CG  1 
ATOM   849  C  CD  . GLU A 1 101 ? -0.840  4.219   -16.696 1.00 63.85  ? 100 GLU A CD  1 
ATOM   850  O  OE1 . GLU A 1 101 ? -0.571  3.412   -17.613 1.00 59.99  ? 100 GLU A OE1 1 
ATOM   851  O  OE2 . GLU A 1 101 ? -1.133  5.412   -16.878 1.00 70.13  ? 100 GLU A OE2 1 
ATOM   852  N  N   . SER A 1 102 ? -1.317  -0.700  -13.833 1.00 43.36  ? 101 SER A N   1 
ATOM   853  C  CA  . SER A 1 102 ? -1.632  -2.124  -14.072 1.00 41.23  ? 101 SER A CA  1 
ATOM   854  C  C   . SER A 1 102 ? -2.295  -2.756  -12.838 1.00 46.80  ? 101 SER A C   1 
ATOM   855  O  O   . SER A 1 102 ? -3.086  -3.658  -13.069 1.00 47.18  ? 101 SER A O   1 
ATOM   856  C  CB  . SER A 1 102 ? -0.439  -2.852  -14.591 1.00 43.47  ? 101 SER A CB  1 
ATOM   857  O  OG  . SER A 1 102 ? 0.394   -3.221  -13.543 1.00 63.15  ? 101 SER A OG  1 
ATOM   858  N  N   . GLU A 1 103 ? -2.101  -2.270  -11.600 1.00 36.21  ? 102 GLU A N   1 
ATOM   859  C  CA  . GLU A 1 103 ? -2.559  -2.975  -10.370 1.00 34.88  ? 102 GLU A CA  1 
ATOM   860  C  C   . GLU A 1 103 ? -3.638  -2.218  -9.620  1.00 36.30  ? 102 GLU A C   1 
ATOM   861  O  O   . GLU A 1 103 ? -4.122  -2.759  -8.609  1.00 41.48  ? 102 GLU A O   1 
ATOM   862  C  CB  . GLU A 1 103 ? -1.405  -3.277  -9.431  1.00 39.13  ? 102 GLU A CB  1 
ATOM   863  C  CG  . GLU A 1 103 ? -0.311  -4.098  -10.078 1.00 41.93  ? 102 GLU A CG  1 
ATOM   864  C  CD  . GLU A 1 103 ? -0.696  -5.511  -10.496 1.00 53.76  ? 102 GLU A CD  1 
ATOM   865  O  OE1 . GLU A 1 103 ? -1.693  -6.066  -9.971  1.00 48.10  ? 102 GLU A OE1 1 
ATOM   866  O  OE2 . GLU A 1 103 ? -0.003  -6.037  -11.372 1.00 57.28  ? 102 GLU A OE2 1 
ATOM   867  N  N   . LYS A 1 104 ? -3.990  -1.015  -10.045 1.00 35.72  ? 103 LYS A N   1 
ATOM   868  C  CA  . LYS A 1 104 ? -4.963  -0.198  -9.278  1.00 37.10  ? 103 LYS A CA  1 
ATOM   869  C  C   . LYS A 1 104 ? -6.281  -0.969  -9.164  1.00 43.72  ? 103 LYS A C   1 
ATOM   870  O  O   . LYS A 1 104 ? -6.598  -1.671  -10.103 1.00 41.88  ? 103 LYS A O   1 
ATOM   871  C  CB  . LYS A 1 104 ? -5.293  1.105   -10.007 1.00 36.33  ? 103 LYS A CB  1 
ATOM   872  C  CG  . LYS A 1 104 ? -5.794  0.989   -11.413 1.00 39.75  ? 103 LYS A CG  1 
ATOM   873  C  CD  . LYS A 1 104 ? -5.795  2.279   -12.182 1.00 43.26  ? 103 LYS A CD  1 
ATOM   874  C  CE  . LYS A 1 104 ? -6.453  2.107   -13.527 1.00 49.15  ? 103 LYS A CE  1 
ATOM   875  N  NZ  . LYS A 1 104 ? -5.574  1.394   -14.492 1.00 61.47  ? 103 LYS A NZ  1 
ATOM   876  N  N   . ASP A 1 105 ? -7.009  -0.803  -8.065  1.00 48.34  ? 104 ASP A N   1 
ATOM   877  C  CA  . ASP A 1 105 ? -8.411  -1.255  -7.903  1.00 45.23  ? 104 ASP A CA  1 
ATOM   878  C  C   . ASP A 1 105 ? -9.360  -0.431  -8.789  1.00 48.69  ? 104 ASP A C   1 
ATOM   879  O  O   . ASP A 1 105 ? -9.004  0.701   -9.272  1.00 43.23  ? 104 ASP A O   1 
ATOM   880  C  CB  . ASP A 1 105 ? -8.773  -1.164  -6.423  1.00 51.39  ? 104 ASP A CB  1 
ATOM   881  C  CG  . ASP A 1 105 ? -9.996  -1.979  -6.040  1.00 50.89  ? 104 ASP A CG  1 
ATOM   882  O  OD1 . ASP A 1 105 ? -9.805  -3.169  -5.651  1.00 55.01  ? 104 ASP A OD1 1 
ATOM   883  O  OD2 . ASP A 1 105 ? -11.097 -1.401  -6.101  1.00 50.82  ? 104 ASP A OD2 1 
ATOM   884  N  N   . GLU A 1 106 ? -10.579 -0.937  -8.993  1.00 47.11  ? 105 GLU A N   1 
ATOM   885  C  CA  . GLU A 1 106 ? -11.627 -0.193  -9.747  1.00 46.07  ? 105 GLU A CA  1 
ATOM   886  C  C   . GLU A 1 106 ? -12.062 1.069   -8.993  1.00 40.24  ? 105 GLU A C   1 
ATOM   887  O  O   . GLU A 1 106 ? -12.524 1.960   -9.683  1.00 49.58  ? 105 GLU A O   1 
ATOM   888  C  CB  . GLU A 1 106 ? -12.869 -1.040  -10.056 1.00 53.80  ? 105 GLU A CB  1 
ATOM   889  C  CG  . GLU A 1 106 ? -12.644 -2.138  -11.088 1.00 64.10  ? 105 GLU A CG  1 
ATOM   890  C  CD  . GLU A 1 106 ? -13.878 -2.631  -11.863 1.00 74.50  ? 105 GLU A CD  1 
ATOM   891  O  OE1 . GLU A 1 106 ? -15.043 -2.319  -11.466 1.00 55.57  ? 105 GLU A OE1 1 
ATOM   892  O  OE2 . GLU A 1 106 ? -13.669 -3.287  -12.921 1.00 70.37  ? 105 GLU A OE2 1 
ATOM   893  N  N   . ASP A 1 107 ? -11.937 1.147   -7.654  1.00 44.21  ? 106 ASP A N   1 
ATOM   894  C  CA  . ASP A 1 107 ? -12.174 2.412   -6.863  1.00 46.00  ? 106 ASP A CA  1 
ATOM   895  C  C   . ASP A 1 107 ? -11.063 3.468   -7.075  1.00 49.58  ? 106 ASP A C   1 
ATOM   896  O  O   . ASP A 1 107 ? -11.344 4.695   -6.864  1.00 49.19  ? 106 ASP A O   1 
ATOM   897  C  CB  . ASP A 1 107 ? -12.375 2.141   -5.371  1.00 45.67  ? 106 ASP A CB  1 
ATOM   898  C  CG  . ASP A 1 107 ? -11.173 1.630   -4.604  1.00 49.13  ? 106 ASP A CG  1 
ATOM   899  O  OD1 . ASP A 1 107 ? -10.070 1.570   -5.188  1.00 43.58  ? 106 ASP A OD1 1 
ATOM   900  O  OD2 . ASP A 1 107 ? -11.351 1.300   -3.400  1.00 50.21  ? 106 ASP A OD2 1 
ATOM   901  N  N   . GLY A 1 108 ? -9.862  3.037   -7.486  1.00 46.63  ? 107 GLY A N   1 
ATOM   902  C  CA  . GLY A 1 108 ? -8.754  3.921   -7.913  1.00 44.20  ? 107 GLY A CA  1 
ATOM   903  C  C   . GLY A 1 108 ? -7.601  3.963   -6.919  1.00 38.43  ? 107 GLY A C   1 
ATOM   904  O  O   . GLY A 1 108 ? -6.593  4.628   -7.222  1.00 38.15  ? 107 GLY A O   1 
ATOM   905  N  N   . PHE A 1 109 ? -7.727  3.282   -5.780  1.00 36.54  ? 108 PHE A N   1 
ATOM   906  C  CA  . PHE A 1 109 ? -6.637  3.043   -4.804  1.00 38.16  ? 108 PHE A CA  1 
ATOM   907  C  C   . PHE A 1 109 ? -5.759  1.897   -5.306  1.00 43.92  ? 108 PHE A C   1 
ATOM   908  O  O   . PHE A 1 109 ? -6.245  1.053   -6.082  1.00 38.32  ? 108 PHE A O   1 
ATOM   909  C  CB  . PHE A 1 109 ? -7.205  2.765   -3.400  1.00 42.74  ? 108 PHE A CB  1 
ATOM   910  C  CG  . PHE A 1 109 ? -7.659  3.997   -2.661  1.00 46.81  ? 108 PHE A CG  1 
ATOM   911  C  CD1 . PHE A 1 109 ? -6.732  4.924   -2.214  1.00 41.04  ? 108 PHE A CD1 1 
ATOM   912  C  CD2 . PHE A 1 109 ? -9.007  4.252   -2.433  1.00 47.26  ? 108 PHE A CD2 1 
ATOM   913  C  CE1 . PHE A 1 109 ? -7.152  6.084   -1.571  1.00 42.33  ? 108 PHE A CE1 1 
ATOM   914  C  CE2 . PHE A 1 109 ? -9.416  5.409   -1.782  1.00 50.15  ? 108 PHE A CE2 1 
ATOM   915  C  CZ  . PHE A 1 109 ? -8.483  6.332   -1.363  1.00 43.74  ? 108 PHE A CZ  1 
ATOM   916  N  N   . LEU A 1 110 ? -4.498  1.894   -4.881  1.00 38.00  ? 109 LEU A N   1 
ATOM   917  C  CA  . LEU A 1 110 ? -3.582  0.732   -4.986  1.00 43.34  ? 109 LEU A CA  1 
ATOM   918  C  C   . LEU A 1 110 ? -3.503  0.081   -3.591  1.00 39.67  ? 109 LEU A C   1 
ATOM   919  O  O   . LEU A 1 110 ? -3.045  0.745   -2.658  1.00 40.81  ? 109 LEU A O   1 
ATOM   920  C  CB  . LEU A 1 110 ? -2.222  1.253   -5.467  1.00 39.07  ? 109 LEU A CB  1 
ATOM   921  C  CG  . LEU A 1 110 ? -1.162  0.224   -5.843  1.00 43.55  ? 109 LEU A CG  1 
ATOM   922  C  CD1 . LEU A 1 110 ? -1.665  -0.753  -6.937  1.00 38.46  ? 109 LEU A CD1 1 
ATOM   923  C  CD2 . LEU A 1 110 ? 0.095   0.990   -6.284  1.00 42.28  ? 109 LEU A CD2 1 
ATOM   924  N  N   . TYR A 1 111 ? -3.896  -1.183  -3.486  1.00 39.17  ? 110 TYR A N   1 
ATOM   925  C  CA  . TYR A 1 111 ? -4.099  -1.965  -2.239  1.00 41.63  ? 110 TYR A CA  1 
ATOM   926  C  C   . TYR A 1 111 ? -2.854  -2.839  -2.017  1.00 41.03  ? 110 TYR A C   1 
ATOM   927  O  O   . TYR A 1 111 ? -2.329  -3.489  -2.934  1.00 40.42  ? 110 TYR A O   1 
ATOM   928  C  CB  . TYR A 1 111 ? -5.428  -2.750  -2.291  1.00 43.17  ? 110 TYR A CB  1 
ATOM   929  C  CG  . TYR A 1 111 ? -6.678  -1.903  -2.117  1.00 36.86  ? 110 TYR A CG  1 
ATOM   930  C  CD1 . TYR A 1 111 ? -7.313  -1.336  -3.200  1.00 37.05  ? 110 TYR A CD1 1 
ATOM   931  C  CD2 . TYR A 1 111 ? -7.248  -1.694  -0.868  1.00 39.24  ? 110 TYR A CD2 1 
ATOM   932  C  CE1 . TYR A 1 111 ? -8.423  -0.510  -3.042  1.00 35.18  ? 110 TYR A CE1 1 
ATOM   933  C  CE2 . TYR A 1 111 ? -8.387  -0.911  -0.704  1.00 37.49  ? 110 TYR A CE2 1 
ATOM   934  C  CZ  . TYR A 1 111 ? -8.989  -0.331  -1.801  1.00 34.43  ? 110 TYR A CZ  1 
ATOM   935  O  OH  . TYR A 1 111 ? -10.084 0.487   -1.638  1.00 41.92  ? 110 TYR A OH  1 
ATOM   936  N  N   . MET A 1 112 ? -2.277  -2.691  -0.839  1.00 37.85  ? 111 MET A N   1 
ATOM   937  C  CA  . MET A 1 112 ? -1.094  -3.442  -0.390  1.00 45.08  ? 111 MET A CA  1 
ATOM   938  C  C   . MET A 1 112 ? -1.358  -4.020  1.001   1.00 42.15  ? 111 MET A C   1 
ATOM   939  O  O   . MET A 1 112 ? -2.135  -3.426  1.805   1.00 44.27  ? 111 MET A O   1 
ATOM   940  C  CB  . MET A 1 112 ? 0.121   -2.515  -0.339  1.00 44.56  ? 111 MET A CB  1 
ATOM   941  C  CG  . MET A 1 112 ? 0.355   -1.833  -1.674  1.00 48.02  ? 111 MET A CG  1 
ATOM   942  S  SD  . MET A 1 112 ? 1.967   -1.106  -1.754  1.00 45.73  ? 111 MET A SD  1 
ATOM   943  C  CE  . MET A 1 112 ? 1.844   -0.399  -3.395  1.00 48.61  ? 111 MET A CE  1 
ATOM   944  N  N   A VAL A 1 113 ? -0.690  -5.133  1.286   0.41 43.67  ? 112 VAL A N   1 
ATOM   945  N  N   B VAL A 1 113 ? -0.776  -5.188  1.279   0.10 43.88  ? 112 VAL A N   1 
ATOM   946  C  CA  A VAL A 1 113 ? -0.796  -5.895  2.564   0.41 47.70  ? 112 VAL A CA  1 
ATOM   947  C  CA  B VAL A 1 113 ? -0.818  -5.837  2.624   0.10 45.08  ? 112 VAL A CA  1 
ATOM   948  C  C   A VAL A 1 113 ? 0.606   -6.387  2.913   0.41 46.40  ? 112 VAL A C   1 
ATOM   949  C  C   B VAL A 1 113 ? 0.572   -6.400  2.923   0.10 46.23  ? 112 VAL A C   1 
ATOM   950  O  O   A VAL A 1 113 ? 1.307   -6.819  1.994   0.41 44.80  ? 112 VAL A O   1 
ATOM   951  O  O   B VAL A 1 113 ? 1.221   -6.904  1.988   0.10 45.97  ? 112 VAL A O   1 
ATOM   952  C  CB  A VAL A 1 113 ? -1.795  -7.064  2.431   0.41 50.64  ? 112 VAL A CB  1 
ATOM   953  C  CB  B VAL A 1 113 ? -1.912  -6.920  2.730   0.10 44.90  ? 112 VAL A CB  1 
ATOM   954  C  CG1 A VAL A 1 113 ? -1.852  -7.905  3.696   0.41 52.63  ? 112 VAL A CG1 1 
ATOM   955  C  CG1 B VAL A 1 113 ? -3.307  -6.330  2.594   0.10 44.57  ? 112 VAL A CG1 1 
ATOM   956  C  CG2 A VAL A 1 113 ? -3.180  -6.571  2.043   0.41 50.09  ? 112 VAL A CG2 1 
ATOM   957  C  CG2 B VAL A 1 113 ? -1.706  -8.050  1.734   0.10 44.15  ? 112 VAL A CG2 1 
ATOM   958  N  N   . TYR A 1 114 ? 0.995   -6.298  4.186   1.00 48.52  ? 113 TYR A N   1 
ATOM   959  C  CA  . TYR A 1 114 ? 2.339   -6.700  4.647   1.00 50.82  ? 113 TYR A CA  1 
ATOM   960  C  C   . TYR A 1 114 ? 2.202   -7.789  5.709   1.00 54.73  ? 113 TYR A C   1 
ATOM   961  O  O   . TYR A 1 114 ? 1.203   -7.795  6.487   1.00 57.10  ? 113 TYR A O   1 
ATOM   962  C  CB  . TYR A 1 114 ? 3.105   -5.479  5.175   1.00 49.38  ? 113 TYR A CB  1 
ATOM   963  C  CG  . TYR A 1 114 ? 2.554   -4.790  6.396   1.00 44.52  ? 113 TYR A CG  1 
ATOM   964  C  CD1 . TYR A 1 114 ? 1.715   -3.698  6.297   1.00 44.51  ? 113 TYR A CD1 1 
ATOM   965  C  CD2 . TYR A 1 114 ? 2.915   -5.202  7.672   1.00 45.61  ? 113 TYR A CD2 1 
ATOM   966  C  CE1 . TYR A 1 114 ? 1.244   -3.047  7.427   1.00 50.68  ? 113 TYR A CE1 1 
ATOM   967  C  CE2 . TYR A 1 114 ? 2.474   -4.548  8.815   1.00 41.09  ? 113 TYR A CE2 1 
ATOM   968  C  CZ  . TYR A 1 114 ? 1.629   -3.471  8.694   1.00 50.04  ? 113 TYR A CZ  1 
ATOM   969  O  OH  . TYR A 1 114 ? 1.184   -2.831  9.812   1.00 53.14  ? 113 TYR A OH  1 
ATOM   970  N  N   . ALA A 1 115 ? 3.224   -8.635  5.753   1.00 50.13  ? 114 ALA A N   1 
ATOM   971  C  CA  . ALA A 1 115 ? 3.374   -9.732  6.737   1.00 65.17  ? 114 ALA A CA  1 
ATOM   972  C  C   . ALA A 1 115 ? 4.853   -10.089 6.917   1.00 61.40  ? 114 ALA A C   1 
ATOM   973  O  O   . ALA A 1 115 ? 5.652   -9.731  6.023   1.00 59.58  ? 114 ALA A O   1 
ATOM   974  C  CB  . ALA A 1 115 ? 2.582   -10.927 6.256   1.00 66.57  ? 114 ALA A CB  1 
ATOM   975  N  N   . SER A 1 116 ? 5.172   -10.819 7.999   1.00 68.81  ? 115 SER A N   1 
ATOM   976  C  CA  . SER A 1 116 ? 6.528   -11.349 8.333   1.00 67.82  ? 115 SER A CA  1 
ATOM   977  C  C   . SER A 1 116 ? 6.790   -12.662 7.595   1.00 73.72  ? 115 SER A C   1 
ATOM   978  O  O   . SER A 1 116 ? 7.981   -13.050 7.535   1.00 78.89  ? 115 SER A O   1 
ATOM   979  C  CB  . SER A 1 116 ? 6.743   -11.514 9.826   1.00 67.83  ? 115 SER A CB  1 
ATOM   980  O  OG  . SER A 1 116 ? 5.556   -11.238 10.548  1.00 66.80  ? 115 SER A OG  1 
ATOM   981  N  N   . GLN A 1 117 ? 5.744   -13.304 7.050   1.00 63.15  ? 116 GLN A N   1 
ATOM   982  C  CA  . GLN A 1 117 ? 5.867   -14.561 6.263   1.00 71.89  ? 116 GLN A CA  1 
ATOM   983  C  C   . GLN A 1 117 ? 5.472   -14.277 4.808   1.00 77.43  ? 116 GLN A C   1 
ATOM   984  O  O   . GLN A 1 117 ? 4.440   -13.605 4.610   1.00 82.95  ? 116 GLN A O   1 
ATOM   985  C  CB  . GLN A 1 117 ? 4.969   -15.662 6.835   1.00 68.38  ? 116 GLN A CB  1 
ATOM   986  N  N   . GLU A 1 118 ? 6.247   -14.784 3.843   1.00 75.64  ? 117 GLU A N   1 
ATOM   987  C  CA  . GLU A 1 118 ? 5.830   -14.929 2.419   1.00 90.07  ? 117 GLU A CA  1 
ATOM   988  C  C   . GLU A 1 118 ? 4.488   -15.670 2.318   1.00 101.37 ? 117 GLU A C   1 
ATOM   989  O  O   . GLU A 1 118 ? 3.688   -15.311 1.436   1.00 108.28 ? 117 GLU A O   1 
ATOM   990  C  CB  . GLU A 1 118 ? 6.859   -15.723 1.618   1.00 93.10  ? 117 GLU A CB  1 
ATOM   991  C  CG  . GLU A 1 118 ? 7.657   -14.867 0.661   1.00 100.93 ? 117 GLU A CG  1 
ATOM   992  C  CD  . GLU A 1 118 ? 8.717   -15.631 -0.114  1.00 114.32 ? 117 GLU A CD  1 
ATOM   993  O  OE1 . GLU A 1 118 ? 9.366   -16.512 0.491   1.00 119.11 ? 117 GLU A OE1 1 
ATOM   994  O  OE2 . GLU A 1 118 ? 8.887   -15.348 -1.322  1.00 115.53 ? 117 GLU A OE2 1 
ATOM   995  N  N   . THR A 1 119 ? 4.288   -16.707 3.139   1.00 113.73 ? 118 THR A N   1 
ATOM   996  C  CA  . THR A 1 119 ? 2.998   -17.432 3.306   1.00 119.67 ? 118 THR A CA  1 
ATOM   997  C  C   . THR A 1 119 ? 2.051   -16.559 4.148   1.00 120.53 ? 118 THR A C   1 
ATOM   998  O  O   . THR A 1 119 ? 2.162   -16.601 5.397   1.00 142.95 ? 118 THR A O   1 
ATOM   999  C  CB  . THR A 1 119 ? 3.235   -18.823 3.916   1.00 107.96 ? 118 THR A CB  1 
ATOM   1000 N  N   . PHE A 1 120 ? 1.185   -15.775 3.488   1.00 117.69 ? 119 PHE A N   1 
ATOM   1001 C  CA  . PHE A 1 120 ? 0.136   -14.919 4.110   1.00 118.42 ? 119 PHE A CA  1 
ATOM   1002 C  C   . PHE A 1 120 ? -1.059  -15.805 4.471   1.00 128.31 ? 119 PHE A C   1 
ATOM   1003 O  O   . PHE A 1 120 ? -1.927  -16.042 3.625   1.00 131.49 ? 119 PHE A O   1 
ATOM   1004 C  CB  . PHE A 1 120 ? -0.307  -13.788 3.171   1.00 116.06 ? 119 PHE A CB  1 
ATOM   1005 C  CG  . PHE A 1 120 ? 0.656   -12.630 3.061   1.00 118.08 ? 119 PHE A CG  1 
ATOM   1006 C  CD1 . PHE A 1 120 ? 1.930   -12.818 2.536   1.00 111.97 ? 119 PHE A CD1 1 
ATOM   1007 C  CD2 . PHE A 1 120 ? 0.292   -11.347 3.457   1.00 110.45 ? 119 PHE A CD2 1 
ATOM   1008 C  CE1 . PHE A 1 120 ? 2.822   -11.760 2.426   1.00 103.88 ? 119 PHE A CE1 1 
ATOM   1009 C  CE2 . PHE A 1 120 ? 1.186   -10.289 3.346   1.00 104.42 ? 119 PHE A CE2 1 
ATOM   1010 C  CZ  . PHE A 1 120 ? 2.451   -10.499 2.837   1.00 106.20 ? 119 PHE A CZ  1 
HETATM 1011 N  N1  . K96 B 2 .   ? 2.418   11.825  2.778   0.66 67.44  ? 201 K96 A N1  1 
HETATM 1012 C  C4  . K96 B 2 .   ? 2.821   14.806  2.538   0.66 62.74  ? 201 K96 A C4  1 
HETATM 1013 C  C5  . K96 B 2 .   ? 2.488   16.219  2.175   0.66 61.47  ? 201 K96 A C5  1 
HETATM 1014 C  C6  . K96 B 2 .   ? 1.277   16.147  1.318   0.66 61.65  ? 201 K96 A C6  1 
HETATM 1015 C  C7  . K96 B 2 .   ? 3.643   8.528   3.656   0.66 72.40  ? 201 K96 A C7  1 
HETATM 1016 C  C8  . K96 B 2 .   ? 4.104   7.443   2.705   0.66 72.68  ? 201 K96 A C8  1 
HETATM 1017 C  C10 . K96 B 2 .   ? 4.656   10.157  2.194   0.66 70.92  ? 201 K96 A C10 1 
HETATM 1018 C  C1  . K96 B 2 .   ? 2.290   10.504  2.951   0.66 66.12  ? 201 K96 A C1  1 
HETATM 1019 C  C2  . K96 B 2 .   ? 1.338   12.717  2.396   0.66 63.83  ? 201 K96 A C2  1 
HETATM 1020 C  C3  . K96 B 2 .   ? 1.861   13.969  1.708   0.66 63.16  ? 201 K96 A C3  1 
HETATM 1021 C  C9  . K96 B 2 .   ? 5.058   9.024   1.280   0.66 74.81  ? 201 K96 A C9  1 
HETATM 1022 N  N2  . K96 B 2 .   ? 3.460   9.778   2.937   0.66 69.21  ? 201 K96 A N2  1 
HETATM 1023 O  O1  . K96 B 2 .   ? 1.194   9.960   3.128   0.66 60.08  ? 201 K96 A O1  1 
HETATM 1024 O  O2  . K96 B 2 .   ? 0.774   14.824  1.406   0.66 58.25  ? 201 K96 A O2  1 
HETATM 1025 O  O3  . K96 B 2 .   ? 5.283   7.817   2.002   0.66 72.07  ? 201 K96 A O3  1 
HETATM 1026 C  C1  . EDO C 3 .   ? 3.671   -12.320 -9.415  1.00 86.59  ? 202 EDO A C1  1 
HETATM 1027 O  O1  . EDO C 3 .   ? 2.486   -12.779 -8.761  1.00 92.29  ? 202 EDO A O1  1 
HETATM 1028 C  C2  . EDO C 3 .   ? 4.804   -13.286 -9.364  1.00 84.32  ? 202 EDO A C2  1 
HETATM 1029 O  O2  . EDO C 3 .   ? 4.963   -14.093 -10.528 1.00 64.44  ? 202 EDO A O2  1 
HETATM 1030 C  C1  . EDO D 3 .   ? -13.520 -4.165  -5.954  1.00 71.49  ? 203 EDO A C1  1 
HETATM 1031 O  O1  . EDO D 3 .   ? -13.648 -4.783  -4.689  1.00 63.91  ? 203 EDO A O1  1 
HETATM 1032 C  C2  . EDO D 3 .   ? -14.161 -2.833  -6.063  1.00 77.56  ? 203 EDO A C2  1 
HETATM 1033 O  O2  . EDO D 3 .   ? -13.815 -1.987  -4.989  1.00 78.86  ? 203 EDO A O2  1 
HETATM 1034 C  C1  . EDO E 3 .   ? 17.664  -1.499  4.378   1.00 71.83  ? 204 EDO A C1  1 
HETATM 1035 O  O1  . EDO E 3 .   ? 18.388  -1.044  3.238   1.00 65.78  ? 204 EDO A O1  1 
HETATM 1036 C  C2  . EDO E 3 .   ? 16.230  -1.113  4.316   1.00 62.41  ? 204 EDO A C2  1 
HETATM 1037 O  O2  . EDO E 3 .   ? 15.383  -2.202  4.095   1.00 78.23  ? 204 EDO A O2  1 
HETATM 1038 C  C1  . EDO F 3 .   ? 14.264  -4.099  -1.324  1.00 73.57  ? 205 EDO A C1  1 
HETATM 1039 O  O1  . EDO F 3 .   ? 13.200  -5.019  -1.464  1.00 80.10  ? 205 EDO A O1  1 
HETATM 1040 C  C2  . EDO F 3 .   ? 13.867  -2.846  -0.617  1.00 68.22  ? 205 EDO A C2  1 
HETATM 1041 O  O2  . EDO F 3 .   ? 14.126  -2.849  0.773   1.00 81.98  ? 205 EDO A O2  1 
HETATM 1042 C  C1  . EDO G 3 .   ? -6.557  -7.041  5.386   1.00 98.16  ? 206 EDO A C1  1 
HETATM 1043 O  O1  . EDO G 3 .   ? -6.756  -6.809  4.013   1.00 87.24  ? 206 EDO A O1  1 
HETATM 1044 C  C2  . EDO G 3 .   ? -5.484  -8.038  5.641   1.00 106.52 ? 206 EDO A C2  1 
HETATM 1045 O  O2  . EDO G 3 .   ? -5.769  -9.364  5.199   1.00 102.06 ? 206 EDO A O2  1 
HETATM 1046 C  C1  . EDO H 3 .   ? -11.519 7.619   1.744   1.00 90.95  ? 207 EDO A C1  1 
HETATM 1047 O  O1  . EDO H 3 .   ? -12.484 8.057   0.823   1.00 91.35  ? 207 EDO A O1  1 
HETATM 1048 C  C2  . EDO H 3 .   ? -11.366 8.525   2.922   1.00 98.10  ? 207 EDO A C2  1 
HETATM 1049 O  O2  . EDO H 3 .   ? -10.419 8.072   3.889   1.00 101.14 ? 207 EDO A O2  1 
HETATM 1050 C  C1  . EDO I 3 .   ? -9.265  -9.374  -2.922  1.00 103.56 ? 208 EDO A C1  1 
HETATM 1051 O  O1  . EDO I 3 .   ? -10.058 -9.519  -1.751  1.00 86.44  ? 208 EDO A O1  1 
HETATM 1052 C  C2  . EDO I 3 .   ? -7.908  -9.988  -2.820  1.00 100.86 ? 208 EDO A C2  1 
HETATM 1053 O  O2  . EDO I 3 .   ? -7.538  -10.766 -3.956  1.00 84.70  ? 208 EDO A O2  1 
HETATM 1054 C  C1  . EDO J 3 .   ? 3.774   -5.249  -9.040  1.00 77.39  ? 209 EDO A C1  1 
HETATM 1055 O  O1  . EDO J 3 .   ? 3.652   -6.553  -9.582  1.00 74.65  ? 209 EDO A O1  1 
HETATM 1056 C  C2  . EDO J 3 .   ? 5.127   -4.942  -8.473  1.00 83.72  ? 209 EDO A C2  1 
HETATM 1057 O  O2  . EDO J 3 .   ? 6.138   -4.489  -9.382  1.00 77.80  ? 209 EDO A O2  1 
HETATM 1058 CL CL  . CL  K 4 .   ? 1.076   16.823  -5.764  1.00 42.83  ? 210 CL  A CL  1 
HETATM 1059 O  O   . HOH L 5 .   ? -11.614 -5.120  3.601   1.00 66.01  ? 301 HOH A O   1 
HETATM 1060 O  O   . HOH L 5 .   ? 6.100   -1.610  -15.970 1.00 75.46  ? 302 HOH A O   1 
HETATM 1061 O  O   . HOH L 5 .   ? -3.555  -7.817  10.874  1.00 69.10  ? 303 HOH A O   1 
HETATM 1062 O  O   . HOH L 5 .   ? 14.106  3.904   16.381  1.00 63.82  ? 304 HOH A O   1 
HETATM 1063 O  O   . HOH L 5 .   ? 18.617  -2.973  1.853   1.00 85.27  ? 305 HOH A O   1 
HETATM 1064 O  O   . HOH L 5 .   ? -11.097 -7.317  -1.914  1.00 75.12  ? 306 HOH A O   1 
HETATM 1065 O  O   . HOH L 5 .   ? -2.657  -9.670  12.434  1.00 94.63  ? 307 HOH A O   1 
HETATM 1066 O  O   . HOH L 5 .   ? 0.827   -2.539  16.230  1.00 87.13  ? 308 HOH A O   1 
HETATM 1067 O  O   . HOH L 5 .   ? -7.638  -7.319  -7.970  1.00 48.48  ? 309 HOH A O   1 
HETATM 1068 O  O   . HOH L 5 .   ? -9.193  -5.676  -2.360  1.00 65.55  ? 310 HOH A O   1 
HETATM 1069 O  O   . HOH L 5 .   ? 5.845   -9.121  -2.744  1.00 47.26  ? 311 HOH A O   1 
HETATM 1070 O  O   . HOH L 5 .   ? 3.333   3.364   12.116  1.00 68.09  ? 312 HOH A O   1 
HETATM 1071 O  O   . HOH L 5 .   ? -14.925 10.318  -0.072  1.00 59.59  ? 313 HOH A O   1 
HETATM 1072 O  O   . HOH L 5 .   ? -9.250  -2.928  2.398   1.00 53.26  ? 314 HOH A O   1 
HETATM 1073 O  O   . HOH L 5 .   ? -2.558  0.363   7.924   1.00 59.71  ? 315 HOH A O   1 
HETATM 1074 O  O   . HOH L 5 .   ? 6.640   -14.452 -4.375  1.00 85.91  ? 316 HOH A O   1 
HETATM 1075 O  O   . HOH L 5 .   ? 8.799   -18.797 -0.649  1.00 87.32  ? 317 HOH A O   1 
HETATM 1076 O  O   . HOH L 5 .   ? 0.846   16.911  -2.728  1.00 45.41  ? 318 HOH A O   1 
HETATM 1077 O  O   . HOH L 5 .   ? -5.959  -12.074 -2.295  1.00 80.07  ? 319 HOH A O   1 
HETATM 1078 O  O   . HOH L 5 .   ? -10.660 5.640   6.407   1.00 67.02  ? 320 HOH A O   1 
HETATM 1079 O  O   . HOH L 5 .   ? -15.558 0.167   -12.268 1.00 73.05  ? 321 HOH A O   1 
HETATM 1080 O  O   . HOH L 5 .   ? 7.072   7.829   -12.489 1.00 69.95  ? 322 HOH A O   1 
HETATM 1081 O  O   . HOH L 5 .   ? 6.460   12.585  -8.474  1.00 51.16  ? 323 HOH A O   1 
HETATM 1082 O  O   . HOH L 5 .   ? -23.513 4.522   -2.414  1.00 93.91  ? 324 HOH A O   1 
HETATM 1083 O  O   . HOH L 5 .   ? 15.673  1.603   -3.235  1.00 52.92  ? 325 HOH A O   1 
HETATM 1084 O  O   . HOH L 5 .   ? -4.823  -3.259  1.561   1.00 52.07  ? 326 HOH A O   1 
HETATM 1085 O  O   . HOH L 5 .   ? -3.039  11.923  -10.175 1.00 37.98  ? 327 HOH A O   1 
HETATM 1086 O  O   . HOH L 5 .   ? 8.789   6.287   6.277   1.00 45.21  ? 328 HOH A O   1 
HETATM 1087 O  O   . HOH L 5 .   ? -4.881  -2.587  -6.005  1.00 41.17  ? 329 HOH A O   1 
HETATM 1088 O  O   . HOH L 5 .   ? -5.649  -2.892  -12.537 1.00 61.98  ? 330 HOH A O   1 
HETATM 1089 O  O   . HOH L 5 .   ? 7.452   -13.278 -2.381  1.00 71.78  ? 331 HOH A O   1 
HETATM 1090 O  O   . HOH L 5 .   ? -3.343  11.757  -7.266  1.00 42.15  ? 332 HOH A O   1 
HETATM 1091 O  O   . HOH L 5 .   ? 1.708   1.890   -17.660 1.00 71.00  ? 333 HOH A O   1 
HETATM 1092 O  O   . HOH L 5 .   ? -6.858  -4.427  -5.541  1.00 46.71  ? 334 HOH A O   1 
HETATM 1093 O  O   . HOH L 5 .   ? -5.531  8.378   -9.368  1.00 49.19  ? 335 HOH A O   1 
HETATM 1094 O  O   . HOH L 5 .   ? 15.991  2.683   5.824   1.00 35.61  ? 336 HOH A O   1 
HETATM 1095 O  O   . HOH L 5 .   ? 2.065   -0.110  -16.317 1.00 68.24  ? 337 HOH A O   1 
HETATM 1096 O  O   . HOH L 5 .   ? 8.629   -16.217 4.011   1.00 81.48  ? 338 HOH A O   1 
HETATM 1097 O  O   . HOH L 5 .   ? -10.311 13.746  -10.252 1.00 64.81  ? 339 HOH A O   1 
HETATM 1098 O  O   . HOH L 5 .   ? 13.516  -7.951  -9.912  1.00 64.60  ? 340 HOH A O   1 
HETATM 1099 O  O   . HOH L 5 .   ? -5.635  3.449   10.468  1.00 74.27  ? 341 HOH A O   1 
HETATM 1100 O  O   . HOH L 5 .   ? 11.781  -9.662  4.374   1.00 60.27  ? 342 HOH A O   1 
HETATM 1101 O  O   . HOH L 5 .   ? -5.497  -0.094  7.722   1.00 94.45  ? 343 HOH A O   1 
HETATM 1102 O  O   . HOH L 5 .   ? -11.172 6.196   -10.480 1.00 60.99  ? 344 HOH A O   1 
HETATM 1103 O  O   . HOH L 5 .   ? -6.937  -8.253  -5.182  1.00 56.03  ? 345 HOH A O   1 
HETATM 1104 O  O   . HOH L 5 .   ? 5.325   13.428  -6.009  1.00 49.20  ? 346 HOH A O   1 
HETATM 1105 O  O   . HOH L 5 .   ? -1.652  -1.211  9.564   1.00 56.10  ? 347 HOH A O   1 
HETATM 1106 O  O   . HOH L 5 .   ? 0.107   7.275   -15.015 1.00 53.33  ? 348 HOH A O   1 
HETATM 1107 O  O   . HOH L 5 .   ? 12.786  5.153   -6.014  1.00 41.31  ? 349 HOH A O   1 
HETATM 1108 O  O   . HOH L 5 .   ? -6.831  -1.246  -14.284 1.00 63.14  ? 350 HOH A O   1 
HETATM 1109 O  O   . HOH L 5 .   ? -5.678  9.901   -6.936  1.00 44.50  ? 351 HOH A O   1 
HETATM 1110 O  O   . HOH L 5 .   ? 13.891  1.334   10.232  1.00 57.53  ? 352 HOH A O   1 
HETATM 1111 O  O   . HOH L 5 .   ? -2.518  -6.647  -1.515  1.00 46.37  ? 353 HOH A O   1 
HETATM 1112 O  O   . HOH L 5 .   ? 7.188   10.663  -12.370 1.00 43.93  ? 354 HOH A O   1 
HETATM 1113 O  O   . HOH L 5 .   ? -16.626 11.458  3.884   1.00 66.39  ? 355 HOH A O   1 
HETATM 1114 O  O   . HOH L 5 .   ? -5.643  15.419  -11.756 1.00 45.50  ? 356 HOH A O   1 
HETATM 1115 O  O   . HOH L 5 .   ? 13.898  -0.676  16.268  1.00 83.71  ? 357 HOH A O   1 
HETATM 1116 O  O   . HOH L 5 .   ? -10.600 -3.981  -9.026  1.00 58.71  ? 358 HOH A O   1 
HETATM 1117 O  O   . HOH L 5 .   ? 4.924   7.014   11.648  1.00 70.35  ? 359 HOH A O   1 
HETATM 1118 O  O   . HOH L 5 .   ? 6.516   13.592  -10.112 1.00 65.33  ? 360 HOH A O   1 
HETATM 1119 O  O   . HOH L 5 .   ? -6.304  -6.501  -11.287 1.00 50.76  ? 361 HOH A O   1 
HETATM 1120 O  O   . HOH L 5 .   ? 12.732  -7.485  -7.504  1.00 75.75  ? 362 HOH A O   1 
HETATM 1121 O  O   . HOH L 5 .   ? -11.471 7.053   -8.920  1.00 60.65  ? 363 HOH A O   1 
HETATM 1122 O  O   . HOH L 5 .   ? 3.952   1.498   13.007  1.00 85.05  ? 364 HOH A O   1 
HETATM 1123 O  O   . HOH L 5 .   ? 9.472   -9.675  11.436  1.00 87.62  ? 365 HOH A O   1 
HETATM 1124 O  O   . HOH L 5 .   ? 12.203  12.661  -4.491  1.00 72.36  ? 366 HOH A O   1 
HETATM 1125 O  O   . HOH L 5 .   ? 11.870  -6.159  3.709   1.00 50.40  ? 367 HOH A O   1 
HETATM 1126 O  O   . HOH L 5 .   ? -6.416  5.513   9.196   1.00 86.17  ? 368 HOH A O   1 
HETATM 1127 O  O   . HOH L 5 .   ? 8.069   -7.824  -0.731  1.00 56.37  ? 369 HOH A O   1 
HETATM 1128 O  O   . HOH L 5 .   ? 9.174   -7.270  0.466   1.00 74.32  ? 370 HOH A O   1 
HETATM 1129 O  O   . HOH L 5 .   ? -15.932 11.275  6.407   1.00 95.84  ? 371 HOH A O   1 
HETATM 1130 O  O   . HOH L 5 .   ? -5.724  6.777   7.017   1.00 46.12  ? 372 HOH A O   1 
HETATM 1131 O  O   . HOH L 5 .   ? -4.230  -2.354  9.115   1.00 61.25  ? 373 HOH A O   1 
HETATM 1132 O  O   . HOH L 5 .   ? 2.903   -13.787 11.470  1.00 70.26  ? 374 HOH A O   1 
HETATM 1133 O  O   . HOH L 5 .   ? -4.575  2.186   11.797  1.00 65.60  ? 375 HOH A O   1 
HETATM 1134 O  O   . HOH L 5 .   ? 3.569   -14.418 9.507   1.00 86.43  ? 376 HOH A O   1 
HETATM 1135 O  O   . HOH L 5 .   ? -7.596  -4.992  -10.219 1.00 64.55  ? 377 HOH A O   1 
HETATM 1136 O  O   . HOH L 5 .   ? 16.419  -2.055  -6.430  1.00 89.55  ? 378 HOH A O   1 
HETATM 1137 O  O   . HOH L 5 .   ? 10.376  -12.141 11.329  1.00 66.16  ? 379 HOH A O   1 
HETATM 1138 O  O   . HOH L 5 .   ? -1.266  20.948  -5.690  1.00 53.64  ? 380 HOH A O   1 
HETATM 1139 O  O   . HOH L 5 .   ? -5.200  -6.713  -1.315  1.00 60.34  ? 381 HOH A O   1 
HETATM 1140 O  O   . HOH L 5 .   ? 9.604   12.369  -2.637  1.00 58.22  ? 382 HOH A O   1 
HETATM 1141 O  O   . HOH L 5 .   ? -8.164  5.998   6.503   1.00 78.05  ? 383 HOH A O   1 
HETATM 1142 O  O   . HOH L 5 .   ? -5.876  -5.461  0.693   1.00 62.28  ? 384 HOH A O   1 
HETATM 1143 O  O   . HOH L 5 .   ? -10.788 19.549  1.675   1.00 58.93  ? 385 HOH A O   1 
HETATM 1144 O  O   . HOH L 5 .   ? -5.074  9.062   6.577   1.00 73.90  ? 386 HOH A O   1 
HETATM 1145 O  O   . HOH L 5 .   ? -9.058  -4.737  0.650   1.00 63.50  ? 387 HOH A O   1 
HETATM 1146 O  O   . HOH L 5 .   ? -6.708  -5.993  -3.344  1.00 65.04  ? 388 HOH A O   1 
HETATM 1147 O  O   . HOH L 5 .   ? -5.793  -9.614  -0.386  1.00 71.28  ? 389 HOH A O   1 
HETATM 1148 O  O   . HOH L 5 .   ? 14.410  -7.961  -4.186  1.00 87.36  ? 390 HOH A O   1 
HETATM 1149 O  O   . HOH L 5 .   ? -15.846 4.796   -10.936 1.00 63.08  ? 391 HOH A O   1 
# 
